data_5E0Z
# 
_entry.id   5E0Z 
# 
_audit_conform.dict_name       mmcif_pdbx.dic 
_audit_conform.dict_version    5.387 
_audit_conform.dict_location   http://mmcif.pdb.org/dictionaries/ascii/mmcif_pdbx.dic 
# 
loop_
_database_2.database_id 
_database_2.database_code 
_database_2.pdbx_database_accession 
_database_2.pdbx_DOI 
PDB   5E0Z         pdb_00005e0z 10.2210/pdb5e0z/pdb 
WWPDB D_1000214033 ?            ?                   
# 
loop_
_pdbx_audit_revision_history.ordinal 
_pdbx_audit_revision_history.data_content_type 
_pdbx_audit_revision_history.major_revision 
_pdbx_audit_revision_history.minor_revision 
_pdbx_audit_revision_history.revision_date 
1 'Structure model' 1 0 2016-09-14 
2 'Structure model' 1 1 2016-09-21 
3 'Structure model' 1 2 2016-11-09 
4 'Structure model' 1 3 2017-09-13 
5 'Structure model' 1 4 2019-12-25 
6 'Structure model' 1 5 2024-03-06 
# 
_pdbx_audit_revision_details.ordinal             1 
_pdbx_audit_revision_details.revision_ordinal    1 
_pdbx_audit_revision_details.data_content_type   'Structure model' 
_pdbx_audit_revision_details.provider            repository 
_pdbx_audit_revision_details.type                'Initial release' 
_pdbx_audit_revision_details.description         ? 
_pdbx_audit_revision_details.details             ? 
# 
loop_
_pdbx_audit_revision_group.ordinal 
_pdbx_audit_revision_group.revision_ordinal 
_pdbx_audit_revision_group.data_content_type 
_pdbx_audit_revision_group.group 
1 2 'Structure model' 'Database references'        
2 3 'Structure model' 'Database references'        
3 4 'Structure model' 'Author supporting evidence' 
4 4 'Structure model' 'Database references'        
5 4 'Structure model' 'Derived calculations'       
6 5 'Structure model' 'Author supporting evidence' 
7 6 'Structure model' 'Data collection'            
8 6 'Structure model' 'Database references'        
# 
loop_
_pdbx_audit_revision_category.ordinal 
_pdbx_audit_revision_category.revision_ordinal 
_pdbx_audit_revision_category.data_content_type 
_pdbx_audit_revision_category.category 
1 4 'Structure model' citation                    
2 4 'Structure model' pdbx_audit_support          
3 4 'Structure model' pdbx_struct_oper_list       
4 5 'Structure model' pdbx_audit_support          
5 6 'Structure model' chem_comp_atom              
6 6 'Structure model' chem_comp_bond              
7 6 'Structure model' database_2                  
8 6 'Structure model' diffrn_radiation_wavelength 
# 
loop_
_pdbx_audit_revision_item.ordinal 
_pdbx_audit_revision_item.revision_ordinal 
_pdbx_audit_revision_item.data_content_type 
_pdbx_audit_revision_item.item 
1 4 'Structure model' '_citation.journal_id_CSD'                  
2 4 'Structure model' '_pdbx_audit_support.funding_organization'  
3 4 'Structure model' '_pdbx_struct_oper_list.symmetry_operation' 
4 5 'Structure model' '_pdbx_audit_support.funding_organization'  
5 6 'Structure model' '_database_2.pdbx_DOI'                      
6 6 'Structure model' '_database_2.pdbx_database_accession'       
# 
_pdbx_database_status.status_code                     REL 
_pdbx_database_status.status_code_sf                  REL 
_pdbx_database_status.status_code_mr                  ? 
_pdbx_database_status.entry_id                        5E0Z 
_pdbx_database_status.recvd_initial_deposition_date   2015-09-29 
_pdbx_database_status.SG_entry                        Y 
_pdbx_database_status.deposit_site                    RCSB 
_pdbx_database_status.process_site                    RCSB 
_pdbx_database_status.status_code_cs                  ? 
_pdbx_database_status.methods_development_category    ? 
_pdbx_database_status.pdb_format_compatible           Y 
_pdbx_database_status.status_code_nmr_data            ? 
# 
loop_
_pdbx_database_related.db_name 
_pdbx_database_related.details 
_pdbx_database_related.db_id 
_pdbx_database_related.content_type 
PDB . 3OUV unspecified 
PDB . 5E0Y unspecified 
PDB . 5E10 unspecified 
PDB . 5E12 unspecified 
# 
loop_
_audit_author.name 
_audit_author.pdbx_ordinal 
'Prigozhin, D.M.'                           1 
'TB Structural Genomics Consortium (TBSGC)' 2 
# 
_citation.abstract                  ? 
_citation.abstract_id_CAS           ? 
_citation.book_id_ISBN              ? 
_citation.book_publisher            ? 
_citation.book_publisher_city       ? 
_citation.book_title                ? 
_citation.coordinate_linkage        ? 
_citation.country                   US 
_citation.database_id_Medline       ? 
_citation.details                   ? 
_citation.id                        primary 
_citation.journal_abbrev            J.Biol.Chem. 
_citation.journal_id_ASTM           JBCHA3 
_citation.journal_id_CSD            0071 
_citation.journal_id_ISSN           1083-351X 
_citation.journal_full              ? 
_citation.journal_issue             ? 
_citation.journal_volume            291 
_citation.language                  ? 
_citation.page_first                22961 
_citation.page_last                 22969 
_citation.title                     
;Structural and Genetic Analyses of the Mycobacterium tuberculosis Protein Kinase B Sensor Domain Identify a Potential Ligand-binding Site.
;
_citation.year                      2016 
_citation.database_id_CSD           ? 
_citation.pdbx_database_id_DOI      10.1074/jbc.M116.731760 
_citation.pdbx_database_id_PubMed   27601474 
_citation.unpublished_flag          ? 
# 
loop_
_citation_author.citation_id 
_citation_author.name 
_citation_author.ordinal 
_citation_author.identifier_ORCID 
primary 'Prigozhin, D.M.'          1 ? 
primary 'Papavinasasundaram, K.G.' 2 ? 
primary 'Baer, C.E.'               3 ? 
primary 'Murphy, K.C.'             4 ? 
primary 'Moskaleva, A.'            5 ? 
primary 'Chen, T.Y.'               6 ? 
primary 'Alber, T.'                7 ? 
primary 'Sassetti, C.M.'           8 ? 
# 
loop_
_entity.id 
_entity.type 
_entity.src_method 
_entity.pdbx_description 
_entity.formula_weight 
_entity.pdbx_number_of_molecules 
_entity.pdbx_ec 
_entity.pdbx_mutation 
_entity.pdbx_fragment 
_entity.details 
1 polymer man 'Serine/threonine-protein kinase PknB' 14321.913 1   2.7.11.1 ? 'UNP residues 491-626' ? 
2 water   nat water                                  18.015    100 ?        ? ?                      ? 
# 
_entity_poly.entity_id                      1 
_entity_poly.type                           'polypeptide(L)' 
_entity_poly.nstd_linkage                   no 
_entity_poly.nstd_monomer                   no 
_entity_poly.pdbx_seq_one_letter_code       
;GPATKDIPDVAGQTVDVAQKNLNVYGFTKFSQASVDSPRPAGEVTGTNPPAGTTVPVDSVIELQVSKGNQFVMPDLSGMF
WVDAEPRLRALGWTGMLDKGADVDAGGSQHNRVVYQNPPAGTGVNRDGIITLRFGQ
;
_entity_poly.pdbx_seq_one_letter_code_can   
;GPATKDIPDVAGQTVDVAQKNLNVYGFTKFSQASVDSPRPAGEVTGTNPPAGTTVPVDSVIELQVSKGNQFVMPDLSGMF
WVDAEPRLRALGWTGMLDKGADVDAGGSQHNRVVYQNPPAGTGVNRDGIITLRFGQ
;
_entity_poly.pdbx_strand_id                 A 
_entity_poly.pdbx_target_identifier         ? 
# 
_pdbx_entity_nonpoly.entity_id   2 
_pdbx_entity_nonpoly.name        water 
_pdbx_entity_nonpoly.comp_id     HOH 
# 
loop_
_entity_poly_seq.entity_id 
_entity_poly_seq.num 
_entity_poly_seq.mon_id 
_entity_poly_seq.hetero 
1 1   GLY n 
1 2   PRO n 
1 3   ALA n 
1 4   THR n 
1 5   LYS n 
1 6   ASP n 
1 7   ILE n 
1 8   PRO n 
1 9   ASP n 
1 10  VAL n 
1 11  ALA n 
1 12  GLY n 
1 13  GLN n 
1 14  THR n 
1 15  VAL n 
1 16  ASP n 
1 17  VAL n 
1 18  ALA n 
1 19  GLN n 
1 20  LYS n 
1 21  ASN n 
1 22  LEU n 
1 23  ASN n 
1 24  VAL n 
1 25  TYR n 
1 26  GLY n 
1 27  PHE n 
1 28  THR n 
1 29  LYS n 
1 30  PHE n 
1 31  SER n 
1 32  GLN n 
1 33  ALA n 
1 34  SER n 
1 35  VAL n 
1 36  ASP n 
1 37  SER n 
1 38  PRO n 
1 39  ARG n 
1 40  PRO n 
1 41  ALA n 
1 42  GLY n 
1 43  GLU n 
1 44  VAL n 
1 45  THR n 
1 46  GLY n 
1 47  THR n 
1 48  ASN n 
1 49  PRO n 
1 50  PRO n 
1 51  ALA n 
1 52  GLY n 
1 53  THR n 
1 54  THR n 
1 55  VAL n 
1 56  PRO n 
1 57  VAL n 
1 58  ASP n 
1 59  SER n 
1 60  VAL n 
1 61  ILE n 
1 62  GLU n 
1 63  LEU n 
1 64  GLN n 
1 65  VAL n 
1 66  SER n 
1 67  LYS n 
1 68  GLY n 
1 69  ASN n 
1 70  GLN n 
1 71  PHE n 
1 72  VAL n 
1 73  MET n 
1 74  PRO n 
1 75  ASP n 
1 76  LEU n 
1 77  SER n 
1 78  GLY n 
1 79  MET n 
1 80  PHE n 
1 81  TRP n 
1 82  VAL n 
1 83  ASP n 
1 84  ALA n 
1 85  GLU n 
1 86  PRO n 
1 87  ARG n 
1 88  LEU n 
1 89  ARG n 
1 90  ALA n 
1 91  LEU n 
1 92  GLY n 
1 93  TRP n 
1 94  THR n 
1 95  GLY n 
1 96  MET n 
1 97  LEU n 
1 98  ASP n 
1 99  LYS n 
1 100 GLY n 
1 101 ALA n 
1 102 ASP n 
1 103 VAL n 
1 104 ASP n 
1 105 ALA n 
1 106 GLY n 
1 107 GLY n 
1 108 SER n 
1 109 GLN n 
1 110 HIS n 
1 111 ASN n 
1 112 ARG n 
1 113 VAL n 
1 114 VAL n 
1 115 TYR n 
1 116 GLN n 
1 117 ASN n 
1 118 PRO n 
1 119 PRO n 
1 120 ALA n 
1 121 GLY n 
1 122 THR n 
1 123 GLY n 
1 124 VAL n 
1 125 ASN n 
1 126 ARG n 
1 127 ASP n 
1 128 GLY n 
1 129 ILE n 
1 130 ILE n 
1 131 THR n 
1 132 LEU n 
1 133 ARG n 
1 134 PHE n 
1 135 GLY n 
1 136 GLN n 
# 
_entity_src_gen.entity_id                          1 
_entity_src_gen.pdbx_src_id                        1 
_entity_src_gen.pdbx_alt_source_flag               sample 
_entity_src_gen.pdbx_seq_type                      'Biological sequence' 
_entity_src_gen.pdbx_beg_seq_num                   1 
_entity_src_gen.pdbx_end_seq_num                   136 
_entity_src_gen.gene_src_common_name               ? 
_entity_src_gen.gene_src_genus                     ? 
_entity_src_gen.pdbx_gene_src_gene                 'pknB, Rv0014c, MTCY10H4.14c' 
_entity_src_gen.gene_src_species                   ? 
_entity_src_gen.gene_src_strain                    'ATCC 25618 / H37Rv' 
_entity_src_gen.gene_src_tissue                    ? 
_entity_src_gen.gene_src_tissue_fraction           ? 
_entity_src_gen.gene_src_details                   ? 
_entity_src_gen.pdbx_gene_src_fragment             ? 
_entity_src_gen.pdbx_gene_src_scientific_name      'Mycobacterium tuberculosis (strain ATCC 25618 / H37Rv)' 
_entity_src_gen.pdbx_gene_src_ncbi_taxonomy_id     83332 
_entity_src_gen.pdbx_gene_src_variant              ? 
_entity_src_gen.pdbx_gene_src_cell_line            ? 
_entity_src_gen.pdbx_gene_src_atcc                 ? 
_entity_src_gen.pdbx_gene_src_organ                ? 
_entity_src_gen.pdbx_gene_src_organelle            ? 
_entity_src_gen.pdbx_gene_src_cell                 ? 
_entity_src_gen.pdbx_gene_src_cellular_location    ? 
_entity_src_gen.host_org_common_name               ? 
_entity_src_gen.pdbx_host_org_scientific_name      'Escherichia coli' 
_entity_src_gen.pdbx_host_org_ncbi_taxonomy_id     562 
_entity_src_gen.host_org_genus                     ? 
_entity_src_gen.pdbx_host_org_gene                 ? 
_entity_src_gen.pdbx_host_org_organ                ? 
_entity_src_gen.host_org_species                   ? 
_entity_src_gen.pdbx_host_org_tissue               ? 
_entity_src_gen.pdbx_host_org_tissue_fraction      ? 
_entity_src_gen.pdbx_host_org_strain               ? 
_entity_src_gen.pdbx_host_org_variant              ? 
_entity_src_gen.pdbx_host_org_cell_line            ? 
_entity_src_gen.pdbx_host_org_atcc                 ? 
_entity_src_gen.pdbx_host_org_culture_collection   ? 
_entity_src_gen.pdbx_host_org_cell                 ? 
_entity_src_gen.pdbx_host_org_organelle            ? 
_entity_src_gen.pdbx_host_org_cellular_location    ? 
_entity_src_gen.pdbx_host_org_vector_type          ? 
_entity_src_gen.pdbx_host_org_vector               ? 
_entity_src_gen.host_org_details                   ? 
_entity_src_gen.expression_system_id               ? 
_entity_src_gen.plasmid_name                       ? 
_entity_src_gen.plasmid_details                    ? 
_entity_src_gen.pdbx_description                   ? 
# 
loop_
_chem_comp.id 
_chem_comp.type 
_chem_comp.mon_nstd_flag 
_chem_comp.name 
_chem_comp.pdbx_synonyms 
_chem_comp.formula 
_chem_comp.formula_weight 
ALA 'L-peptide linking' y ALANINE         ? 'C3 H7 N O2'     89.093  
ARG 'L-peptide linking' y ARGININE        ? 'C6 H15 N4 O2 1' 175.209 
ASN 'L-peptide linking' y ASPARAGINE      ? 'C4 H8 N2 O3'    132.118 
ASP 'L-peptide linking' y 'ASPARTIC ACID' ? 'C4 H7 N O4'     133.103 
GLN 'L-peptide linking' y GLUTAMINE       ? 'C5 H10 N2 O3'   146.144 
GLU 'L-peptide linking' y 'GLUTAMIC ACID' ? 'C5 H9 N O4'     147.129 
GLY 'peptide linking'   y GLYCINE         ? 'C2 H5 N O2'     75.067  
HIS 'L-peptide linking' y HISTIDINE       ? 'C6 H10 N3 O2 1' 156.162 
HOH non-polymer         . WATER           ? 'H2 O'           18.015  
ILE 'L-peptide linking' y ISOLEUCINE      ? 'C6 H13 N O2'    131.173 
LEU 'L-peptide linking' y LEUCINE         ? 'C6 H13 N O2'    131.173 
LYS 'L-peptide linking' y LYSINE          ? 'C6 H15 N2 O2 1' 147.195 
MET 'L-peptide linking' y METHIONINE      ? 'C5 H11 N O2 S'  149.211 
PHE 'L-peptide linking' y PHENYLALANINE   ? 'C9 H11 N O2'    165.189 
PRO 'L-peptide linking' y PROLINE         ? 'C5 H9 N O2'     115.130 
SER 'L-peptide linking' y SERINE          ? 'C3 H7 N O3'     105.093 
THR 'L-peptide linking' y THREONINE       ? 'C4 H9 N O3'     119.119 
TRP 'L-peptide linking' y TRYPTOPHAN      ? 'C11 H12 N2 O2'  204.225 
TYR 'L-peptide linking' y TYROSINE        ? 'C9 H11 N O3'    181.189 
VAL 'L-peptide linking' y VALINE          ? 'C5 H11 N O2'    117.146 
# 
loop_
_pdbx_poly_seq_scheme.asym_id 
_pdbx_poly_seq_scheme.entity_id 
_pdbx_poly_seq_scheme.seq_id 
_pdbx_poly_seq_scheme.mon_id 
_pdbx_poly_seq_scheme.ndb_seq_num 
_pdbx_poly_seq_scheme.pdb_seq_num 
_pdbx_poly_seq_scheme.auth_seq_num 
_pdbx_poly_seq_scheme.pdb_mon_id 
_pdbx_poly_seq_scheme.auth_mon_id 
_pdbx_poly_seq_scheme.pdb_strand_id 
_pdbx_poly_seq_scheme.pdb_ins_code 
_pdbx_poly_seq_scheme.hetero 
A 1 1   GLY 1   491 491 GLY GLY A . n 
A 1 2   PRO 2   492 492 PRO PRO A . n 
A 1 3   ALA 3   493 493 ALA ALA A . n 
A 1 4   THR 4   494 494 THR THR A . n 
A 1 5   LYS 5   495 495 LYS LYS A . n 
A 1 6   ASP 6   496 496 ASP ASP A . n 
A 1 7   ILE 7   497 497 ILE ILE A . n 
A 1 8   PRO 8   498 498 PRO PRO A . n 
A 1 9   ASP 9   499 499 ASP ASP A . n 
A 1 10  VAL 10  500 500 VAL VAL A . n 
A 1 11  ALA 11  501 501 ALA ALA A . n 
A 1 12  GLY 12  502 502 GLY GLY A . n 
A 1 13  GLN 13  503 503 GLN GLN A . n 
A 1 14  THR 14  504 504 THR THR A . n 
A 1 15  VAL 15  505 505 VAL VAL A . n 
A 1 16  ASP 16  506 506 ASP ASP A . n 
A 1 17  VAL 17  507 507 VAL VAL A . n 
A 1 18  ALA 18  508 508 ALA ALA A . n 
A 1 19  GLN 19  509 509 GLN GLN A . n 
A 1 20  LYS 20  510 510 LYS LYS A . n 
A 1 21  ASN 21  511 511 ASN ASN A . n 
A 1 22  LEU 22  512 512 LEU LEU A . n 
A 1 23  ASN 23  513 513 ASN ASN A . n 
A 1 24  VAL 24  514 514 VAL VAL A . n 
A 1 25  TYR 25  515 515 TYR TYR A . n 
A 1 26  GLY 26  516 516 GLY GLY A . n 
A 1 27  PHE 27  517 517 PHE PHE A . n 
A 1 28  THR 28  518 518 THR THR A . n 
A 1 29  LYS 29  519 519 LYS LYS A . n 
A 1 30  PHE 30  520 520 PHE PHE A . n 
A 1 31  SER 31  521 521 SER SER A . n 
A 1 32  GLN 32  522 522 GLN GLN A . n 
A 1 33  ALA 33  523 523 ALA ALA A . n 
A 1 34  SER 34  524 524 SER SER A . n 
A 1 35  VAL 35  525 525 VAL VAL A . n 
A 1 36  ASP 36  526 526 ASP ASP A . n 
A 1 37  SER 37  527 527 SER SER A . n 
A 1 38  PRO 38  528 528 PRO PRO A . n 
A 1 39  ARG 39  529 529 ARG ARG A . n 
A 1 40  PRO 40  530 530 PRO PRO A . n 
A 1 41  ALA 41  531 531 ALA ALA A . n 
A 1 42  GLY 42  532 532 GLY GLY A . n 
A 1 43  GLU 43  533 533 GLU GLU A . n 
A 1 44  VAL 44  534 534 VAL VAL A . n 
A 1 45  THR 45  535 535 THR THR A . n 
A 1 46  GLY 46  536 536 GLY GLY A . n 
A 1 47  THR 47  537 537 THR THR A . n 
A 1 48  ASN 48  538 538 ASN ASN A . n 
A 1 49  PRO 49  539 539 PRO PRO A . n 
A 1 50  PRO 50  540 540 PRO PRO A . n 
A 1 51  ALA 51  541 541 ALA ALA A . n 
A 1 52  GLY 52  542 542 GLY GLY A . n 
A 1 53  THR 53  543 543 THR THR A . n 
A 1 54  THR 54  544 544 THR THR A . n 
A 1 55  VAL 55  545 545 VAL VAL A . n 
A 1 56  PRO 56  546 546 PRO PRO A . n 
A 1 57  VAL 57  547 547 VAL VAL A . n 
A 1 58  ASP 58  548 548 ASP ASP A . n 
A 1 59  SER 59  549 549 SER SER A . n 
A 1 60  VAL 60  550 550 VAL VAL A . n 
A 1 61  ILE 61  551 551 ILE ILE A . n 
A 1 62  GLU 62  552 552 GLU GLU A . n 
A 1 63  LEU 63  553 553 LEU LEU A . n 
A 1 64  GLN 64  554 554 GLN GLN A . n 
A 1 65  VAL 65  555 555 VAL VAL A . n 
A 1 66  SER 66  556 556 SER SER A . n 
A 1 67  LYS 67  557 557 LYS LYS A . n 
A 1 68  GLY 68  558 558 GLY GLY A . n 
A 1 69  ASN 69  559 559 ASN ASN A . n 
A 1 70  GLN 70  560 560 GLN GLN A . n 
A 1 71  PHE 71  561 561 PHE PHE A . n 
A 1 72  VAL 72  562 562 VAL VAL A . n 
A 1 73  MET 73  563 563 MET MET A . n 
A 1 74  PRO 74  564 564 PRO PRO A . n 
A 1 75  ASP 75  565 565 ASP ASP A . n 
A 1 76  LEU 76  566 566 LEU LEU A . n 
A 1 77  SER 77  567 567 SER SER A . n 
A 1 78  GLY 78  568 568 GLY GLY A . n 
A 1 79  MET 79  569 569 MET MET A . n 
A 1 80  PHE 80  570 570 PHE PHE A . n 
A 1 81  TRP 81  571 571 TRP TRP A . n 
A 1 82  VAL 82  572 572 VAL VAL A . n 
A 1 83  ASP 83  573 573 ASP ASP A . n 
A 1 84  ALA 84  574 574 ALA ALA A . n 
A 1 85  GLU 85  575 575 GLU GLU A . n 
A 1 86  PRO 86  576 576 PRO PRO A . n 
A 1 87  ARG 87  577 577 ARG ARG A . n 
A 1 88  LEU 88  578 578 LEU LEU A . n 
A 1 89  ARG 89  579 579 ARG ARG A . n 
A 1 90  ALA 90  580 580 ALA ALA A . n 
A 1 91  LEU 91  581 581 LEU LEU A . n 
A 1 92  GLY 92  582 582 GLY GLY A . n 
A 1 93  TRP 93  583 583 TRP TRP A . n 
A 1 94  THR 94  584 584 THR THR A . n 
A 1 95  GLY 95  585 585 GLY GLY A . n 
A 1 96  MET 96  586 586 MET MET A . n 
A 1 97  LEU 97  587 587 LEU LEU A . n 
A 1 98  ASP 98  588 588 ASP ASP A . n 
A 1 99  LYS 99  589 589 LYS LYS A . n 
A 1 100 GLY 100 590 590 GLY GLY A . n 
A 1 101 ALA 101 591 591 ALA ALA A . n 
A 1 102 ASP 102 592 592 ASP ASP A . n 
A 1 103 VAL 103 593 593 VAL VAL A . n 
A 1 104 ASP 104 594 594 ASP ASP A . n 
A 1 105 ALA 105 595 595 ALA ALA A . n 
A 1 106 GLY 106 596 596 GLY GLY A . n 
A 1 107 GLY 107 597 597 GLY GLY A . n 
A 1 108 SER 108 598 598 SER SER A . n 
A 1 109 GLN 109 599 599 GLN GLN A . n 
A 1 110 HIS 110 600 600 HIS HIS A . n 
A 1 111 ASN 111 601 601 ASN ASN A . n 
A 1 112 ARG 112 602 602 ARG ARG A . n 
A 1 113 VAL 113 603 603 VAL VAL A . n 
A 1 114 VAL 114 604 604 VAL VAL A . n 
A 1 115 TYR 115 605 605 TYR TYR A . n 
A 1 116 GLN 116 606 606 GLN GLN A . n 
A 1 117 ASN 117 607 607 ASN ASN A . n 
A 1 118 PRO 118 608 608 PRO PRO A . n 
A 1 119 PRO 119 609 609 PRO PRO A . n 
A 1 120 ALA 120 610 610 ALA ALA A . n 
A 1 121 GLY 121 611 611 GLY GLY A . n 
A 1 122 THR 122 612 612 THR THR A . n 
A 1 123 GLY 123 613 613 GLY GLY A . n 
A 1 124 VAL 124 614 614 VAL VAL A . n 
A 1 125 ASN 125 615 615 ASN ASN A . n 
A 1 126 ARG 126 616 616 ARG ARG A . n 
A 1 127 ASP 127 617 617 ASP ASP A . n 
A 1 128 GLY 128 618 618 GLY GLY A . n 
A 1 129 ILE 129 619 619 ILE ILE A . n 
A 1 130 ILE 130 620 620 ILE ILE A . n 
A 1 131 THR 131 621 621 THR THR A . n 
A 1 132 LEU 132 622 622 LEU LEU A . n 
A 1 133 ARG 133 623 623 ARG ARG A . n 
A 1 134 PHE 134 624 624 PHE PHE A . n 
A 1 135 GLY 135 625 625 GLY GLY A . n 
A 1 136 GLN 136 626 626 GLN GLN A . n 
# 
loop_
_pdbx_nonpoly_scheme.asym_id 
_pdbx_nonpoly_scheme.entity_id 
_pdbx_nonpoly_scheme.mon_id 
_pdbx_nonpoly_scheme.ndb_seq_num 
_pdbx_nonpoly_scheme.pdb_seq_num 
_pdbx_nonpoly_scheme.auth_seq_num 
_pdbx_nonpoly_scheme.pdb_mon_id 
_pdbx_nonpoly_scheme.auth_mon_id 
_pdbx_nonpoly_scheme.pdb_strand_id 
_pdbx_nonpoly_scheme.pdb_ins_code 
B 2 HOH 1   701 78  HOH HOH A . 
B 2 HOH 2   702 77  HOH HOH A . 
B 2 HOH 3   703 79  HOH HOH A . 
B 2 HOH 4   704 40  HOH HOH A . 
B 2 HOH 5   705 23  HOH HOH A . 
B 2 HOH 6   706 21  HOH HOH A . 
B 2 HOH 7   707 80  HOH HOH A . 
B 2 HOH 8   708 22  HOH HOH A . 
B 2 HOH 9   709 97  HOH HOH A . 
B 2 HOH 10  710 55  HOH HOH A . 
B 2 HOH 11  711 71  HOH HOH A . 
B 2 HOH 12  712 69  HOH HOH A . 
B 2 HOH 13  713 70  HOH HOH A . 
B 2 HOH 14  714 2   HOH HOH A . 
B 2 HOH 15  715 4   HOH HOH A . 
B 2 HOH 16  716 20  HOH HOH A . 
B 2 HOH 17  717 29  HOH HOH A . 
B 2 HOH 18  718 35  HOH HOH A . 
B 2 HOH 19  719 34  HOH HOH A . 
B 2 HOH 20  720 10  HOH HOH A . 
B 2 HOH 21  721 1   HOH HOH A . 
B 2 HOH 22  722 88  HOH HOH A . 
B 2 HOH 23  723 12  HOH HOH A . 
B 2 HOH 24  724 24  HOH HOH A . 
B 2 HOH 25  725 25  HOH HOH A . 
B 2 HOH 26  726 31  HOH HOH A . 
B 2 HOH 27  727 38  HOH HOH A . 
B 2 HOH 28  728 39  HOH HOH A . 
B 2 HOH 29  729 86  HOH HOH A . 
B 2 HOH 30  730 32  HOH HOH A . 
B 2 HOH 31  731 18  HOH HOH A . 
B 2 HOH 32  732 3   HOH HOH A . 
B 2 HOH 33  733 43  HOH HOH A . 
B 2 HOH 34  734 7   HOH HOH A . 
B 2 HOH 35  735 5   HOH HOH A . 
B 2 HOH 36  736 15  HOH HOH A . 
B 2 HOH 37  737 36  HOH HOH A . 
B 2 HOH 38  738 42  HOH HOH A . 
B 2 HOH 39  739 37  HOH HOH A . 
B 2 HOH 40  740 50  HOH HOH A . 
B 2 HOH 41  741 16  HOH HOH A . 
B 2 HOH 42  742 84  HOH HOH A . 
B 2 HOH 43  743 52  HOH HOH A . 
B 2 HOH 44  744 62  HOH HOH A . 
B 2 HOH 45  745 19  HOH HOH A . 
B 2 HOH 46  746 64  HOH HOH A . 
B 2 HOH 47  747 57  HOH HOH A . 
B 2 HOH 48  748 59  HOH HOH A . 
B 2 HOH 49  749 28  HOH HOH A . 
B 2 HOH 50  750 60  HOH HOH A . 
B 2 HOH 51  751 81  HOH HOH A . 
B 2 HOH 52  752 49  HOH HOH A . 
B 2 HOH 53  753 17  HOH HOH A . 
B 2 HOH 54  754 44  HOH HOH A . 
B 2 HOH 55  755 11  HOH HOH A . 
B 2 HOH 56  756 27  HOH HOH A . 
B 2 HOH 57  757 47  HOH HOH A . 
B 2 HOH 58  758 67  HOH HOH A . 
B 2 HOH 59  759 74  HOH HOH A . 
B 2 HOH 60  760 26  HOH HOH A . 
B 2 HOH 61  761 56  HOH HOH A . 
B 2 HOH 62  762 13  HOH HOH A . 
B 2 HOH 63  763 9   HOH HOH A . 
B 2 HOH 64  764 41  HOH HOH A . 
B 2 HOH 65  765 53  HOH HOH A . 
B 2 HOH 66  766 45  HOH HOH A . 
B 2 HOH 67  767 54  HOH HOH A . 
B 2 HOH 68  768 46  HOH HOH A . 
B 2 HOH 69  769 48  HOH HOH A . 
B 2 HOH 70  770 96  HOH HOH A . 
B 2 HOH 71  771 58  HOH HOH A . 
B 2 HOH 72  772 51  HOH HOH A . 
B 2 HOH 73  773 65  HOH HOH A . 
B 2 HOH 74  774 33  HOH HOH A . 
B 2 HOH 75  775 90  HOH HOH A . 
B 2 HOH 76  776 8   HOH HOH A . 
B 2 HOH 77  777 94  HOH HOH A . 
B 2 HOH 78  778 63  HOH HOH A . 
B 2 HOH 79  779 14  HOH HOH A . 
B 2 HOH 80  780 75  HOH HOH A . 
B 2 HOH 81  781 66  HOH HOH A . 
B 2 HOH 82  782 98  HOH HOH A . 
B 2 HOH 83  783 76  HOH HOH A . 
B 2 HOH 84  784 87  HOH HOH A . 
B 2 HOH 85  785 100 HOH HOH A . 
B 2 HOH 86  786 85  HOH HOH A . 
B 2 HOH 87  787 73  HOH HOH A . 
B 2 HOH 88  788 99  HOH HOH A . 
B 2 HOH 89  789 93  HOH HOH A . 
B 2 HOH 90  790 61  HOH HOH A . 
B 2 HOH 91  791 92  HOH HOH A . 
B 2 HOH 92  792 30  HOH HOH A . 
B 2 HOH 93  793 72  HOH HOH A . 
B 2 HOH 94  794 89  HOH HOH A . 
B 2 HOH 95  795 6   HOH HOH A . 
B 2 HOH 96  796 95  HOH HOH A . 
B 2 HOH 97  797 82  HOH HOH A . 
B 2 HOH 98  798 68  HOH HOH A . 
B 2 HOH 99  799 91  HOH HOH A . 
B 2 HOH 100 800 83  HOH HOH A . 
# 
loop_
_software.citation_id 
_software.classification 
_software.compiler_name 
_software.compiler_version 
_software.contact_author 
_software.contact_author_email 
_software.date 
_software.description 
_software.dependencies 
_software.hardware 
_software.language 
_software.location 
_software.mods 
_software.name 
_software.os 
_software.os_version 
_software.type 
_software.version 
_software.pdbx_ordinal 
? 'data reduction'  ? ? ? ? ? ? ? ? ? ? ? HKL-2000    ? ? ? .        1 
? 'data scaling'    ? ? ? ? ? ? ? ? ? ? ? HKL-2000    ? ? ? .        2 
? phasing           ? ? ? ? ? ? ? ? ? ? ? PHASER      ? ? ? 2.2.4    3 
? refinement        ? ? ? ? ? ? ? ? ? ? ? PHENIX      ? ? ? 1.9_1692 4 
? 'data extraction' ? ? ? ? ? ? ? ? ? ? ? PDB_EXTRACT ? ? ? 3.15     5 
# 
_cell.angle_alpha                  90.000 
_cell.angle_alpha_esd              ? 
_cell.angle_beta                   99.170 
_cell.angle_beta_esd               ? 
_cell.angle_gamma                  90.000 
_cell.angle_gamma_esd              ? 
_cell.entry_id                     5E0Z 
_cell.details                      ? 
_cell.formula_units_Z              ? 
_cell.length_a                     40.466 
_cell.length_a_esd                 ? 
_cell.length_b                     24.545 
_cell.length_b_esd                 ? 
_cell.length_c                     64.874 
_cell.length_c_esd                 ? 
_cell.volume                       ? 
_cell.volume_esd                   ? 
_cell.Z_PDB                        2 
_cell.reciprocal_angle_alpha       ? 
_cell.reciprocal_angle_beta        ? 
_cell.reciprocal_angle_gamma       ? 
_cell.reciprocal_angle_alpha_esd   ? 
_cell.reciprocal_angle_beta_esd    ? 
_cell.reciprocal_angle_gamma_esd   ? 
_cell.reciprocal_length_a          ? 
_cell.reciprocal_length_b          ? 
_cell.reciprocal_length_c          ? 
_cell.reciprocal_length_a_esd      ? 
_cell.reciprocal_length_b_esd      ? 
_cell.reciprocal_length_c_esd      ? 
_cell.pdbx_unique_axis             ? 
# 
_symmetry.entry_id                         5E0Z 
_symmetry.cell_setting                     ? 
_symmetry.Int_Tables_number                4 
_symmetry.space_group_name_Hall            ? 
_symmetry.space_group_name_H-M             'P 1 21 1' 
_symmetry.pdbx_full_space_group_name_H-M   ? 
# 
_exptl.absorpt_coefficient_mu     ? 
_exptl.absorpt_correction_T_max   ? 
_exptl.absorpt_correction_T_min   ? 
_exptl.absorpt_correction_type    ? 
_exptl.absorpt_process_details    ? 
_exptl.entry_id                   5E0Z 
_exptl.crystals_number            1 
_exptl.details                    ? 
_exptl.method                     'X-RAY DIFFRACTION' 
_exptl.method_details             ? 
# 
_exptl_crystal.colour                      ? 
_exptl_crystal.density_diffrn              ? 
_exptl_crystal.density_Matthews            2.22 
_exptl_crystal.density_method              ? 
_exptl_crystal.density_percent_sol         44.61 
_exptl_crystal.description                 ? 
_exptl_crystal.F_000                       ? 
_exptl_crystal.id                          1 
_exptl_crystal.preparation                 ? 
_exptl_crystal.size_max                    ? 
_exptl_crystal.size_mid                    ? 
_exptl_crystal.size_min                    ? 
_exptl_crystal.size_rad                    ? 
_exptl_crystal.colour_lustre               ? 
_exptl_crystal.colour_modifier             ? 
_exptl_crystal.colour_primary              ? 
_exptl_crystal.density_meas                ? 
_exptl_crystal.density_meas_esd            ? 
_exptl_crystal.density_meas_gt             ? 
_exptl_crystal.density_meas_lt             ? 
_exptl_crystal.density_meas_temp           ? 
_exptl_crystal.density_meas_temp_esd       ? 
_exptl_crystal.density_meas_temp_gt        ? 
_exptl_crystal.density_meas_temp_lt        ? 
_exptl_crystal.pdbx_crystal_image_url      ? 
_exptl_crystal.pdbx_crystal_image_format   ? 
_exptl_crystal.pdbx_mosaicity              ? 
_exptl_crystal.pdbx_mosaicity_esd          ? 
# 
_exptl_crystal_grow.apparatus       ? 
_exptl_crystal_grow.atmosphere      ? 
_exptl_crystal_grow.crystal_id      1 
_exptl_crystal_grow.details         ? 
_exptl_crystal_grow.method          'VAPOR DIFFUSION' 
_exptl_crystal_grow.method_ref      ? 
_exptl_crystal_grow.pH              ? 
_exptl_crystal_grow.pressure        ? 
_exptl_crystal_grow.pressure_esd    ? 
_exptl_crystal_grow.seeding         ? 
_exptl_crystal_grow.seeding_ref     ? 
_exptl_crystal_grow.temp            291 
_exptl_crystal_grow.temp_details    ? 
_exptl_crystal_grow.temp_esd        ? 
_exptl_crystal_grow.time            ? 
_exptl_crystal_grow.pdbx_details    '0.1 M sodium acetate pH 4.5, 2M ammonium sulfate' 
_exptl_crystal_grow.pdbx_pH_range   ? 
# 
_diffrn.ambient_environment    ? 
_diffrn.ambient_temp           100 
_diffrn.ambient_temp_details   ? 
_diffrn.ambient_temp_esd       ? 
_diffrn.crystal_id             1 
_diffrn.crystal_support        ? 
_diffrn.crystal_treatment      ? 
_diffrn.details                ? 
_diffrn.id                     1 
_diffrn.ambient_pressure       ? 
_diffrn.ambient_pressure_esd   ? 
_diffrn.ambient_pressure_gt    ? 
_diffrn.ambient_pressure_lt    ? 
_diffrn.ambient_temp_gt        ? 
_diffrn.ambient_temp_lt        ? 
# 
_diffrn_detector.details                      ? 
_diffrn_detector.detector                     CCD 
_diffrn_detector.diffrn_id                    1 
_diffrn_detector.type                         'ADSC QUANTUM 315r' 
_diffrn_detector.area_resol_mean              ? 
_diffrn_detector.dtime                        ? 
_diffrn_detector.pdbx_frames_total            ? 
_diffrn_detector.pdbx_collection_time_total   ? 
_diffrn_detector.pdbx_collection_date         2010-12-17 
# 
_diffrn_radiation.collimation                      ? 
_diffrn_radiation.diffrn_id                        1 
_diffrn_radiation.filter_edge                      ? 
_diffrn_radiation.inhomogeneity                    ? 
_diffrn_radiation.monochromator                    'Double flat crystal, Si(111)' 
_diffrn_radiation.polarisn_norm                    ? 
_diffrn_radiation.polarisn_ratio                   ? 
_diffrn_radiation.probe                            ? 
_diffrn_radiation.type                             ? 
_diffrn_radiation.xray_symbol                      ? 
_diffrn_radiation.wavelength_id                    1 
_diffrn_radiation.pdbx_monochromatic_or_laue_m_l   M 
_diffrn_radiation.pdbx_wavelength_list             ? 
_diffrn_radiation.pdbx_wavelength                  ? 
_diffrn_radiation.pdbx_diffrn_protocol             'SINGLE WAVELENGTH' 
_diffrn_radiation.pdbx_analyzer                    ? 
_diffrn_radiation.pdbx_scattering_type             x-ray 
# 
_diffrn_radiation_wavelength.id           1 
_diffrn_radiation_wavelength.wavelength   1.116 
_diffrn_radiation_wavelength.wt           1.0 
# 
_diffrn_source.current                     ? 
_diffrn_source.details                     ? 
_diffrn_source.diffrn_id                   1 
_diffrn_source.power                       ? 
_diffrn_source.size                        ? 
_diffrn_source.source                      SYNCHROTRON 
_diffrn_source.target                      ? 
_diffrn_source.type                        'ALS BEAMLINE 8.3.1' 
_diffrn_source.voltage                     ? 
_diffrn_source.take-off_angle              ? 
_diffrn_source.pdbx_wavelength_list        1.116 
_diffrn_source.pdbx_wavelength             ? 
_diffrn_source.pdbx_synchrotron_beamline   8.3.1 
_diffrn_source.pdbx_synchrotron_site       ALS 
# 
_reflns.B_iso_Wilson_estimate            20.870 
_reflns.entry_id                         5E0Z 
_reflns.data_reduction_details           ? 
_reflns.data_reduction_method            ? 
_reflns.d_resolution_high                2.000 
_reflns.d_resolution_low                 39.949 
_reflns.details                          ? 
_reflns.limit_h_max                      ? 
_reflns.limit_h_min                      ? 
_reflns.limit_k_max                      ? 
_reflns.limit_k_min                      ? 
_reflns.limit_l_max                      ? 
_reflns.limit_l_min                      ? 
_reflns.number_all                       ? 
_reflns.number_obs                       8592 
_reflns.observed_criterion               ? 
_reflns.observed_criterion_F_max         ? 
_reflns.observed_criterion_F_min         ? 
_reflns.observed_criterion_I_max         ? 
_reflns.observed_criterion_I_min         ? 
_reflns.observed_criterion_sigma_F       ? 
_reflns.observed_criterion_sigma_I       ? 
_reflns.percent_possible_obs             97.500 
_reflns.R_free_details                   ? 
_reflns.Rmerge_F_all                     ? 
_reflns.Rmerge_F_obs                     ? 
_reflns.Friedel_coverage                 ? 
_reflns.number_gt                        ? 
_reflns.threshold_expression             ? 
_reflns.pdbx_redundancy                  2.300 
_reflns.pdbx_Rmerge_I_obs                0.077 
_reflns.pdbx_Rmerge_I_all                ? 
_reflns.pdbx_Rsym_value                  ? 
_reflns.pdbx_netI_over_av_sigmaI         10.619 
_reflns.pdbx_netI_over_sigmaI            10.000 
_reflns.pdbx_res_netI_over_av_sigmaI_2   ? 
_reflns.pdbx_res_netI_over_sigmaI_2      ? 
_reflns.pdbx_chi_squared                 1.072 
_reflns.pdbx_scaling_rejects             ? 
_reflns.pdbx_d_res_high_opt              ? 
_reflns.pdbx_d_res_low_opt               ? 
_reflns.pdbx_d_res_opt_method            ? 
_reflns.phase_calculation_details        ? 
_reflns.pdbx_Rrim_I_all                  ? 
_reflns.pdbx_Rpim_I_all                  ? 
_reflns.pdbx_d_opt                       ? 
_reflns.pdbx_number_measured_all         19484 
_reflns.pdbx_diffrn_id                   1 
_reflns.pdbx_ordinal                     1 
_reflns.pdbx_CC_half                     ? 
_reflns.pdbx_R_split                     ? 
# 
loop_
_reflns_shell.d_res_high 
_reflns_shell.d_res_low 
_reflns_shell.meanI_over_sigI_all 
_reflns_shell.meanI_over_sigI_obs 
_reflns_shell.number_measured_all 
_reflns_shell.number_measured_obs 
_reflns_shell.number_possible 
_reflns_shell.number_unique_all 
_reflns_shell.number_unique_obs 
_reflns_shell.percent_possible_all 
_reflns_shell.percent_possible_obs 
_reflns_shell.Rmerge_F_all 
_reflns_shell.Rmerge_F_obs 
_reflns_shell.Rmerge_I_all 
_reflns_shell.Rmerge_I_obs 
_reflns_shell.meanI_over_sigI_gt 
_reflns_shell.meanI_over_uI_all 
_reflns_shell.meanI_over_uI_gt 
_reflns_shell.number_measured_gt 
_reflns_shell.number_unique_gt 
_reflns_shell.percent_possible_gt 
_reflns_shell.Rmerge_F_gt 
_reflns_shell.Rmerge_I_gt 
_reflns_shell.pdbx_redundancy 
_reflns_shell.pdbx_Rsym_value 
_reflns_shell.pdbx_chi_squared 
_reflns_shell.pdbx_netI_over_sigmaI_all 
_reflns_shell.pdbx_netI_over_sigmaI_obs 
_reflns_shell.pdbx_Rrim_I_all 
_reflns_shell.pdbx_Rpim_I_all 
_reflns_shell.pdbx_rejects 
_reflns_shell.pdbx_ordinal 
_reflns_shell.pdbx_diffrn_id 
_reflns_shell.pdbx_CC_half 
_reflns_shell.pdbx_R_split 
2.000 2.030  ? ? ? ? ? 425 ? 93.800 ? ? ? ? 0.479 ? ? ? ? ? ? ? ? 2.100 ? 1.306 ? ? ? ? 0 1  1 ? ? 
2.030 2.070  ? ? ? ? ? 401 ? 96.600 ? ? ? ? 0.446 ? ? ? ? ? ? ? ? 2.200 ? 1.414 ? ? ? ? 0 2  1 ? ? 
2.070 2.110  ? ? ? ? ? 404 ? 97.100 ? ? ? ? 0.385 ? ? ? ? ? ? ? ? 2.300 ? 1.165 ? ? ? ? 0 3  1 ? ? 
2.110 2.150  ? ? ? ? ? 442 ? 97.600 ? ? ? ? 0.348 ? ? ? ? ? ? ? ? 2.300 ? 1.253 ? ? ? ? 0 4  1 ? ? 
2.150 2.200  ? ? ? ? ? 406 ? 96.400 ? ? ? ? 0.305 ? ? ? ? ? ? ? ? 2.300 ? 1.177 ? ? ? ? 0 5  1 ? ? 
2.200 2.250  ? ? ? ? ? 441 ? 97.800 ? ? ? ? 0.270 ? ? ? ? ? ? ? ? 2.300 ? 1.091 ? ? ? ? 0 6  1 ? ? 
2.250 2.310  ? ? ? ? ? 392 ? 96.800 ? ? ? ? 0.254 ? ? ? ? ? ? ? ? 2.400 ? 1.191 ? ? ? ? 0 7  1 ? ? 
2.310 2.370  ? ? ? ? ? 445 ? 97.800 ? ? ? ? 0.215 ? ? ? ? ? ? ? ? 2.300 ? 1.184 ? ? ? ? 0 8  1 ? ? 
2.370 2.440  ? ? ? ? ? 435 ? 98.000 ? ? ? ? 0.181 ? ? ? ? ? ? ? ? 2.300 ? 1.031 ? ? ? ? 0 9  1 ? ? 
2.440 2.520  ? ? ? ? ? 413 ? 97.900 ? ? ? ? 0.168 ? ? ? ? ? ? ? ? 2.300 ? 1.116 ? ? ? ? 0 10 1 ? ? 
2.520 2.610  ? ? ? ? ? 427 ? 98.400 ? ? ? ? 0.153 ? ? ? ? ? ? ? ? 2.300 ? 1.041 ? ? ? ? 0 11 1 ? ? 
2.610 2.710  ? ? ? ? ? 447 ? 97.800 ? ? ? ? 0.118 ? ? ? ? ? ? ? ? 2.300 ? 1.033 ? ? ? ? 0 12 1 ? ? 
2.710 2.840  ? ? ? ? ? 406 ? 97.800 ? ? ? ? 0.107 ? ? ? ? ? ? ? ? 2.300 ? 1.072 ? ? ? ? 0 13 1 ? ? 
2.840 2.990  ? ? ? ? ? 442 ? 98.200 ? ? ? ? 0.071 ? ? ? ? ? ? ? ? 2.300 ? 0.981 ? ? ? ? 0 14 1 ? ? 
2.990 3.170  ? ? ? ? ? 436 ? 98.000 ? ? ? ? 0.061 ? ? ? ? ? ? ? ? 2.300 ? 0.991 ? ? ? ? 0 15 1 ? ? 
3.170 3.420  ? ? ? ? ? 435 ? 98.200 ? ? ? ? 0.044 ? ? ? ? ? ? ? ? 2.300 ? 0.582 ? ? ? ? 0 16 1 ? ? 
3.420 3.760  ? ? ? ? ? 428 ? 98.800 ? ? ? ? 0.038 ? ? ? ? ? ? ? ? 2.300 ? 0.977 ? ? ? ? 0 17 1 ? ? 
3.760 4.310  ? ? ? ? ? 449 ? 98.500 ? ? ? ? 0.031 ? ? ? ? ? ? ? ? 2.200 ? 1.026 ? ? ? ? 0 18 1 ? ? 
4.310 5.430  ? ? ? ? ? 435 ? 96.000 ? ? ? ? 0.027 ? ? ? ? ? ? ? ? 2.200 ? 0.897 ? ? ? ? 0 19 1 ? ? 
5.430 50.000 ? ? ? ? ? 483 ? 99.000 ? ? ? ? 0.027 ? ? ? ? ? ? ? ? 2.200 ? 0.993 ? ? ? ? 0 20 1 ? ? 
# 
_refine.aniso_B[1][1]                            ? 
_refine.aniso_B[1][2]                            ? 
_refine.aniso_B[1][3]                            ? 
_refine.aniso_B[2][2]                            ? 
_refine.aniso_B[2][3]                            ? 
_refine.aniso_B[3][3]                            ? 
_refine.B_iso_max                                57.610 
_refine.B_iso_mean                               24.8214 
_refine.B_iso_min                                8.650 
_refine.correlation_coeff_Fo_to_Fc               ? 
_refine.correlation_coeff_Fo_to_Fc_free          ? 
_refine.details                                  ? 
_refine.diff_density_max                         ? 
_refine.diff_density_max_esd                     ? 
_refine.diff_density_min                         ? 
_refine.diff_density_min_esd                     ? 
_refine.diff_density_rms                         ? 
_refine.diff_density_rms_esd                     ? 
_refine.entry_id                                 5E0Z 
_refine.pdbx_refine_id                           'X-RAY DIFFRACTION' 
_refine.ls_abs_structure_details                 ? 
_refine.ls_abs_structure_Flack                   ? 
_refine.ls_abs_structure_Flack_esd               ? 
_refine.ls_abs_structure_Rogers                  ? 
_refine.ls_abs_structure_Rogers_esd              ? 
_refine.ls_d_res_high                            2.0000 
_refine.ls_d_res_low                             39.9490 
_refine.ls_extinction_coef                       ? 
_refine.ls_extinction_coef_esd                   ? 
_refine.ls_extinction_expression                 ? 
_refine.ls_extinction_method                     ? 
_refine.ls_goodness_of_fit_all                   ? 
_refine.ls_goodness_of_fit_all_esd               ? 
_refine.ls_goodness_of_fit_obs                   ? 
_refine.ls_goodness_of_fit_obs_esd               ? 
_refine.ls_hydrogen_treatment                    ? 
_refine.ls_matrix_type                           ? 
_refine.ls_number_constraints                    ? 
_refine.ls_number_parameters                     ? 
_refine.ls_number_reflns_all                     ? 
_refine.ls_number_reflns_obs                     8126 
_refine.ls_number_reflns_R_free                  809 
_refine.ls_number_reflns_R_work                  7317 
_refine.ls_number_restraints                     ? 
_refine.ls_percent_reflns_obs                    91.8700 
_refine.ls_percent_reflns_R_free                 9.9600 
_refine.ls_R_factor_all                          ? 
_refine.ls_R_factor_obs                          0.1949 
_refine.ls_R_factor_R_free                       0.2305 
_refine.ls_R_factor_R_free_error                 ? 
_refine.ls_R_factor_R_free_error_details         ? 
_refine.ls_R_factor_R_work                       0.1909 
_refine.ls_R_Fsqd_factor_obs                     ? 
_refine.ls_R_I_factor_obs                        ? 
_refine.ls_redundancy_reflns_all                 ? 
_refine.ls_redundancy_reflns_obs                 ? 
_refine.ls_restrained_S_all                      ? 
_refine.ls_restrained_S_obs                      ? 
_refine.ls_shift_over_esd_max                    ? 
_refine.ls_shift_over_esd_mean                   ? 
_refine.ls_structure_factor_coef                 ? 
_refine.ls_weighting_details                     ? 
_refine.ls_weighting_scheme                      ? 
_refine.ls_wR_factor_all                         ? 
_refine.ls_wR_factor_obs                         ? 
_refine.ls_wR_factor_R_free                      ? 
_refine.ls_wR_factor_R_work                      ? 
_refine.occupancy_max                            ? 
_refine.occupancy_min                            ? 
_refine.solvent_model_details                    'FLAT BULK SOLVENT MODEL' 
_refine.solvent_model_param_bsol                 ? 
_refine.solvent_model_param_ksol                 ? 
_refine.ls_R_factor_gt                           ? 
_refine.ls_goodness_of_fit_gt                    ? 
_refine.ls_goodness_of_fit_ref                   ? 
_refine.ls_shift_over_su_max                     ? 
_refine.ls_shift_over_su_max_lt                  ? 
_refine.ls_shift_over_su_mean                    ? 
_refine.ls_shift_over_su_mean_lt                 ? 
_refine.pdbx_ls_sigma_I                          ? 
_refine.pdbx_ls_sigma_F                          0.000 
_refine.pdbx_ls_sigma_Fsqd                       ? 
_refine.pdbx_data_cutoff_high_absF               ? 
_refine.pdbx_data_cutoff_high_rms_absF           ? 
_refine.pdbx_data_cutoff_low_absF                ? 
_refine.pdbx_isotropic_thermal_model             ? 
_refine.pdbx_ls_cross_valid_method               'FREE R-VALUE' 
_refine.pdbx_method_to_determine_struct          'MOLECULAR REPLACEMENT' 
_refine.pdbx_starting_model                      ? 
_refine.pdbx_stereochemistry_target_values       ML 
_refine.pdbx_R_Free_selection_details            ? 
_refine.pdbx_stereochem_target_val_spec_case     ? 
_refine.pdbx_overall_ESU_R                       ? 
_refine.pdbx_overall_ESU_R_Free                  ? 
_refine.pdbx_solvent_vdw_probe_radii             1.0000 
_refine.pdbx_solvent_ion_probe_radii             ? 
_refine.pdbx_solvent_shrinkage_radii             0.7000 
_refine.pdbx_real_space_R                        ? 
_refine.pdbx_density_correlation                 ? 
_refine.pdbx_pd_number_of_powder_patterns        ? 
_refine.pdbx_pd_number_of_points                 ? 
_refine.pdbx_pd_meas_number_of_points            ? 
_refine.pdbx_pd_proc_ls_prof_R_factor            ? 
_refine.pdbx_pd_proc_ls_prof_wR_factor           ? 
_refine.pdbx_pd_Marquardt_correlation_coeff      ? 
_refine.pdbx_pd_Fsqrd_R_factor                   ? 
_refine.pdbx_pd_ls_matrix_band_width             ? 
_refine.pdbx_overall_phase_error                 24.0500 
_refine.pdbx_overall_SU_R_free_Cruickshank_DPI   ? 
_refine.pdbx_overall_SU_R_free_Blow_DPI          ? 
_refine.pdbx_overall_SU_R_Blow_DPI               ? 
_refine.pdbx_TLS_residual_ADP_flag               ? 
_refine.pdbx_diffrn_id                           1 
_refine.overall_SU_B                             ? 
_refine.overall_SU_ML                            0.2200 
_refine.overall_SU_R_Cruickshank_DPI             ? 
_refine.overall_SU_R_free                        ? 
_refine.overall_FOM_free_R_set                   ? 
_refine.overall_FOM_work_R_set                   ? 
_refine.pdbx_average_fsc_overall                 ? 
_refine.pdbx_average_fsc_work                    ? 
_refine.pdbx_average_fsc_free                    ? 
# 
_refine_hist.cycle_id                         final 
_refine_hist.pdbx_refine_id                   'X-RAY DIFFRACTION' 
_refine_hist.d_res_high                       2.0000 
_refine_hist.d_res_low                        39.9490 
_refine_hist.pdbx_number_atoms_ligand         0 
_refine_hist.number_atoms_solvent             100 
_refine_hist.number_atoms_total               1108 
_refine_hist.pdbx_number_residues_total       136 
_refine_hist.pdbx_B_iso_mean_solvent          30.68 
_refine_hist.pdbx_number_atoms_protein        1008 
_refine_hist.pdbx_number_atoms_nucleic_acid   0 
# 
loop_
_refine_ls_restr.pdbx_refine_id 
_refine_ls_restr.criterion 
_refine_ls_restr.dev_ideal 
_refine_ls_restr.dev_ideal_target 
_refine_ls_restr.number 
_refine_ls_restr.rejects 
_refine_ls_restr.type 
_refine_ls_restr.weight 
_refine_ls_restr.pdbx_restraint_function 
'X-RAY DIFFRACTION' ? 0.003  ? 1049 ? f_bond_d           ? ? 
'X-RAY DIFFRACTION' ? 0.772  ? 1434 ? f_angle_d          ? ? 
'X-RAY DIFFRACTION' ? 0.023  ? 158  ? f_chiral_restr     ? ? 
'X-RAY DIFFRACTION' ? 0.003  ? 197  ? f_plane_restr      ? ? 
'X-RAY DIFFRACTION' ? 12.428 ? 384  ? f_dihedral_angle_d ? ? 
# 
loop_
_refine_ls_shell.pdbx_refine_id 
_refine_ls_shell.d_res_high 
_refine_ls_shell.d_res_low 
_refine_ls_shell.number_reflns_all 
_refine_ls_shell.number_reflns_obs 
_refine_ls_shell.number_reflns_R_free 
_refine_ls_shell.number_reflns_R_work 
_refine_ls_shell.percent_reflns_obs 
_refine_ls_shell.percent_reflns_R_free 
_refine_ls_shell.R_factor_all 
_refine_ls_shell.R_factor_obs 
_refine_ls_shell.R_factor_R_free 
_refine_ls_shell.R_factor_R_free_error 
_refine_ls_shell.R_factor_R_work 
_refine_ls_shell.redundancy_reflns_all 
_refine_ls_shell.redundancy_reflns_obs 
_refine_ls_shell.wR_factor_all 
_refine_ls_shell.wR_factor_obs 
_refine_ls_shell.wR_factor_R_free 
_refine_ls_shell.wR_factor_R_work 
_refine_ls_shell.pdbx_total_number_of_bins_used 
_refine_ls_shell.pdbx_phase_error 
_refine_ls_shell.pdbx_fsc_work 
_refine_ls_shell.pdbx_fsc_free 
'X-RAY DIFFRACTION' 1.9996 2.1248  1152 . 111 1041 80.0000 . . . 0.2959 . 0.2343 . . . . . . 6 . . . 
'X-RAY DIFFRACTION' 2.1248 2.2889  1296 . 128 1168 89.0000 . . . 0.2690 . 0.2280 . . . . . . 6 . . . 
'X-RAY DIFFRACTION' 2.2889 2.5192  1337 . 134 1203 92.0000 . . . 0.2646 . 0.2204 . . . . . . 6 . . . 
'X-RAY DIFFRACTION' 2.5192 2.8836  1407 . 141 1266 96.0000 . . . 0.2802 . 0.2143 . . . . . . 6 . . . 
'X-RAY DIFFRACTION' 2.8836 3.6327  1425 . 143 1282 97.0000 . . . 0.2104 . 0.1705 . . . . . . 6 . . . 
'X-RAY DIFFRACTION' 3.6327 39.9569 1509 . 152 1357 98.0000 . . . 0.1881 . 0.1652 . . . . . . 6 . . . 
# 
_struct.entry_id                     5E0Z 
_struct.title                        'Crystal Structure of PASTA Domains 3 and 4 of Mycobacterium tuberculosis Protein Kinase B' 
_struct.pdbx_model_details           ? 
_struct.pdbx_formula_weight          ? 
_struct.pdbx_formula_weight_method   ? 
_struct.pdbx_model_type_details      ? 
_struct.pdbx_CASP_flag               ? 
# 
_struct_keywords.entry_id        5E0Z 
_struct_keywords.text            
;kinase, extracellular sensor domain, peptidoglycan binding, Structural Genomics, TB Structural Genomics Consortium, TBSGC, TRANSFERASE
;
_struct_keywords.pdbx_keywords   TRANSFERASE 
# 
loop_
_struct_asym.id 
_struct_asym.pdbx_blank_PDB_chainid_flag 
_struct_asym.pdbx_modified 
_struct_asym.entity_id 
_struct_asym.details 
A N N 1 ? 
B N N 2 ? 
# 
_struct_ref.id                         1 
_struct_ref.db_name                    UNP 
_struct_ref.db_code                    PKNB_MYCTU 
_struct_ref.pdbx_db_accession          P9WI81 
_struct_ref.pdbx_db_isoform            ? 
_struct_ref.entity_id                  1 
_struct_ref.pdbx_seq_one_letter_code   
;GPATKDIPDVAGQTVDVAQKNLNVYGFTKFSQASVDSPRPAGEVTGTNPPAGTTVPVDSVIELQVSKGNQFVMPDLSGMF
WVDAEPRLRALGWTGMLDKGADVDAGGSQHNRVVYQNPPAGTGVNRDGIITLRFGQ
;
_struct_ref.pdbx_align_begin           491 
# 
_struct_ref_seq.align_id                      1 
_struct_ref_seq.ref_id                        1 
_struct_ref_seq.pdbx_PDB_id_code              5E0Z 
_struct_ref_seq.pdbx_strand_id                A 
_struct_ref_seq.seq_align_beg                 1 
_struct_ref_seq.pdbx_seq_align_beg_ins_code   ? 
_struct_ref_seq.seq_align_end                 136 
_struct_ref_seq.pdbx_seq_align_end_ins_code   ? 
_struct_ref_seq.pdbx_db_accession             P9WI81 
_struct_ref_seq.db_align_beg                  491 
_struct_ref_seq.pdbx_db_align_beg_ins_code    ? 
_struct_ref_seq.db_align_end                  626 
_struct_ref_seq.pdbx_db_align_end_ins_code    ? 
_struct_ref_seq.pdbx_auth_seq_align_beg       491 
_struct_ref_seq.pdbx_auth_seq_align_end       626 
# 
_pdbx_struct_assembly.id                   1 
_pdbx_struct_assembly.details              author_and_software_defined_assembly 
_pdbx_struct_assembly.method_details       PISA 
_pdbx_struct_assembly.oligomeric_details   monomeric 
_pdbx_struct_assembly.oligomeric_count     1 
# 
loop_
_pdbx_struct_assembly_prop.biol_id 
_pdbx_struct_assembly_prop.type 
_pdbx_struct_assembly_prop.value 
_pdbx_struct_assembly_prop.details 
1 'ABSA (A^2)' 0    ? 
1 MORE         0    ? 
1 'SSA (A^2)'  7350 ? 
# 
_pdbx_struct_assembly_gen.assembly_id       1 
_pdbx_struct_assembly_gen.oper_expression   1 
_pdbx_struct_assembly_gen.asym_id_list      A,B 
# 
_pdbx_struct_oper_list.id                   1 
_pdbx_struct_oper_list.type                 'identity operation' 
_pdbx_struct_oper_list.name                 1_555 
_pdbx_struct_oper_list.symmetry_operation   x,y,z 
_pdbx_struct_oper_list.matrix[1][1]         1.0000000000 
_pdbx_struct_oper_list.matrix[1][2]         0.0000000000 
_pdbx_struct_oper_list.matrix[1][3]         0.0000000000 
_pdbx_struct_oper_list.vector[1]            0.0000000000 
_pdbx_struct_oper_list.matrix[2][1]         0.0000000000 
_pdbx_struct_oper_list.matrix[2][2]         1.0000000000 
_pdbx_struct_oper_list.matrix[2][3]         0.0000000000 
_pdbx_struct_oper_list.vector[2]            0.0000000000 
_pdbx_struct_oper_list.matrix[3][1]         0.0000000000 
_pdbx_struct_oper_list.matrix[3][2]         0.0000000000 
_pdbx_struct_oper_list.matrix[3][3]         1.0000000000 
_pdbx_struct_oper_list.vector[3]            0.0000000000 
# 
loop_
_struct_conf.conf_type_id 
_struct_conf.id 
_struct_conf.pdbx_PDB_helix_id 
_struct_conf.beg_label_comp_id 
_struct_conf.beg_label_asym_id 
_struct_conf.beg_label_seq_id 
_struct_conf.pdbx_beg_PDB_ins_code 
_struct_conf.end_label_comp_id 
_struct_conf.end_label_asym_id 
_struct_conf.end_label_seq_id 
_struct_conf.pdbx_end_PDB_ins_code 
_struct_conf.beg_auth_comp_id 
_struct_conf.beg_auth_asym_id 
_struct_conf.beg_auth_seq_id 
_struct_conf.end_auth_comp_id 
_struct_conf.end_auth_asym_id 
_struct_conf.end_auth_seq_id 
_struct_conf.pdbx_PDB_helix_class 
_struct_conf.details 
_struct_conf.pdbx_PDB_helix_length 
HELX_P HELX_P1 AA1 THR A 14  ? GLY A 26  ? THR A 504 GLY A 516 1 ? 13 
HELX_P HELX_P2 AA2 PHE A 80  ? ALA A 90  ? PHE A 570 ALA A 580 1 ? 11 
HELX_P HELX_P3 AA3 GLY A 106 ? HIS A 110 ? GLY A 596 HIS A 600 5 ? 5  
# 
_struct_conf_type.id          HELX_P 
_struct_conf_type.criteria    ? 
_struct_conf_type.reference   ? 
# 
loop_
_struct_mon_prot_cis.pdbx_id 
_struct_mon_prot_cis.label_comp_id 
_struct_mon_prot_cis.label_seq_id 
_struct_mon_prot_cis.label_asym_id 
_struct_mon_prot_cis.label_alt_id 
_struct_mon_prot_cis.pdbx_PDB_ins_code 
_struct_mon_prot_cis.auth_comp_id 
_struct_mon_prot_cis.auth_seq_id 
_struct_mon_prot_cis.auth_asym_id 
_struct_mon_prot_cis.pdbx_label_comp_id_2 
_struct_mon_prot_cis.pdbx_label_seq_id_2 
_struct_mon_prot_cis.pdbx_label_asym_id_2 
_struct_mon_prot_cis.pdbx_PDB_ins_code_2 
_struct_mon_prot_cis.pdbx_auth_comp_id_2 
_struct_mon_prot_cis.pdbx_auth_seq_id_2 
_struct_mon_prot_cis.pdbx_auth_asym_id_2 
_struct_mon_prot_cis.pdbx_PDB_model_num 
_struct_mon_prot_cis.pdbx_omega_angle 
1 ASN 48  A . ? ASN 538 A PRO 49  A ? PRO 539 A 1 0.34 
2 ASN 117 A . ? ASN 607 A PRO 118 A ? PRO 608 A 1 1.44 
# 
loop_
_struct_sheet.id 
_struct_sheet.type 
_struct_sheet.number_strands 
_struct_sheet.details 
AA1 ? 2 ? 
AA2 ? 3 ? 
AA3 ? 2 ? 
AA4 ? 3 ? 
# 
loop_
_struct_sheet_order.sheet_id 
_struct_sheet_order.range_id_1 
_struct_sheet_order.range_id_2 
_struct_sheet_order.offset 
_struct_sheet_order.sense 
AA1 1 2 ? anti-parallel 
AA2 1 2 ? parallel      
AA2 2 3 ? anti-parallel 
AA3 1 2 ? anti-parallel 
AA4 1 2 ? parallel      
AA4 2 3 ? anti-parallel 
# 
loop_
_struct_sheet_range.sheet_id 
_struct_sheet_range.id 
_struct_sheet_range.beg_label_comp_id 
_struct_sheet_range.beg_label_asym_id 
_struct_sheet_range.beg_label_seq_id 
_struct_sheet_range.pdbx_beg_PDB_ins_code 
_struct_sheet_range.end_label_comp_id 
_struct_sheet_range.end_label_asym_id 
_struct_sheet_range.end_label_seq_id 
_struct_sheet_range.pdbx_end_PDB_ins_code 
_struct_sheet_range.beg_auth_comp_id 
_struct_sheet_range.beg_auth_asym_id 
_struct_sheet_range.beg_auth_seq_id 
_struct_sheet_range.end_auth_comp_id 
_struct_sheet_range.end_auth_asym_id 
_struct_sheet_range.end_auth_seq_id 
AA1 1 THR A 4   ? ASP A 6   ? THR A 494 ASP A 496 
AA1 2 THR A 54  ? PRO A 56  ? THR A 544 PRO A 546 
AA2 1 PHE A 30  ? VAL A 35  ? PHE A 520 VAL A 525 
AA2 2 ILE A 61  ? SER A 66  ? ILE A 551 SER A 556 
AA2 3 VAL A 44  ? ASN A 48  ? VAL A 534 ASN A 538 
AA3 1 GLN A 70  ? VAL A 72  ? GLN A 560 VAL A 562 
AA3 2 GLY A 123 ? ASN A 125 ? GLY A 613 ASN A 615 
AA4 1 LEU A 97  ? LYS A 99  ? LEU A 587 LYS A 589 
AA4 2 ILE A 130 ? PHE A 134 ? ILE A 620 PHE A 624 
AA4 3 VAL A 113 ? ASN A 117 ? VAL A 603 ASN A 607 
# 
loop_
_pdbx_struct_sheet_hbond.sheet_id 
_pdbx_struct_sheet_hbond.range_id_1 
_pdbx_struct_sheet_hbond.range_id_2 
_pdbx_struct_sheet_hbond.range_1_label_atom_id 
_pdbx_struct_sheet_hbond.range_1_label_comp_id 
_pdbx_struct_sheet_hbond.range_1_label_asym_id 
_pdbx_struct_sheet_hbond.range_1_label_seq_id 
_pdbx_struct_sheet_hbond.range_1_PDB_ins_code 
_pdbx_struct_sheet_hbond.range_1_auth_atom_id 
_pdbx_struct_sheet_hbond.range_1_auth_comp_id 
_pdbx_struct_sheet_hbond.range_1_auth_asym_id 
_pdbx_struct_sheet_hbond.range_1_auth_seq_id 
_pdbx_struct_sheet_hbond.range_2_label_atom_id 
_pdbx_struct_sheet_hbond.range_2_label_comp_id 
_pdbx_struct_sheet_hbond.range_2_label_asym_id 
_pdbx_struct_sheet_hbond.range_2_label_seq_id 
_pdbx_struct_sheet_hbond.range_2_PDB_ins_code 
_pdbx_struct_sheet_hbond.range_2_auth_atom_id 
_pdbx_struct_sheet_hbond.range_2_auth_comp_id 
_pdbx_struct_sheet_hbond.range_2_auth_asym_id 
_pdbx_struct_sheet_hbond.range_2_auth_seq_id 
AA1 1 2 N LYS A 5   ? N LYS A 495 O VAL A 55  ? O VAL A 545 
AA2 1 2 N ALA A 33  ? N ALA A 523 O VAL A 65  ? O VAL A 555 
AA2 2 3 O GLN A 64  ? O GLN A 554 N THR A 45  ? N THR A 535 
AA3 1 2 N PHE A 71  ? N PHE A 561 O VAL A 124 ? O VAL A 614 
AA4 1 2 N ASP A 98  ? N ASP A 588 O ILE A 130 ? O ILE A 620 
AA4 2 3 O THR A 131 ? O THR A 621 N ASN A 117 ? N ASN A 607 
# 
_pdbx_SG_project.id                    1 
_pdbx_SG_project.project_name          ? 
_pdbx_SG_project.full_name_of_center   'TB Structural Genomics Consortium' 
_pdbx_SG_project.initial_of_center     TBSGC 
# 
_pdbx_phasing_MR.entry_id                     5E0Z 
_pdbx_phasing_MR.method_rotation              ? 
_pdbx_phasing_MR.method_translation           ? 
_pdbx_phasing_MR.model_details                ? 
_pdbx_phasing_MR.R_factor                     ? 
_pdbx_phasing_MR.R_rigid_body                 ? 
_pdbx_phasing_MR.correlation_coeff_Fo_to_Fc   ? 
_pdbx_phasing_MR.correlation_coeff_Io_to_Ic   ? 
_pdbx_phasing_MR.d_res_high_rotation          2.500 
_pdbx_phasing_MR.d_res_low_rotation           39.950 
_pdbx_phasing_MR.d_res_high_translation       2.500 
_pdbx_phasing_MR.d_res_low_translation        39.950 
_pdbx_phasing_MR.packing                      ? 
_pdbx_phasing_MR.reflns_percent_rotation      ? 
_pdbx_phasing_MR.reflns_percent_translation   ? 
_pdbx_phasing_MR.sigma_F_rotation             ? 
_pdbx_phasing_MR.sigma_F_translation          ? 
_pdbx_phasing_MR.sigma_I_rotation             ? 
_pdbx_phasing_MR.sigma_I_translation          ? 
# 
_phasing.method   MR 
# 
loop_
_chem_comp_atom.comp_id 
_chem_comp_atom.atom_id 
_chem_comp_atom.type_symbol 
_chem_comp_atom.pdbx_aromatic_flag 
_chem_comp_atom.pdbx_stereo_config 
_chem_comp_atom.pdbx_ordinal 
ALA N    N N N 1   
ALA CA   C N S 2   
ALA C    C N N 3   
ALA O    O N N 4   
ALA CB   C N N 5   
ALA OXT  O N N 6   
ALA H    H N N 7   
ALA H2   H N N 8   
ALA HA   H N N 9   
ALA HB1  H N N 10  
ALA HB2  H N N 11  
ALA HB3  H N N 12  
ALA HXT  H N N 13  
ARG N    N N N 14  
ARG CA   C N S 15  
ARG C    C N N 16  
ARG O    O N N 17  
ARG CB   C N N 18  
ARG CG   C N N 19  
ARG CD   C N N 20  
ARG NE   N N N 21  
ARG CZ   C N N 22  
ARG NH1  N N N 23  
ARG NH2  N N N 24  
ARG OXT  O N N 25  
ARG H    H N N 26  
ARG H2   H N N 27  
ARG HA   H N N 28  
ARG HB2  H N N 29  
ARG HB3  H N N 30  
ARG HG2  H N N 31  
ARG HG3  H N N 32  
ARG HD2  H N N 33  
ARG HD3  H N N 34  
ARG HE   H N N 35  
ARG HH11 H N N 36  
ARG HH12 H N N 37  
ARG HH21 H N N 38  
ARG HH22 H N N 39  
ARG HXT  H N N 40  
ASN N    N N N 41  
ASN CA   C N S 42  
ASN C    C N N 43  
ASN O    O N N 44  
ASN CB   C N N 45  
ASN CG   C N N 46  
ASN OD1  O N N 47  
ASN ND2  N N N 48  
ASN OXT  O N N 49  
ASN H    H N N 50  
ASN H2   H N N 51  
ASN HA   H N N 52  
ASN HB2  H N N 53  
ASN HB3  H N N 54  
ASN HD21 H N N 55  
ASN HD22 H N N 56  
ASN HXT  H N N 57  
ASP N    N N N 58  
ASP CA   C N S 59  
ASP C    C N N 60  
ASP O    O N N 61  
ASP CB   C N N 62  
ASP CG   C N N 63  
ASP OD1  O N N 64  
ASP OD2  O N N 65  
ASP OXT  O N N 66  
ASP H    H N N 67  
ASP H2   H N N 68  
ASP HA   H N N 69  
ASP HB2  H N N 70  
ASP HB3  H N N 71  
ASP HD2  H N N 72  
ASP HXT  H N N 73  
GLN N    N N N 74  
GLN CA   C N S 75  
GLN C    C N N 76  
GLN O    O N N 77  
GLN CB   C N N 78  
GLN CG   C N N 79  
GLN CD   C N N 80  
GLN OE1  O N N 81  
GLN NE2  N N N 82  
GLN OXT  O N N 83  
GLN H    H N N 84  
GLN H2   H N N 85  
GLN HA   H N N 86  
GLN HB2  H N N 87  
GLN HB3  H N N 88  
GLN HG2  H N N 89  
GLN HG3  H N N 90  
GLN HE21 H N N 91  
GLN HE22 H N N 92  
GLN HXT  H N N 93  
GLU N    N N N 94  
GLU CA   C N S 95  
GLU C    C N N 96  
GLU O    O N N 97  
GLU CB   C N N 98  
GLU CG   C N N 99  
GLU CD   C N N 100 
GLU OE1  O N N 101 
GLU OE2  O N N 102 
GLU OXT  O N N 103 
GLU H    H N N 104 
GLU H2   H N N 105 
GLU HA   H N N 106 
GLU HB2  H N N 107 
GLU HB3  H N N 108 
GLU HG2  H N N 109 
GLU HG3  H N N 110 
GLU HE2  H N N 111 
GLU HXT  H N N 112 
GLY N    N N N 113 
GLY CA   C N N 114 
GLY C    C N N 115 
GLY O    O N N 116 
GLY OXT  O N N 117 
GLY H    H N N 118 
GLY H2   H N N 119 
GLY HA2  H N N 120 
GLY HA3  H N N 121 
GLY HXT  H N N 122 
HIS N    N N N 123 
HIS CA   C N S 124 
HIS C    C N N 125 
HIS O    O N N 126 
HIS CB   C N N 127 
HIS CG   C Y N 128 
HIS ND1  N Y N 129 
HIS CD2  C Y N 130 
HIS CE1  C Y N 131 
HIS NE2  N Y N 132 
HIS OXT  O N N 133 
HIS H    H N N 134 
HIS H2   H N N 135 
HIS HA   H N N 136 
HIS HB2  H N N 137 
HIS HB3  H N N 138 
HIS HD1  H N N 139 
HIS HD2  H N N 140 
HIS HE1  H N N 141 
HIS HE2  H N N 142 
HIS HXT  H N N 143 
HOH O    O N N 144 
HOH H1   H N N 145 
HOH H2   H N N 146 
ILE N    N N N 147 
ILE CA   C N S 148 
ILE C    C N N 149 
ILE O    O N N 150 
ILE CB   C N S 151 
ILE CG1  C N N 152 
ILE CG2  C N N 153 
ILE CD1  C N N 154 
ILE OXT  O N N 155 
ILE H    H N N 156 
ILE H2   H N N 157 
ILE HA   H N N 158 
ILE HB   H N N 159 
ILE HG12 H N N 160 
ILE HG13 H N N 161 
ILE HG21 H N N 162 
ILE HG22 H N N 163 
ILE HG23 H N N 164 
ILE HD11 H N N 165 
ILE HD12 H N N 166 
ILE HD13 H N N 167 
ILE HXT  H N N 168 
LEU N    N N N 169 
LEU CA   C N S 170 
LEU C    C N N 171 
LEU O    O N N 172 
LEU CB   C N N 173 
LEU CG   C N N 174 
LEU CD1  C N N 175 
LEU CD2  C N N 176 
LEU OXT  O N N 177 
LEU H    H N N 178 
LEU H2   H N N 179 
LEU HA   H N N 180 
LEU HB2  H N N 181 
LEU HB3  H N N 182 
LEU HG   H N N 183 
LEU HD11 H N N 184 
LEU HD12 H N N 185 
LEU HD13 H N N 186 
LEU HD21 H N N 187 
LEU HD22 H N N 188 
LEU HD23 H N N 189 
LEU HXT  H N N 190 
LYS N    N N N 191 
LYS CA   C N S 192 
LYS C    C N N 193 
LYS O    O N N 194 
LYS CB   C N N 195 
LYS CG   C N N 196 
LYS CD   C N N 197 
LYS CE   C N N 198 
LYS NZ   N N N 199 
LYS OXT  O N N 200 
LYS H    H N N 201 
LYS H2   H N N 202 
LYS HA   H N N 203 
LYS HB2  H N N 204 
LYS HB3  H N N 205 
LYS HG2  H N N 206 
LYS HG3  H N N 207 
LYS HD2  H N N 208 
LYS HD3  H N N 209 
LYS HE2  H N N 210 
LYS HE3  H N N 211 
LYS HZ1  H N N 212 
LYS HZ2  H N N 213 
LYS HZ3  H N N 214 
LYS HXT  H N N 215 
MET N    N N N 216 
MET CA   C N S 217 
MET C    C N N 218 
MET O    O N N 219 
MET CB   C N N 220 
MET CG   C N N 221 
MET SD   S N N 222 
MET CE   C N N 223 
MET OXT  O N N 224 
MET H    H N N 225 
MET H2   H N N 226 
MET HA   H N N 227 
MET HB2  H N N 228 
MET HB3  H N N 229 
MET HG2  H N N 230 
MET HG3  H N N 231 
MET HE1  H N N 232 
MET HE2  H N N 233 
MET HE3  H N N 234 
MET HXT  H N N 235 
PHE N    N N N 236 
PHE CA   C N S 237 
PHE C    C N N 238 
PHE O    O N N 239 
PHE CB   C N N 240 
PHE CG   C Y N 241 
PHE CD1  C Y N 242 
PHE CD2  C Y N 243 
PHE CE1  C Y N 244 
PHE CE2  C Y N 245 
PHE CZ   C Y N 246 
PHE OXT  O N N 247 
PHE H    H N N 248 
PHE H2   H N N 249 
PHE HA   H N N 250 
PHE HB2  H N N 251 
PHE HB3  H N N 252 
PHE HD1  H N N 253 
PHE HD2  H N N 254 
PHE HE1  H N N 255 
PHE HE2  H N N 256 
PHE HZ   H N N 257 
PHE HXT  H N N 258 
PRO N    N N N 259 
PRO CA   C N S 260 
PRO C    C N N 261 
PRO O    O N N 262 
PRO CB   C N N 263 
PRO CG   C N N 264 
PRO CD   C N N 265 
PRO OXT  O N N 266 
PRO H    H N N 267 
PRO HA   H N N 268 
PRO HB2  H N N 269 
PRO HB3  H N N 270 
PRO HG2  H N N 271 
PRO HG3  H N N 272 
PRO HD2  H N N 273 
PRO HD3  H N N 274 
PRO HXT  H N N 275 
SER N    N N N 276 
SER CA   C N S 277 
SER C    C N N 278 
SER O    O N N 279 
SER CB   C N N 280 
SER OG   O N N 281 
SER OXT  O N N 282 
SER H    H N N 283 
SER H2   H N N 284 
SER HA   H N N 285 
SER HB2  H N N 286 
SER HB3  H N N 287 
SER HG   H N N 288 
SER HXT  H N N 289 
THR N    N N N 290 
THR CA   C N S 291 
THR C    C N N 292 
THR O    O N N 293 
THR CB   C N R 294 
THR OG1  O N N 295 
THR CG2  C N N 296 
THR OXT  O N N 297 
THR H    H N N 298 
THR H2   H N N 299 
THR HA   H N N 300 
THR HB   H N N 301 
THR HG1  H N N 302 
THR HG21 H N N 303 
THR HG22 H N N 304 
THR HG23 H N N 305 
THR HXT  H N N 306 
TRP N    N N N 307 
TRP CA   C N S 308 
TRP C    C N N 309 
TRP O    O N N 310 
TRP CB   C N N 311 
TRP CG   C Y N 312 
TRP CD1  C Y N 313 
TRP CD2  C Y N 314 
TRP NE1  N Y N 315 
TRP CE2  C Y N 316 
TRP CE3  C Y N 317 
TRP CZ2  C Y N 318 
TRP CZ3  C Y N 319 
TRP CH2  C Y N 320 
TRP OXT  O N N 321 
TRP H    H N N 322 
TRP H2   H N N 323 
TRP HA   H N N 324 
TRP HB2  H N N 325 
TRP HB3  H N N 326 
TRP HD1  H N N 327 
TRP HE1  H N N 328 
TRP HE3  H N N 329 
TRP HZ2  H N N 330 
TRP HZ3  H N N 331 
TRP HH2  H N N 332 
TRP HXT  H N N 333 
TYR N    N N N 334 
TYR CA   C N S 335 
TYR C    C N N 336 
TYR O    O N N 337 
TYR CB   C N N 338 
TYR CG   C Y N 339 
TYR CD1  C Y N 340 
TYR CD2  C Y N 341 
TYR CE1  C Y N 342 
TYR CE2  C Y N 343 
TYR CZ   C Y N 344 
TYR OH   O N N 345 
TYR OXT  O N N 346 
TYR H    H N N 347 
TYR H2   H N N 348 
TYR HA   H N N 349 
TYR HB2  H N N 350 
TYR HB3  H N N 351 
TYR HD1  H N N 352 
TYR HD2  H N N 353 
TYR HE1  H N N 354 
TYR HE2  H N N 355 
TYR HH   H N N 356 
TYR HXT  H N N 357 
VAL N    N N N 358 
VAL CA   C N S 359 
VAL C    C N N 360 
VAL O    O N N 361 
VAL CB   C N N 362 
VAL CG1  C N N 363 
VAL CG2  C N N 364 
VAL OXT  O N N 365 
VAL H    H N N 366 
VAL H2   H N N 367 
VAL HA   H N N 368 
VAL HB   H N N 369 
VAL HG11 H N N 370 
VAL HG12 H N N 371 
VAL HG13 H N N 372 
VAL HG21 H N N 373 
VAL HG22 H N N 374 
VAL HG23 H N N 375 
VAL HXT  H N N 376 
# 
loop_
_chem_comp_bond.comp_id 
_chem_comp_bond.atom_id_1 
_chem_comp_bond.atom_id_2 
_chem_comp_bond.value_order 
_chem_comp_bond.pdbx_aromatic_flag 
_chem_comp_bond.pdbx_stereo_config 
_chem_comp_bond.pdbx_ordinal 
ALA N   CA   sing N N 1   
ALA N   H    sing N N 2   
ALA N   H2   sing N N 3   
ALA CA  C    sing N N 4   
ALA CA  CB   sing N N 5   
ALA CA  HA   sing N N 6   
ALA C   O    doub N N 7   
ALA C   OXT  sing N N 8   
ALA CB  HB1  sing N N 9   
ALA CB  HB2  sing N N 10  
ALA CB  HB3  sing N N 11  
ALA OXT HXT  sing N N 12  
ARG N   CA   sing N N 13  
ARG N   H    sing N N 14  
ARG N   H2   sing N N 15  
ARG CA  C    sing N N 16  
ARG CA  CB   sing N N 17  
ARG CA  HA   sing N N 18  
ARG C   O    doub N N 19  
ARG C   OXT  sing N N 20  
ARG CB  CG   sing N N 21  
ARG CB  HB2  sing N N 22  
ARG CB  HB3  sing N N 23  
ARG CG  CD   sing N N 24  
ARG CG  HG2  sing N N 25  
ARG CG  HG3  sing N N 26  
ARG CD  NE   sing N N 27  
ARG CD  HD2  sing N N 28  
ARG CD  HD3  sing N N 29  
ARG NE  CZ   sing N N 30  
ARG NE  HE   sing N N 31  
ARG CZ  NH1  sing N N 32  
ARG CZ  NH2  doub N N 33  
ARG NH1 HH11 sing N N 34  
ARG NH1 HH12 sing N N 35  
ARG NH2 HH21 sing N N 36  
ARG NH2 HH22 sing N N 37  
ARG OXT HXT  sing N N 38  
ASN N   CA   sing N N 39  
ASN N   H    sing N N 40  
ASN N   H2   sing N N 41  
ASN CA  C    sing N N 42  
ASN CA  CB   sing N N 43  
ASN CA  HA   sing N N 44  
ASN C   O    doub N N 45  
ASN C   OXT  sing N N 46  
ASN CB  CG   sing N N 47  
ASN CB  HB2  sing N N 48  
ASN CB  HB3  sing N N 49  
ASN CG  OD1  doub N N 50  
ASN CG  ND2  sing N N 51  
ASN ND2 HD21 sing N N 52  
ASN ND2 HD22 sing N N 53  
ASN OXT HXT  sing N N 54  
ASP N   CA   sing N N 55  
ASP N   H    sing N N 56  
ASP N   H2   sing N N 57  
ASP CA  C    sing N N 58  
ASP CA  CB   sing N N 59  
ASP CA  HA   sing N N 60  
ASP C   O    doub N N 61  
ASP C   OXT  sing N N 62  
ASP CB  CG   sing N N 63  
ASP CB  HB2  sing N N 64  
ASP CB  HB3  sing N N 65  
ASP CG  OD1  doub N N 66  
ASP CG  OD2  sing N N 67  
ASP OD2 HD2  sing N N 68  
ASP OXT HXT  sing N N 69  
GLN N   CA   sing N N 70  
GLN N   H    sing N N 71  
GLN N   H2   sing N N 72  
GLN CA  C    sing N N 73  
GLN CA  CB   sing N N 74  
GLN CA  HA   sing N N 75  
GLN C   O    doub N N 76  
GLN C   OXT  sing N N 77  
GLN CB  CG   sing N N 78  
GLN CB  HB2  sing N N 79  
GLN CB  HB3  sing N N 80  
GLN CG  CD   sing N N 81  
GLN CG  HG2  sing N N 82  
GLN CG  HG3  sing N N 83  
GLN CD  OE1  doub N N 84  
GLN CD  NE2  sing N N 85  
GLN NE2 HE21 sing N N 86  
GLN NE2 HE22 sing N N 87  
GLN OXT HXT  sing N N 88  
GLU N   CA   sing N N 89  
GLU N   H    sing N N 90  
GLU N   H2   sing N N 91  
GLU CA  C    sing N N 92  
GLU CA  CB   sing N N 93  
GLU CA  HA   sing N N 94  
GLU C   O    doub N N 95  
GLU C   OXT  sing N N 96  
GLU CB  CG   sing N N 97  
GLU CB  HB2  sing N N 98  
GLU CB  HB3  sing N N 99  
GLU CG  CD   sing N N 100 
GLU CG  HG2  sing N N 101 
GLU CG  HG3  sing N N 102 
GLU CD  OE1  doub N N 103 
GLU CD  OE2  sing N N 104 
GLU OE2 HE2  sing N N 105 
GLU OXT HXT  sing N N 106 
GLY N   CA   sing N N 107 
GLY N   H    sing N N 108 
GLY N   H2   sing N N 109 
GLY CA  C    sing N N 110 
GLY CA  HA2  sing N N 111 
GLY CA  HA3  sing N N 112 
GLY C   O    doub N N 113 
GLY C   OXT  sing N N 114 
GLY OXT HXT  sing N N 115 
HIS N   CA   sing N N 116 
HIS N   H    sing N N 117 
HIS N   H2   sing N N 118 
HIS CA  C    sing N N 119 
HIS CA  CB   sing N N 120 
HIS CA  HA   sing N N 121 
HIS C   O    doub N N 122 
HIS C   OXT  sing N N 123 
HIS CB  CG   sing N N 124 
HIS CB  HB2  sing N N 125 
HIS CB  HB3  sing N N 126 
HIS CG  ND1  sing Y N 127 
HIS CG  CD2  doub Y N 128 
HIS ND1 CE1  doub Y N 129 
HIS ND1 HD1  sing N N 130 
HIS CD2 NE2  sing Y N 131 
HIS CD2 HD2  sing N N 132 
HIS CE1 NE2  sing Y N 133 
HIS CE1 HE1  sing N N 134 
HIS NE2 HE2  sing N N 135 
HIS OXT HXT  sing N N 136 
HOH O   H1   sing N N 137 
HOH O   H2   sing N N 138 
ILE N   CA   sing N N 139 
ILE N   H    sing N N 140 
ILE N   H2   sing N N 141 
ILE CA  C    sing N N 142 
ILE CA  CB   sing N N 143 
ILE CA  HA   sing N N 144 
ILE C   O    doub N N 145 
ILE C   OXT  sing N N 146 
ILE CB  CG1  sing N N 147 
ILE CB  CG2  sing N N 148 
ILE CB  HB   sing N N 149 
ILE CG1 CD1  sing N N 150 
ILE CG1 HG12 sing N N 151 
ILE CG1 HG13 sing N N 152 
ILE CG2 HG21 sing N N 153 
ILE CG2 HG22 sing N N 154 
ILE CG2 HG23 sing N N 155 
ILE CD1 HD11 sing N N 156 
ILE CD1 HD12 sing N N 157 
ILE CD1 HD13 sing N N 158 
ILE OXT HXT  sing N N 159 
LEU N   CA   sing N N 160 
LEU N   H    sing N N 161 
LEU N   H2   sing N N 162 
LEU CA  C    sing N N 163 
LEU CA  CB   sing N N 164 
LEU CA  HA   sing N N 165 
LEU C   O    doub N N 166 
LEU C   OXT  sing N N 167 
LEU CB  CG   sing N N 168 
LEU CB  HB2  sing N N 169 
LEU CB  HB3  sing N N 170 
LEU CG  CD1  sing N N 171 
LEU CG  CD2  sing N N 172 
LEU CG  HG   sing N N 173 
LEU CD1 HD11 sing N N 174 
LEU CD1 HD12 sing N N 175 
LEU CD1 HD13 sing N N 176 
LEU CD2 HD21 sing N N 177 
LEU CD2 HD22 sing N N 178 
LEU CD2 HD23 sing N N 179 
LEU OXT HXT  sing N N 180 
LYS N   CA   sing N N 181 
LYS N   H    sing N N 182 
LYS N   H2   sing N N 183 
LYS CA  C    sing N N 184 
LYS CA  CB   sing N N 185 
LYS CA  HA   sing N N 186 
LYS C   O    doub N N 187 
LYS C   OXT  sing N N 188 
LYS CB  CG   sing N N 189 
LYS CB  HB2  sing N N 190 
LYS CB  HB3  sing N N 191 
LYS CG  CD   sing N N 192 
LYS CG  HG2  sing N N 193 
LYS CG  HG3  sing N N 194 
LYS CD  CE   sing N N 195 
LYS CD  HD2  sing N N 196 
LYS CD  HD3  sing N N 197 
LYS CE  NZ   sing N N 198 
LYS CE  HE2  sing N N 199 
LYS CE  HE3  sing N N 200 
LYS NZ  HZ1  sing N N 201 
LYS NZ  HZ2  sing N N 202 
LYS NZ  HZ3  sing N N 203 
LYS OXT HXT  sing N N 204 
MET N   CA   sing N N 205 
MET N   H    sing N N 206 
MET N   H2   sing N N 207 
MET CA  C    sing N N 208 
MET CA  CB   sing N N 209 
MET CA  HA   sing N N 210 
MET C   O    doub N N 211 
MET C   OXT  sing N N 212 
MET CB  CG   sing N N 213 
MET CB  HB2  sing N N 214 
MET CB  HB3  sing N N 215 
MET CG  SD   sing N N 216 
MET CG  HG2  sing N N 217 
MET CG  HG3  sing N N 218 
MET SD  CE   sing N N 219 
MET CE  HE1  sing N N 220 
MET CE  HE2  sing N N 221 
MET CE  HE3  sing N N 222 
MET OXT HXT  sing N N 223 
PHE N   CA   sing N N 224 
PHE N   H    sing N N 225 
PHE N   H2   sing N N 226 
PHE CA  C    sing N N 227 
PHE CA  CB   sing N N 228 
PHE CA  HA   sing N N 229 
PHE C   O    doub N N 230 
PHE C   OXT  sing N N 231 
PHE CB  CG   sing N N 232 
PHE CB  HB2  sing N N 233 
PHE CB  HB3  sing N N 234 
PHE CG  CD1  doub Y N 235 
PHE CG  CD2  sing Y N 236 
PHE CD1 CE1  sing Y N 237 
PHE CD1 HD1  sing N N 238 
PHE CD2 CE2  doub Y N 239 
PHE CD2 HD2  sing N N 240 
PHE CE1 CZ   doub Y N 241 
PHE CE1 HE1  sing N N 242 
PHE CE2 CZ   sing Y N 243 
PHE CE2 HE2  sing N N 244 
PHE CZ  HZ   sing N N 245 
PHE OXT HXT  sing N N 246 
PRO N   CA   sing N N 247 
PRO N   CD   sing N N 248 
PRO N   H    sing N N 249 
PRO CA  C    sing N N 250 
PRO CA  CB   sing N N 251 
PRO CA  HA   sing N N 252 
PRO C   O    doub N N 253 
PRO C   OXT  sing N N 254 
PRO CB  CG   sing N N 255 
PRO CB  HB2  sing N N 256 
PRO CB  HB3  sing N N 257 
PRO CG  CD   sing N N 258 
PRO CG  HG2  sing N N 259 
PRO CG  HG3  sing N N 260 
PRO CD  HD2  sing N N 261 
PRO CD  HD3  sing N N 262 
PRO OXT HXT  sing N N 263 
SER N   CA   sing N N 264 
SER N   H    sing N N 265 
SER N   H2   sing N N 266 
SER CA  C    sing N N 267 
SER CA  CB   sing N N 268 
SER CA  HA   sing N N 269 
SER C   O    doub N N 270 
SER C   OXT  sing N N 271 
SER CB  OG   sing N N 272 
SER CB  HB2  sing N N 273 
SER CB  HB3  sing N N 274 
SER OG  HG   sing N N 275 
SER OXT HXT  sing N N 276 
THR N   CA   sing N N 277 
THR N   H    sing N N 278 
THR N   H2   sing N N 279 
THR CA  C    sing N N 280 
THR CA  CB   sing N N 281 
THR CA  HA   sing N N 282 
THR C   O    doub N N 283 
THR C   OXT  sing N N 284 
THR CB  OG1  sing N N 285 
THR CB  CG2  sing N N 286 
THR CB  HB   sing N N 287 
THR OG1 HG1  sing N N 288 
THR CG2 HG21 sing N N 289 
THR CG2 HG22 sing N N 290 
THR CG2 HG23 sing N N 291 
THR OXT HXT  sing N N 292 
TRP N   CA   sing N N 293 
TRP N   H    sing N N 294 
TRP N   H2   sing N N 295 
TRP CA  C    sing N N 296 
TRP CA  CB   sing N N 297 
TRP CA  HA   sing N N 298 
TRP C   O    doub N N 299 
TRP C   OXT  sing N N 300 
TRP CB  CG   sing N N 301 
TRP CB  HB2  sing N N 302 
TRP CB  HB3  sing N N 303 
TRP CG  CD1  doub Y N 304 
TRP CG  CD2  sing Y N 305 
TRP CD1 NE1  sing Y N 306 
TRP CD1 HD1  sing N N 307 
TRP CD2 CE2  doub Y N 308 
TRP CD2 CE3  sing Y N 309 
TRP NE1 CE2  sing Y N 310 
TRP NE1 HE1  sing N N 311 
TRP CE2 CZ2  sing Y N 312 
TRP CE3 CZ3  doub Y N 313 
TRP CE3 HE3  sing N N 314 
TRP CZ2 CH2  doub Y N 315 
TRP CZ2 HZ2  sing N N 316 
TRP CZ3 CH2  sing Y N 317 
TRP CZ3 HZ3  sing N N 318 
TRP CH2 HH2  sing N N 319 
TRP OXT HXT  sing N N 320 
TYR N   CA   sing N N 321 
TYR N   H    sing N N 322 
TYR N   H2   sing N N 323 
TYR CA  C    sing N N 324 
TYR CA  CB   sing N N 325 
TYR CA  HA   sing N N 326 
TYR C   O    doub N N 327 
TYR C   OXT  sing N N 328 
TYR CB  CG   sing N N 329 
TYR CB  HB2  sing N N 330 
TYR CB  HB3  sing N N 331 
TYR CG  CD1  doub Y N 332 
TYR CG  CD2  sing Y N 333 
TYR CD1 CE1  sing Y N 334 
TYR CD1 HD1  sing N N 335 
TYR CD2 CE2  doub Y N 336 
TYR CD2 HD2  sing N N 337 
TYR CE1 CZ   doub Y N 338 
TYR CE1 HE1  sing N N 339 
TYR CE2 CZ   sing Y N 340 
TYR CE2 HE2  sing N N 341 
TYR CZ  OH   sing N N 342 
TYR OH  HH   sing N N 343 
TYR OXT HXT  sing N N 344 
VAL N   CA   sing N N 345 
VAL N   H    sing N N 346 
VAL N   H2   sing N N 347 
VAL CA  C    sing N N 348 
VAL CA  CB   sing N N 349 
VAL CA  HA   sing N N 350 
VAL C   O    doub N N 351 
VAL C   OXT  sing N N 352 
VAL CB  CG1  sing N N 353 
VAL CB  CG2  sing N N 354 
VAL CB  HB   sing N N 355 
VAL CG1 HG11 sing N N 356 
VAL CG1 HG12 sing N N 357 
VAL CG1 HG13 sing N N 358 
VAL CG2 HG21 sing N N 359 
VAL CG2 HG22 sing N N 360 
VAL CG2 HG23 sing N N 361 
VAL OXT HXT  sing N N 362 
# 
_pdbx_audit_support.funding_organization   
'National Institutes of Health/National Institute of General Medical Sciences (NIH/NIGMS)' 
_pdbx_audit_support.country                'United States' 
_pdbx_audit_support.grant_number           GM70962 
_pdbx_audit_support.ordinal                1 
# 
_atom_sites.entry_id                    5E0Z 
_atom_sites.fract_transf_matrix[1][1]   0.01887500 
_atom_sites.fract_transf_matrix[1][2]   0.00831230 
_atom_sites.fract_transf_matrix[1][3]   0.01418574 
_atom_sites.fract_transf_matrix[2][1]   -0.02668709 
_atom_sites.fract_transf_matrix[2][2]   0.01289699 
_atom_sites.fract_transf_matrix[2][3]   0.02795168 
_atom_sites.fract_transf_matrix[3][1]   0.00262271 
_atom_sites.fract_transf_matrix[3][2]   -0.01287027 
_atom_sites.fract_transf_matrix[3][3]   0.00844243 
_atom_sites.fract_transf_vector[1]      0.652287 
_atom_sites.fract_transf_vector[2]      0.465033 
_atom_sites.fract_transf_vector[3]      0.867545 
# 
loop_
_atom_type.symbol 
C 
N 
O 
S 
# 
loop_
_atom_site.group_PDB 
_atom_site.id 
_atom_site.type_symbol 
_atom_site.label_atom_id 
_atom_site.label_alt_id 
_atom_site.label_comp_id 
_atom_site.label_asym_id 
_atom_site.label_entity_id 
_atom_site.label_seq_id 
_atom_site.pdbx_PDB_ins_code 
_atom_site.Cartn_x 
_atom_site.Cartn_y 
_atom_site.Cartn_z 
_atom_site.occupancy 
_atom_site.B_iso_or_equiv 
_atom_site.pdbx_formal_charge 
_atom_site.auth_seq_id 
_atom_site.auth_comp_id 
_atom_site.auth_asym_id 
_atom_site.auth_atom_id 
_atom_site.pdbx_PDB_model_num 
ATOM   1    N N   . GLY A 1 1   ? 17.168  -27.821 22.490  1.00 40.81 ? 491 GLY A N   1 
ATOM   2    C CA  . GLY A 1 1   ? 17.537  -27.049 21.321  1.00 38.94 ? 491 GLY A CA  1 
ATOM   3    C C   . GLY A 1 1   ? 16.921  -25.668 21.337  1.00 34.85 ? 491 GLY A C   1 
ATOM   4    O O   . GLY A 1 1   ? 16.596  -25.137 22.396  1.00 33.00 ? 491 GLY A O   1 
ATOM   5    N N   . PRO A 1 2   ? 16.757  -25.071 20.150  1.00 33.61 ? 492 PRO A N   1 
ATOM   6    C CA  . PRO A 1 2   ? 16.171  -23.735 19.997  1.00 32.01 ? 492 PRO A CA  1 
ATOM   7    C C   . PRO A 1 2   ? 14.764  -23.626 20.574  1.00 28.98 ? 492 PRO A C   1 
ATOM   8    O O   . PRO A 1 2   ? 13.977  -24.568 20.479  1.00 21.35 ? 492 PRO A O   1 
ATOM   9    C CB  . PRO A 1 2   ? 16.134  -23.542 18.478  1.00 25.67 ? 492 PRO A CB  1 
ATOM   10   C CG  . PRO A 1 2   ? 17.215  -24.428 17.964  1.00 34.81 ? 492 PRO A CG  1 
ATOM   11   C CD  . PRO A 1 2   ? 17.207  -25.624 18.862  1.00 31.86 ? 492 PRO A CD  1 
ATOM   12   N N   . ALA A 1 3   ? 14.451  -22.476 21.161  1.00 30.64 ? 493 ALA A N   1 
ATOM   13   C CA  . ALA A 1 3   ? 13.112  -22.236 21.680  1.00 31.44 ? 493 ALA A CA  1 
ATOM   14   C C   . ALA A 1 3   ? 12.141  -21.937 20.543  1.00 28.13 ? 493 ALA A C   1 
ATOM   15   O O   . ALA A 1 3   ? 12.553  -21.620 19.427  1.00 24.95 ? 493 ALA A O   1 
ATOM   16   C CB  . ALA A 1 3   ? 13.128  -21.089 22.681  1.00 32.96 ? 493 ALA A CB  1 
ATOM   17   N N   . THR A 1 4   ? 10.850  -22.056 20.829  1.00 22.56 ? 494 THR A N   1 
ATOM   18   C CA  . THR A 1 4   ? 9.824   -21.647 19.881  1.00 26.52 ? 494 THR A CA  1 
ATOM   19   C C   . THR A 1 4   ? 9.108   -20.431 20.444  1.00 26.63 ? 494 THR A C   1 
ATOM   20   O O   . THR A 1 4   ? 8.716   -20.419 21.611  1.00 23.98 ? 494 THR A O   1 
ATOM   21   C CB  . THR A 1 4   ? 8.808   -22.770 19.599  1.00 34.71 ? 494 THR A CB  1 
ATOM   22   O OG1 . THR A 1 4   ? 8.101   -23.094 20.803  1.00 31.04 ? 494 THR A OG1 1 
ATOM   23   C CG2 . THR A 1 4   ? 9.515   -24.012 19.072  1.00 29.98 ? 494 THR A CG2 1 
ATOM   24   N N   . LYS A 1 5   ? 8.952   -19.402 19.619  1.00 25.36 ? 495 LYS A N   1 
ATOM   25   C CA  . LYS A 1 5   ? 8.360   -18.151 20.077  1.00 21.09 ? 495 LYS A CA  1 
ATOM   26   C C   . LYS A 1 5   ? 7.389   -17.570 19.063  1.00 24.62 ? 495 LYS A C   1 
ATOM   27   O O   . LYS A 1 5   ? 7.469   -17.863 17.869  1.00 22.38 ? 495 LYS A O   1 
ATOM   28   C CB  . LYS A 1 5   ? 9.452   -17.124 20.380  1.00 27.55 ? 495 LYS A CB  1 
ATOM   29   C CG  . LYS A 1 5   ? 10.312  -17.456 21.585  1.00 28.52 ? 495 LYS A CG  1 
ATOM   30   C CD  . LYS A 1 5   ? 11.244  -16.306 21.919  1.00 28.28 ? 495 LYS A CD  1 
ATOM   31   C CE  . LYS A 1 5   ? 12.088  -16.612 23.143  1.00 33.83 ? 495 LYS A CE  1 
ATOM   32   N NZ  . LYS A 1 5   ? 13.007  -15.488 23.472  1.00 35.80 ? 495 LYS A NZ  1 
ATOM   33   N N   . ASP A 1 6   ? 6.470   -16.743 19.549  1.00 26.58 ? 496 ASP A N   1 
ATOM   34   C CA  . ASP A 1 6   ? 5.569   -16.006 18.676  1.00 24.84 ? 496 ASP A CA  1 
ATOM   35   C C   . ASP A 1 6   ? 6.332   -14.902 17.960  1.00 23.39 ? 496 ASP A C   1 
ATOM   36   O O   . ASP A 1 6   ? 7.041   -14.119 18.592  1.00 18.83 ? 496 ASP A O   1 
ATOM   37   C CB  . ASP A 1 6   ? 4.406   -15.408 19.469  1.00 23.77 ? 496 ASP A CB  1 
ATOM   38   C CG  . ASP A 1 6   ? 3.536   -16.464 20.118  1.00 35.63 ? 496 ASP A CG  1 
ATOM   39   O OD1 . ASP A 1 6   ? 2.950   -16.179 21.183  1.00 45.12 ? 496 ASP A OD1 1 
ATOM   40   O OD2 . ASP A 1 6   ? 3.437   -17.580 19.565  1.00 36.89 ? 496 ASP A OD2 1 
ATOM   41   N N   . ILE A 1 7   ? 6.195   -14.849 16.641  1.00 22.48 ? 497 ILE A N   1 
ATOM   42   C CA  . ILE A 1 7   ? 6.765   -13.751 15.876  1.00 21.61 ? 497 ILE A CA  1 
ATOM   43   C C   . ILE A 1 7   ? 6.041   -12.461 16.242  1.00 16.75 ? 497 ILE A C   1 
ATOM   44   O O   . ILE A 1 7   ? 4.827   -12.362 16.075  1.00 18.98 ? 497 ILE A O   1 
ATOM   45   C CB  . ILE A 1 7   ? 6.661   -13.991 14.358  1.00 21.45 ? 497 ILE A CB  1 
ATOM   46   C CG1 . ILE A 1 7   ? 7.406   -15.268 13.967  1.00 20.80 ? 497 ILE A CG1 1 
ATOM   47   C CG2 . ILE A 1 7   ? 7.208   -12.799 13.592  1.00 18.24 ? 497 ILE A CG2 1 
ATOM   48   C CD1 . ILE A 1 7   ? 7.198   -15.677 12.524  1.00 22.73 ? 497 ILE A CD1 1 
ATOM   49   N N   . PRO A 1 8   ? 6.782   -11.473 16.761  1.00 16.55 ? 498 PRO A N   1 
ATOM   50   C CA  . PRO A 1 8   ? 6.169   -10.190 17.115  1.00 17.30 ? 498 PRO A CA  1 
ATOM   51   C C   . PRO A 1 8   ? 5.794   -9.378  15.883  1.00 20.33 ? 498 PRO A C   1 
ATOM   52   O O   . PRO A 1 8   ? 6.401   -9.550  14.823  1.00 17.26 ? 498 PRO A O   1 
ATOM   53   C CB  . PRO A 1 8   ? 7.264   -9.487  17.921  1.00 18.02 ? 498 PRO A CB  1 
ATOM   54   C CG  . PRO A 1 8   ? 8.532   -10.080 17.420  1.00 23.03 ? 498 PRO A CG  1 
ATOM   55   C CD  . PRO A 1 8   ? 8.219   -11.512 17.089  1.00 19.14 ? 498 PRO A CD  1 
ATOM   56   N N   . ASP A 1 9   ? 4.799   -8.509  16.021  1.00 17.36 ? 499 ASP A N   1 
ATOM   57   C CA  . ASP A 1 9   ? 4.397   -7.630  14.929  1.00 19.24 ? 499 ASP A CA  1 
ATOM   58   C C   . ASP A 1 9   ? 5.415   -6.508  14.766  1.00 20.31 ? 499 ASP A C   1 
ATOM   59   O O   . ASP A 1 9   ? 5.736   -5.808  15.726  1.00 16.45 ? 499 ASP A O   1 
ATOM   60   C CB  . ASP A 1 9   ? 3.003   -7.053  15.178  1.00 19.00 ? 499 ASP A CB  1 
ATOM   61   C CG  . ASP A 1 9   ? 2.400   -6.430  13.934  1.00 23.95 ? 499 ASP A CG  1 
ATOM   62   O OD1 . ASP A 1 9   ? 2.748   -5.273  13.615  1.00 20.63 ? 499 ASP A OD1 1 
ATOM   63   O OD2 . ASP A 1 9   ? 1.576   -7.099  13.275  1.00 33.06 ? 499 ASP A OD2 1 
ATOM   64   N N   . VAL A 1 10  ? 5.925   -6.345  13.551  1.00 14.48 ? 500 VAL A N   1 
ATOM   65   C CA  . VAL A 1 10  ? 6.936   -5.329  13.284  1.00 14.98 ? 500 VAL A CA  1 
ATOM   66   C C   . VAL A 1 10  ? 6.520   -4.423  12.130  1.00 16.56 ? 500 VAL A C   1 
ATOM   67   O O   . VAL A 1 10  ? 7.355   -3.759  11.519  1.00 14.26 ? 500 VAL A O   1 
ATOM   68   C CB  . VAL A 1 10  ? 8.301   -5.966  12.962  1.00 18.78 ? 500 VAL A CB  1 
ATOM   69   C CG1 . VAL A 1 10  ? 8.848   -6.703  14.180  1.00 13.49 ? 500 VAL A CG1 1 
ATOM   70   C CG2 . VAL A 1 10  ? 8.181   -6.906  11.769  1.00 13.84 ? 500 VAL A CG2 1 
ATOM   71   N N   . ALA A 1 11  ? 5.221   -4.402  11.843  1.00 17.67 ? 501 ALA A N   1 
ATOM   72   C CA  . ALA A 1 11  ? 4.685   -3.602  10.748  1.00 15.74 ? 501 ALA A CA  1 
ATOM   73   C C   . ALA A 1 11  ? 4.981   -2.118  10.944  1.00 17.82 ? 501 ALA A C   1 
ATOM   74   O O   . ALA A 1 11  ? 4.756   -1.565  12.021  1.00 11.47 ? 501 ALA A O   1 
ATOM   75   C CB  . ALA A 1 11  ? 3.188   -3.829  10.613  1.00 20.98 ? 501 ALA A CB  1 
ATOM   76   N N   . GLY A 1 12  ? 5.496   -1.482  9.898   1.00 17.53 ? 502 GLY A N   1 
ATOM   77   C CA  . GLY A 1 12  ? 5.807   -0.067  9.946   1.00 13.33 ? 502 GLY A CA  1 
ATOM   78   C C   . GLY A 1 12  ? 7.244   0.212   10.340  1.00 13.04 ? 502 GLY A C   1 
ATOM   79   O O   . GLY A 1 12  ? 7.755   1.306   10.107  1.00 14.40 ? 502 GLY A O   1 
ATOM   80   N N   . GLN A 1 13  ? 7.898   -0.775  10.945  1.00 9.04  ? 503 GLN A N   1 
ATOM   81   C CA  . GLN A 1 13  ? 9.288   -0.622  11.351  1.00 12.38 ? 503 GLN A CA  1 
ATOM   82   C C   . GLN A 1 13  ? 10.216  -0.799  10.159  1.00 15.23 ? 503 GLN A C   1 
ATOM   83   O O   . GLN A 1 13  ? 9.989   -1.662  9.308   1.00 11.60 ? 503 GLN A O   1 
ATOM   84   C CB  . GLN A 1 13  ? 9.651   -1.630  12.445  1.00 11.44 ? 503 GLN A CB  1 
ATOM   85   C CG  . GLN A 1 13  ? 8.818   -1.508  13.709  1.00 12.26 ? 503 GLN A CG  1 
ATOM   86   C CD  . GLN A 1 13  ? 9.050   -2.657  14.674  1.00 14.42 ? 503 GLN A CD  1 
ATOM   87   O OE1 . GLN A 1 13  ? 10.139  -3.230  14.729  1.00 13.35 ? 503 GLN A OE1 1 
ATOM   88   N NE2 . GLN A 1 13  ? 8.021   -3.000  15.440  1.00 15.25 ? 503 GLN A NE2 1 
ATOM   89   N N   . THR A 1 14  ? 11.262  0.020   10.098  1.00 11.80 ? 504 THR A N   1 
ATOM   90   C CA  . THR A 1 14  ? 12.298  -0.155  9.091   1.00 13.63 ? 504 THR A CA  1 
ATOM   91   C C   . THR A 1 14  ? 12.940  -1.524  9.266   1.00 15.51 ? 504 THR A C   1 
ATOM   92   O O   . THR A 1 14  ? 12.888  -2.106  10.351  1.00 14.62 ? 504 THR A O   1 
ATOM   93   C CB  . THR A 1 14  ? 13.388  0.928   9.182   1.00 16.90 ? 504 THR A CB  1 
ATOM   94   O OG1 . THR A 1 14  ? 14.064  0.823   10.443  1.00 13.05 ? 504 THR A OG1 1 
ATOM   95   C CG2 . THR A 1 14  ? 12.785  2.320   9.039   1.00 19.17 ? 504 THR A CG2 1 
ATOM   96   N N   . VAL A 1 15  ? 13.539  -2.033  8.196   1.00 13.68 ? 505 VAL A N   1 
ATOM   97   C CA  . VAL A 1 15  ? 14.206  -3.328  8.232   1.00 15.84 ? 505 VAL A CA  1 
ATOM   98   C C   . VAL A 1 15  ? 15.261  -3.361  9.338   1.00 11.83 ? 505 VAL A C   1 
ATOM   99   O O   . VAL A 1 15  ? 15.392  -4.351  10.058  1.00 15.50 ? 505 VAL A O   1 
ATOM   100  C CB  . VAL A 1 15  ? 14.854  -3.652  6.869   1.00 14.30 ? 505 VAL A CB  1 
ATOM   101  C CG1 . VAL A 1 15  ? 15.872  -4.763  7.005   1.00 10.63 ? 505 VAL A CG1 1 
ATOM   102  C CG2 . VAL A 1 15  ? 13.787  -4.023  5.857   1.00 13.41 ? 505 VAL A CG2 1 
ATOM   103  N N   . ASP A 1 16  ? 15.987  -2.258  9.484   1.00 12.01 ? 506 ASP A N   1 
ATOM   104  C CA  . ASP A 1 16  ? 17.017  -2.137  10.511  1.00 19.40 ? 506 ASP A CA  1 
ATOM   105  C C   . ASP A 1 16  ? 16.431  -2.291  11.914  1.00 18.93 ? 506 ASP A C   1 
ATOM   106  O O   . ASP A 1 16  ? 16.939  -3.063  12.729  1.00 17.43 ? 506 ASP A O   1 
ATOM   107  C CB  . ASP A 1 16  ? 17.730  -0.790  10.386  1.00 17.84 ? 506 ASP A CB  1 
ATOM   108  C CG  . ASP A 1 16  ? 18.983  -0.713  11.231  1.00 21.10 ? 506 ASP A CG  1 
ATOM   109  O OD1 . ASP A 1 16  ? 19.389  0.412   11.590  1.00 26.40 ? 506 ASP A OD1 1 
ATOM   110  O OD2 . ASP A 1 16  ? 19.563  -1.779  11.531  1.00 17.20 ? 506 ASP A OD2 1 
ATOM   111  N N   . VAL A 1 17  ? 15.357  -1.556  12.182  1.00 12.77 ? 507 VAL A N   1 
ATOM   112  C CA  . VAL A 1 17  ? 14.698  -1.589  13.484  1.00 13.68 ? 507 VAL A CA  1 
ATOM   113  C C   . VAL A 1 17  ? 13.994  -2.925  13.719  1.00 15.92 ? 507 VAL A C   1 
ATOM   114  O O   . VAL A 1 17  ? 14.070  -3.492  14.813  1.00 13.31 ? 507 VAL A O   1 
ATOM   115  C CB  . VAL A 1 17  ? 13.679  -0.434  13.618  1.00 13.70 ? 507 VAL A CB  1 
ATOM   116  C CG1 . VAL A 1 17  ? 12.749  -0.656  14.808  1.00 12.93 ? 507 VAL A CG1 1 
ATOM   117  C CG2 . VAL A 1 17  ? 14.407  0.897   13.739  1.00 15.08 ? 507 VAL A CG2 1 
ATOM   118  N N   . ALA A 1 18  ? 13.321  -3.427  12.688  1.00 13.87 ? 508 ALA A N   1 
ATOM   119  C CA  . ALA A 1 18  ? 12.596  -4.690  12.786  1.00 14.76 ? 508 ALA A CA  1 
ATOM   120  C C   . ALA A 1 18  ? 13.527  -5.847  13.144  1.00 17.64 ? 508 ALA A C   1 
ATOM   121  O O   . ALA A 1 18  ? 13.233  -6.634  14.046  1.00 11.08 ? 508 ALA A O   1 
ATOM   122  C CB  . ALA A 1 18  ? 11.869  -4.983  11.482  1.00 15.99 ? 508 ALA A CB  1 
ATOM   123  N N   . GLN A 1 19  ? 14.654  -5.941  12.445  1.00 16.51 ? 509 GLN A N   1 
ATOM   124  C CA  . GLN A 1 19  ? 15.614  -7.012  12.692  1.00 18.78 ? 509 GLN A CA  1 
ATOM   125  C C   . GLN A 1 19  ? 16.234  -6.917  14.082  1.00 16.69 ? 509 GLN A C   1 
ATOM   126  O O   . GLN A 1 19  ? 16.485  -7.938  14.721  1.00 13.34 ? 509 GLN A O   1 
ATOM   127  C CB  . GLN A 1 19  ? 16.718  -7.007  11.634  1.00 21.33 ? 509 GLN A CB  1 
ATOM   128  C CG  . GLN A 1 19  ? 16.278  -7.528  10.279  1.00 23.84 ? 509 GLN A CG  1 
ATOM   129  C CD  . GLN A 1 19  ? 17.442  -7.701  9.322   1.00 24.46 ? 509 GLN A CD  1 
ATOM   130  O OE1 . GLN A 1 19  ? 17.677  -6.864  8.456   1.00 23.57 ? 509 GLN A OE1 1 
ATOM   131  N NE2 . GLN A 1 19  ? 18.174  -8.797  9.474   1.00 29.25 ? 509 GLN A NE2 1 
ATOM   132  N N   . LYS A 1 20  ? 16.485  -5.695  14.543  1.00 13.63 ? 510 LYS A N   1 
ATOM   133  C CA  . LYS A 1 20  ? 17.048  -5.493  15.875  1.00 16.81 ? 510 LYS A CA  1 
ATOM   134  C C   . LYS A 1 20  ? 16.078  -5.979  16.944  1.00 15.58 ? 510 LYS A C   1 
ATOM   135  O O   . LYS A 1 20  ? 16.472  -6.677  17.876  1.00 16.31 ? 510 LYS A O   1 
ATOM   136  C CB  . LYS A 1 20  ? 17.398  -4.021  16.110  1.00 18.08 ? 510 LYS A CB  1 
ATOM   137  C CG  . LYS A 1 20  ? 18.715  -3.584  15.487  1.00 22.02 ? 510 LYS A CG  1 
ATOM   138  C CD  . LYS A 1 20  ? 19.043  -2.141  15.842  1.00 30.89 ? 510 LYS A CD  1 
ATOM   139  C CE  . LYS A 1 20  ? 20.424  -1.746  15.341  1.00 31.52 ? 510 LYS A CE  1 
ATOM   140  N NZ  . LYS A 1 20  ? 20.481  -1.671  13.856  1.00 32.99 ? 510 LYS A NZ  1 
ATOM   141  N N   . ASN A 1 21  ? 14.807  -5.614  16.801  1.00 16.14 ? 511 ASN A N   1 
ATOM   142  C CA  . ASN A 1 21  ? 13.789  -6.041  17.752  1.00 14.93 ? 511 ASN A CA  1 
ATOM   143  C C   . ASN A 1 21  ? 13.580  -7.550  17.708  1.00 20.84 ? 511 ASN A C   1 
ATOM   144  O O   . ASN A 1 21  ? 13.378  -8.188  18.741  1.00 19.98 ? 511 ASN A O   1 
ATOM   145  C CB  . ASN A 1 21  ? 12.468  -5.319  17.487  1.00 12.50 ? 511 ASN A CB  1 
ATOM   146  C CG  . ASN A 1 21  ? 12.571  -3.822  17.700  1.00 14.07 ? 511 ASN A CG  1 
ATOM   147  O OD1 . ASN A 1 21  ? 13.454  -3.343  18.414  1.00 16.80 ? 511 ASN A OD1 1 
ATOM   148  N ND2 . ASN A 1 21  ? 11.664  -3.072  17.084  1.00 14.64 ? 511 ASN A ND2 1 
ATOM   149  N N   . LEU A 1 22  ? 13.634  -8.117  16.507  1.00 19.46 ? 512 LEU A N   1 
ATOM   150  C CA  . LEU A 1 22  ? 13.506  -9.560  16.335  1.00 20.05 ? 512 LEU A CA  1 
ATOM   151  C C   . LEU A 1 22  ? 14.710  -10.288 16.932  1.00 19.66 ? 512 LEU A C   1 
ATOM   152  O O   . LEU A 1 22  ? 14.577  -11.391 17.463  1.00 22.15 ? 512 LEU A O   1 
ATOM   153  C CB  . LEU A 1 22  ? 13.345  -9.910  14.854  1.00 20.91 ? 512 LEU A CB  1 
ATOM   154  C CG  . LEU A 1 22  ? 11.980  -9.584  14.242  1.00 17.04 ? 512 LEU A CG  1 
ATOM   155  C CD1 . LEU A 1 22  ? 12.032  -9.626  12.723  1.00 18.50 ? 512 LEU A CD1 1 
ATOM   156  C CD2 . LEU A 1 22  ? 10.933  -10.551 14.759  1.00 22.21 ? 512 LEU A CD2 1 
ATOM   157  N N   . ASN A 1 23  ? 15.881  -9.663  16.846  1.00 20.08 ? 513 ASN A N   1 
ATOM   158  C CA  . ASN A 1 23  ? 17.096  -10.212 17.441  1.00 19.66 ? 513 ASN A CA  1 
ATOM   159  C C   . ASN A 1 23  ? 16.979  -10.342 18.955  1.00 22.99 ? 513 ASN A C   1 
ATOM   160  O O   . ASN A 1 23  ? 17.440  -11.322 19.541  1.00 17.27 ? 513 ASN A O   1 
ATOM   161  C CB  . ASN A 1 23  ? 18.309  -9.344  17.096  1.00 21.81 ? 513 ASN A CB  1 
ATOM   162  C CG  . ASN A 1 23  ? 18.861  -9.628  15.713  1.00 31.03 ? 513 ASN A CG  1 
ATOM   163  O OD1 . ASN A 1 23  ? 18.250  -10.344 14.919  1.00 33.96 ? 513 ASN A OD1 1 
ATOM   164  N ND2 . ASN A 1 23  ? 20.026  -9.065  15.417  1.00 33.45 ? 513 ASN A ND2 1 
ATOM   165  N N   . VAL A 1 24  ? 16.362  -9.345  19.580  1.00 17.61 ? 514 VAL A N   1 
ATOM   166  C CA  . VAL A 1 24  ? 16.190  -9.330  21.029  1.00 22.07 ? 514 VAL A CA  1 
ATOM   167  C C   . VAL A 1 24  ? 15.261  -10.462 21.472  1.00 27.62 ? 514 VAL A C   1 
ATOM   168  O O   . VAL A 1 24  ? 15.425  -11.026 22.556  1.00 22.76 ? 514 VAL A O   1 
ATOM   169  C CB  . VAL A 1 24  ? 15.641  -7.966  21.506  1.00 23.20 ? 514 VAL A CB  1 
ATOM   170  C CG1 . VAL A 1 24  ? 15.448  -7.951  23.013  1.00 25.84 ? 514 VAL A CG1 1 
ATOM   171  C CG2 . VAL A 1 24  ? 16.577  -6.846  21.084  1.00 18.54 ? 514 VAL A CG2 1 
ATOM   172  N N   . TYR A 1 25  ? 14.299  -10.804 20.620  1.00 24.18 ? 515 TYR A N   1 
ATOM   173  C CA  . TYR A 1 25  ? 13.408  -11.933 20.882  1.00 20.58 ? 515 TYR A CA  1 
ATOM   174  C C   . TYR A 1 25  ? 14.122  -13.277 20.747  1.00 19.31 ? 515 TYR A C   1 
ATOM   175  O O   . TYR A 1 25  ? 13.634  -14.294 21.235  1.00 24.62 ? 515 TYR A O   1 
ATOM   176  C CB  . TYR A 1 25  ? 12.202  -11.901 19.942  1.00 22.69 ? 515 TYR A CB  1 
ATOM   177  C CG  . TYR A 1 25  ? 11.044  -11.071 20.443  1.00 24.56 ? 515 TYR A CG  1 
ATOM   178  C CD1 . TYR A 1 25  ? 10.047  -11.637 21.225  1.00 26.38 ? 515 TYR A CD1 1 
ATOM   179  C CD2 . TYR A 1 25  ? 10.940  -9.725  20.122  1.00 29.97 ? 515 TYR A CD2 1 
ATOM   180  C CE1 . TYR A 1 25  ? 8.983   -10.883 21.684  1.00 27.85 ? 515 TYR A CE1 1 
ATOM   181  C CE2 . TYR A 1 25  ? 9.881   -8.963  20.576  1.00 33.24 ? 515 TYR A CE2 1 
ATOM   182  C CZ  . TYR A 1 25  ? 8.906   -9.546  21.355  1.00 26.38 ? 515 TYR A CZ  1 
ATOM   183  O OH  . TYR A 1 25  ? 7.851   -8.787  21.804  1.00 33.06 ? 515 TYR A OH  1 
ATOM   184  N N   . GLY A 1 26  ? 15.268  -13.282 20.075  1.00 21.50 ? 516 GLY A N   1 
ATOM   185  C CA  . GLY A 1 26  ? 16.031  -14.504 19.897  1.00 21.98 ? 516 GLY A CA  1 
ATOM   186  C C   . GLY A 1 26  ? 16.038  -15.013 18.469  1.00 25.83 ? 516 GLY A C   1 
ATOM   187  O O   . GLY A 1 26  ? 16.707  -16.000 18.160  1.00 33.86 ? 516 GLY A O   1 
ATOM   188  N N   . PHE A 1 27  ? 15.288  -14.349 17.595  1.00 22.86 ? 517 PHE A N   1 
ATOM   189  C CA  . PHE A 1 27  ? 15.277  -14.707 16.180  1.00 23.40 ? 517 PHE A CA  1 
ATOM   190  C C   . PHE A 1 27  ? 16.578  -14.256 15.527  1.00 29.66 ? 517 PHE A C   1 
ATOM   191  O O   . PHE A 1 27  ? 17.039  -13.135 15.749  1.00 25.45 ? 517 PHE A O   1 
ATOM   192  C CB  . PHE A 1 27  ? 14.072  -14.090 15.467  1.00 17.69 ? 517 PHE A CB  1 
ATOM   193  C CG  . PHE A 1 27  ? 12.750  -14.591 15.974  1.00 20.85 ? 517 PHE A CG  1 
ATOM   194  C CD1 . PHE A 1 27  ? 12.304  -15.861 15.646  1.00 20.97 ? 517 PHE A CD1 1 
ATOM   195  C CD2 . PHE A 1 27  ? 11.956  -13.796 16.783  1.00 18.99 ? 517 PHE A CD2 1 
ATOM   196  C CE1 . PHE A 1 27  ? 11.089  -16.328 16.112  1.00 20.73 ? 517 PHE A CE1 1 
ATOM   197  C CE2 . PHE A 1 27  ? 10.740  -14.257 17.254  1.00 22.91 ? 517 PHE A CE2 1 
ATOM   198  C CZ  . PHE A 1 27  ? 10.306  -15.524 16.917  1.00 22.01 ? 517 PHE A CZ  1 
ATOM   199  N N   . THR A 1 28  ? 17.167  -15.133 14.720  1.00 26.05 ? 518 THR A N   1 
ATOM   200  C CA  . THR A 1 28  ? 18.515  -14.900 14.215  1.00 33.47 ? 518 THR A CA  1 
ATOM   201  C C   . THR A 1 28  ? 18.634  -14.865 12.690  1.00 34.08 ? 518 THR A C   1 
ATOM   202  O O   . THR A 1 28  ? 19.491  -14.161 12.154  1.00 31.49 ? 518 THR A O   1 
ATOM   203  C CB  . THR A 1 28  ? 19.487  -15.971 14.754  1.00 31.81 ? 518 THR A CB  1 
ATOM   204  O OG1 . THR A 1 28  ? 20.744  -15.861 14.077  1.00 46.98 ? 518 THR A OG1 1 
ATOM   205  C CG2 . THR A 1 28  ? 18.918  -17.366 14.540  1.00 30.00 ? 518 THR A CG2 1 
ATOM   206  N N   . LYS A 1 29  ? 17.789  -15.612 11.985  1.00 26.33 ? 519 LYS A N   1 
ATOM   207  C CA  . LYS A 1 29  ? 17.916  -15.680 10.532  1.00 26.58 ? 519 LYS A CA  1 
ATOM   208  C C   . LYS A 1 29  ? 16.730  -15.039 9.822   1.00 24.24 ? 519 LYS A C   1 
ATOM   209  O O   . LYS A 1 29  ? 15.572  -15.272 10.172  1.00 26.23 ? 519 LYS A O   1 
ATOM   210  C CB  . LYS A 1 29  ? 18.071  -17.124 10.069  1.00 29.65 ? 519 LYS A CB  1 
ATOM   211  C CG  . LYS A 1 29  ? 17.045  -18.067 10.651  1.00 34.16 ? 519 LYS A CG  1 
ATOM   212  C CD  . LYS A 1 29  ? 17.319  -19.500 10.241  1.00 38.43 ? 519 LYS A CD  1 
ATOM   213  C CE  . LYS A 1 29  ? 18.635  -19.993 10.811  1.00 42.07 ? 519 LYS A CE  1 
ATOM   214  N NZ  . LYS A 1 29  ? 18.906  -21.404 10.428  1.00 41.92 ? 519 LYS A NZ  1 
ATOM   215  N N   . PHE A 1 30  ? 17.035  -14.232 8.811   1.00 18.72 ? 520 PHE A N   1 
ATOM   216  C CA  . PHE A 1 30  ? 16.010  -13.507 8.076   1.00 22.00 ? 520 PHE A CA  1 
ATOM   217  C C   . PHE A 1 30  ? 16.230  -13.581 6.574   1.00 21.77 ? 520 PHE A C   1 
ATOM   218  O O   . PHE A 1 30  ? 17.350  -13.776 6.103   1.00 23.95 ? 520 PHE A O   1 
ATOM   219  C CB  . PHE A 1 30  ? 15.977  -12.041 8.508   1.00 23.00 ? 520 PHE A CB  1 
ATOM   220  C CG  . PHE A 1 30  ? 15.881  -11.847 9.989   1.00 21.25 ? 520 PHE A CG  1 
ATOM   221  C CD1 . PHE A 1 30  ? 14.694  -12.090 10.655  1.00 23.60 ? 520 PHE A CD1 1 
ATOM   222  C CD2 . PHE A 1 30  ? 16.978  -11.416 10.715  1.00 24.67 ? 520 PHE A CD2 1 
ATOM   223  C CE1 . PHE A 1 30  ? 14.603  -11.912 12.020  1.00 27.96 ? 520 PHE A CE1 1 
ATOM   224  C CE2 . PHE A 1 30  ? 16.893  -11.233 12.080  1.00 28.46 ? 520 PHE A CE2 1 
ATOM   225  C CZ  . PHE A 1 30  ? 15.703  -11.481 12.734  1.00 26.64 ? 520 PHE A CZ  1 
ATOM   226  N N   . SER A 1 31  ? 15.139  -13.424 5.835   1.00 20.29 ? 521 SER A N   1 
ATOM   227  C CA  . SER A 1 31  ? 15.185  -13.199 4.398   1.00 25.21 ? 521 SER A CA  1 
ATOM   228  C C   . SER A 1 31  ? 14.289  -12.002 4.102   1.00 21.70 ? 521 SER A C   1 
ATOM   229  O O   . SER A 1 31  ? 13.490  -11.603 4.947   1.00 19.97 ? 521 SER A O   1 
ATOM   230  C CB  . SER A 1 31  ? 14.729  -14.434 3.625   1.00 18.87 ? 521 SER A CB  1 
ATOM   231  O OG  . SER A 1 31  ? 13.375  -14.736 3.915   1.00 25.86 ? 521 SER A OG  1 
ATOM   232  N N   . GLN A 1 32  ? 14.422  -11.417 2.917   1.00 19.38 ? 522 GLN A N   1 
ATOM   233  C CA  . GLN A 1 32  ? 13.658  -10.214 2.603   1.00 16.38 ? 522 GLN A CA  1 
ATOM   234  C C   . GLN A 1 32  ? 13.035  -10.261 1.216   1.00 20.01 ? 522 GLN A C   1 
ATOM   235  O O   . GLN A 1 32  ? 13.667  -10.688 0.249   1.00 20.24 ? 522 GLN A O   1 
ATOM   236  C CB  . GLN A 1 32  ? 14.543  -8.971  2.728   1.00 14.76 ? 522 GLN A CB  1 
ATOM   237  C CG  . GLN A 1 32  ? 15.110  -8.748  4.117   1.00 16.60 ? 522 GLN A CG  1 
ATOM   238  C CD  . GLN A 1 32  ? 16.083  -7.590  4.169   1.00 16.38 ? 522 GLN A CD  1 
ATOM   239  O OE1 . GLN A 1 32  ? 15.981  -6.643  3.390   1.00 10.63 ? 522 GLN A OE1 1 
ATOM   240  N NE2 . GLN A 1 32  ? 17.041  -7.663  5.088   1.00 12.99 ? 522 GLN A NE2 1 
ATOM   241  N N   . ALA A 1 33  ? 11.787  -9.814  1.136   1.00 15.42 ? 523 ALA A N   1 
ATOM   242  C CA  . ALA A 1 33  ? 11.081  -9.711  -0.132  1.00 16.69 ? 523 ALA A CA  1 
ATOM   243  C C   . ALA A 1 33  ? 10.565  -8.292  -0.331  1.00 20.77 ? 523 ALA A C   1 
ATOM   244  O O   . ALA A 1 33  ? 9.983   -7.700  0.580   1.00 18.99 ? 523 ALA A O   1 
ATOM   245  C CB  . ALA A 1 33  ? 9.933   -10.707 -0.190  1.00 16.35 ? 523 ALA A CB  1 
ATOM   246  N N   A SER A 1 34  ? 10.769  -7.762  -1.531  0.39 16.86 ? 524 SER A N   1 
ATOM   247  N N   B SER A 1 34  ? 10.801  -7.741  -1.517  0.61 17.50 ? 524 SER A N   1 
ATOM   248  C CA  A SER A 1 34  ? 10.319  -6.420  -1.870  0.39 18.67 ? 524 SER A CA  1 
ATOM   249  C CA  B SER A 1 34  ? 10.312  -6.408  -1.848  0.61 18.69 ? 524 SER A CA  1 
ATOM   250  C C   A SER A 1 34  ? 8.854   -6.444  -2.302  0.39 18.48 ? 524 SER A C   1 
ATOM   251  C C   B SER A 1 34  ? 8.849   -6.471  -2.263  0.61 18.50 ? 524 SER A C   1 
ATOM   252  O O   A SER A 1 34  ? 8.473   -7.231  -3.169  0.39 17.51 ? 524 SER A O   1 
ATOM   253  O O   B SER A 1 34  ? 8.464   -7.307  -3.079  0.61 17.75 ? 524 SER A O   1 
ATOM   254  C CB  A SER A 1 34  ? 11.200  -5.837  -2.977  0.39 17.68 ? 524 SER A CB  1 
ATOM   255  C CB  B SER A 1 34  ? 11.153  -5.782  -2.964  0.61 17.64 ? 524 SER A CB  1 
ATOM   256  O OG  A SER A 1 34  ? 11.120  -4.426  -3.013  0.39 19.20 ? 524 SER A OG  1 
ATOM   257  O OG  B SER A 1 34  ? 12.508  -5.649  -2.571  0.61 19.20 ? 524 SER A OG  1 
ATOM   258  N N   . VAL A 1 35  ? 8.032   -5.591  -1.694  1.00 20.72 ? 525 VAL A N   1 
ATOM   259  C CA  . VAL A 1 35  ? 6.602   -5.566  -1.995  1.00 18.64 ? 525 VAL A CA  1 
ATOM   260  C C   . VAL A 1 35  ? 6.093   -4.169  -2.349  1.00 19.60 ? 525 VAL A C   1 
ATOM   261  O O   . VAL A 1 35  ? 6.668   -3.160  -1.937  1.00 16.50 ? 525 VAL A O   1 
ATOM   262  C CB  . VAL A 1 35  ? 5.761   -6.107  -0.813  1.00 20.36 ? 525 VAL A CB  1 
ATOM   263  C CG1 . VAL A 1 35  ? 6.112   -7.559  -0.518  1.00 16.84 ? 525 VAL A CG1 1 
ATOM   264  C CG2 . VAL A 1 35  ? 5.952   -5.241  0.427   1.00 18.74 ? 525 VAL A CG2 1 
ATOM   265  N N   . ASP A 1 36  ? 5.010   -4.122  -3.119  1.00 18.72 ? 526 ASP A N   1 
ATOM   266  C CA  . ASP A 1 36  ? 4.347   -2.864  -3.443  1.00 16.02 ? 526 ASP A CA  1 
ATOM   267  C C   . ASP A 1 36  ? 3.606   -2.337  -2.221  1.00 18.88 ? 526 ASP A C   1 
ATOM   268  O O   . ASP A 1 36  ? 2.825   -3.062  -1.602  1.00 16.77 ? 526 ASP A O   1 
ATOM   269  C CB  . ASP A 1 36  ? 3.378   -3.044  -4.611  1.00 27.15 ? 526 ASP A CB  1 
ATOM   270  C CG  . ASP A 1 36  ? 4.078   -3.450  -5.890  1.00 27.31 ? 526 ASP A CG  1 
ATOM   271  O OD1 . ASP A 1 36  ? 3.530   -4.300  -6.621  1.00 37.06 ? 526 ASP A OD1 1 
ATOM   272  O OD2 . ASP A 1 36  ? 5.174   -2.918  -6.163  1.00 26.08 ? 526 ASP A OD2 1 
ATOM   273  N N   . SER A 1 37  ? 3.849   -1.075  -1.880  1.00 17.07 ? 527 SER A N   1 
ATOM   274  C CA  . SER A 1 37  ? 3.281   -0.488  -0.672  1.00 18.63 ? 527 SER A CA  1 
ATOM   275  C C   . SER A 1 37  ? 3.429   1.029   -0.662  1.00 18.75 ? 527 SER A C   1 
ATOM   276  O O   . SER A 1 37  ? 4.403   1.562   -1.197  1.00 17.92 ? 527 SER A O   1 
ATOM   277  C CB  . SER A 1 37  ? 3.951   -1.086  0.570   1.00 18.07 ? 527 SER A CB  1 
ATOM   278  O OG  . SER A 1 37  ? 3.530   -0.429  1.752   1.00 13.54 ? 527 SER A OG  1 
ATOM   279  N N   . PRO A 1 38  ? 2.452   1.731   -0.063  1.00 17.69 ? 528 PRO A N   1 
ATOM   280  C CA  . PRO A 1 38  ? 2.527   3.185   0.116   1.00 21.08 ? 528 PRO A CA  1 
ATOM   281  C C   . PRO A 1 38  ? 3.352   3.578   1.340   1.00 16.55 ? 528 PRO A C   1 
ATOM   282  O O   . PRO A 1 38  ? 3.687   4.753   1.498   1.00 18.85 ? 528 PRO A O   1 
ATOM   283  C CB  . PRO A 1 38  ? 1.062   3.588   0.292   1.00 22.73 ? 528 PRO A CB  1 
ATOM   284  C CG  . PRO A 1 38  ? 0.438   2.401   0.930   1.00 17.80 ? 528 PRO A CG  1 
ATOM   285  C CD  . PRO A 1 38  ? 1.144   1.196   0.354   1.00 22.34 ? 528 PRO A CD  1 
ATOM   286  N N   . ARG A 1 39  ? 3.662   2.608   2.198   1.00 20.24 ? 529 ARG A N   1 
ATOM   287  C CA  . ARG A 1 39  ? 4.545   2.847   3.334   1.00 19.07 ? 529 ARG A CA  1 
ATOM   288  C C   . ARG A 1 39  ? 5.897   3.344   2.844   1.00 19.32 ? 529 ARG A C   1 
ATOM   289  O O   . ARG A 1 39  ? 6.342   2.953   1.762   1.00 14.81 ? 529 ARG A O   1 
ATOM   290  C CB  . ARG A 1 39  ? 4.734   1.576   4.167   1.00 21.83 ? 529 ARG A CB  1 
ATOM   291  C CG  . ARG A 1 39  ? 3.498   1.075   4.895   1.00 18.39 ? 529 ARG A CG  1 
ATOM   292  C CD  . ARG A 1 39  ? 3.881   -0.065  5.832   1.00 18.94 ? 529 ARG A CD  1 
ATOM   293  N NE  . ARG A 1 39  ? 2.734   -0.668  6.505   1.00 20.98 ? 529 ARG A NE  1 
ATOM   294  C CZ  . ARG A 1 39  ? 2.312   -0.320  7.717   1.00 23.97 ? 529 ARG A CZ  1 
ATOM   295  N NH1 . ARG A 1 39  ? 2.937   0.636   8.389   1.00 24.75 ? 529 ARG A NH1 1 
ATOM   296  N NH2 . ARG A 1 39  ? 1.263   -0.927  8.257   1.00 25.84 ? 529 ARG A NH2 1 
ATOM   297  N N   . PRO A 1 40  ? 6.553   4.212   3.633   1.00 16.41 ? 530 PRO A N   1 
ATOM   298  C CA  . PRO A 1 40  ? 7.905   4.677   3.306   1.00 17.06 ? 530 PRO A CA  1 
ATOM   299  C C   . PRO A 1 40  ? 8.839   3.506   3.018   1.00 18.63 ? 530 PRO A C   1 
ATOM   300  O O   . PRO A 1 40  ? 8.824   2.523   3.761   1.00 15.55 ? 530 PRO A O   1 
ATOM   301  C CB  . PRO A 1 40  ? 8.330   5.430   4.569   1.00 18.83 ? 530 PRO A CB  1 
ATOM   302  C CG  . PRO A 1 40  ? 7.048   5.919   5.149   1.00 16.66 ? 530 PRO A CG  1 
ATOM   303  C CD  . PRO A 1 40  ? 6.038   4.838   4.865   1.00 20.59 ? 530 PRO A CD  1 
ATOM   304  N N   . ALA A 1 41  ? 9.615   3.607   1.943   1.00 15.78 ? 531 ALA A N   1 
ATOM   305  C CA  . ALA A 1 41  ? 10.470  2.512   1.495   1.00 19.64 ? 531 ALA A CA  1 
ATOM   306  C C   . ALA A 1 41  ? 11.408  2.037   2.597   1.00 15.78 ? 531 ALA A C   1 
ATOM   307  O O   . ALA A 1 41  ? 12.031  2.844   3.285   1.00 16.15 ? 531 ALA A O   1 
ATOM   308  C CB  . ALA A 1 41  ? 11.266  2.930   0.278   1.00 13.71 ? 531 ALA A CB  1 
ATOM   309  N N   . GLY A 1 42  ? 11.505  0.723   2.756   1.00 14.06 ? 532 GLY A N   1 
ATOM   310  C CA  . GLY A 1 42  ? 12.340  0.146   3.793   1.00 16.66 ? 532 GLY A CA  1 
ATOM   311  C C   . GLY A 1 42  ? 11.544  -0.311  5.000   1.00 12.81 ? 532 GLY A C   1 
ATOM   312  O O   . GLY A 1 42  ? 12.048  -1.059  5.838   1.00 12.53 ? 532 GLY A O   1 
ATOM   313  N N   . GLU A 1 43  ? 10.296  0.139   5.100   1.00 14.46 ? 533 GLU A N   1 
ATOM   314  C CA  . GLU A 1 43  ? 9.431   -0.283  6.197   1.00 16.18 ? 533 GLU A CA  1 
ATOM   315  C C   . GLU A 1 43  ? 8.865   -1.673  5.938   1.00 11.77 ? 533 GLU A C   1 
ATOM   316  O O   . GLU A 1 43  ? 8.521   -2.016  4.807   1.00 15.20 ? 533 GLU A O   1 
ATOM   317  C CB  . GLU A 1 43  ? 8.287   0.714   6.413   1.00 18.69 ? 533 GLU A CB  1 
ATOM   318  C CG  . GLU A 1 43  ? 8.717   2.037   7.025   1.00 16.89 ? 533 GLU A CG  1 
ATOM   319  C CD  . GLU A 1 43  ? 7.538   2.897   7.443   1.00 19.74 ? 533 GLU A CD  1 
ATOM   320  O OE1 . GLU A 1 43  ? 7.768   4.016   7.949   1.00 22.99 ? 533 GLU A OE1 1 
ATOM   321  O OE2 . GLU A 1 43  ? 6.382   2.454   7.270   1.00 16.96 ? 533 GLU A OE2 1 
ATOM   322  N N   . VAL A 1 44  ? 8.771   -2.471  6.995   1.00 12.77 ? 534 VAL A N   1 
ATOM   323  C CA  . VAL A 1 44  ? 8.220   -3.815  6.891   1.00 13.75 ? 534 VAL A CA  1 
ATOM   324  C C   . VAL A 1 44  ? 6.693   -3.769  6.890   1.00 17.78 ? 534 VAL A C   1 
ATOM   325  O O   . VAL A 1 44  ? 6.088   -3.124  7.743   1.00 15.64 ? 534 VAL A O   1 
ATOM   326  C CB  . VAL A 1 44  ? 8.711   -4.710  8.044   1.00 16.43 ? 534 VAL A CB  1 
ATOM   327  C CG1 . VAL A 1 44  ? 8.120   -6.104  7.929   1.00 18.11 ? 534 VAL A CG1 1 
ATOM   328  C CG2 . VAL A 1 44  ? 10.231  -4.772  8.054   1.00 14.28 ? 534 VAL A CG2 1 
ATOM   329  N N   . THR A 1 45  ? 6.078   -4.443  5.923   1.00 17.08 ? 535 THR A N   1 
ATOM   330  C CA  . THR A 1 45  ? 4.623   -4.478  5.817   1.00 18.23 ? 535 THR A CA  1 
ATOM   331  C C   . THR A 1 45  ? 4.044   -5.676  6.565   1.00 19.30 ? 535 THR A C   1 
ATOM   332  O O   . THR A 1 45  ? 2.852   -5.718  6.871   1.00 18.46 ? 535 THR A O   1 
ATOM   333  C CB  . THR A 1 45  ? 4.165   -4.534  4.348   1.00 21.76 ? 535 THR A CB  1 
ATOM   334  O OG1 . THR A 1 45  ? 4.551   -5.788  3.772   1.00 18.08 ? 535 THR A OG1 1 
ATOM   335  C CG2 . THR A 1 45  ? 4.788   -3.399  3.548   1.00 17.26 ? 535 THR A CG2 1 
ATOM   336  N N   . GLY A 1 46  ? 4.900   -6.649  6.858   1.00 17.79 ? 536 GLY A N   1 
ATOM   337  C CA  . GLY A 1 46  ? 4.483   -7.873  7.517   1.00 18.94 ? 536 GLY A CA  1 
ATOM   338  C C   . GLY A 1 46  ? 5.545   -8.940  7.349   1.00 20.09 ? 536 GLY A C   1 
ATOM   339  O O   . GLY A 1 46  ? 6.606   -8.675  6.785   1.00 17.98 ? 536 GLY A O   1 
ATOM   340  N N   . THR A 1 47  ? 5.270   -10.147 7.833   1.00 16.19 ? 537 THR A N   1 
ATOM   341  C CA  . THR A 1 47  ? 6.247   -11.229 7.744   1.00 15.75 ? 537 THR A CA  1 
ATOM   342  C C   . THR A 1 47  ? 5.644   -12.537 7.246   1.00 16.55 ? 537 THR A C   1 
ATOM   343  O O   . THR A 1 47  ? 4.432   -12.742 7.306   1.00 18.22 ? 537 THR A O   1 
ATOM   344  C CB  . THR A 1 47  ? 6.919   -11.499 9.108   1.00 17.67 ? 537 THR A CB  1 
ATOM   345  O OG1 . THR A 1 47  ? 5.914   -11.754 10.099  1.00 21.30 ? 537 THR A OG1 1 
ATOM   346  C CG2 . THR A 1 47  ? 7.765   -10.310 9.542   1.00 17.59 ? 537 THR A CG2 1 
ATOM   347  N N   . ASN A 1 48  ? 6.507   -13.414 6.745   1.00 19.44 ? 538 ASN A N   1 
ATOM   348  C CA  . ASN A 1 48  ? 6.135   -14.785 6.417   1.00 21.68 ? 538 ASN A CA  1 
ATOM   349  C C   . ASN A 1 48  ? 7.029   -15.753 7.186   1.00 16.67 ? 538 ASN A C   1 
ATOM   350  O O   . ASN A 1 48  ? 8.232   -15.815 6.931   1.00 23.24 ? 538 ASN A O   1 
ATOM   351  C CB  . ASN A 1 48  ? 6.243   -15.043 4.911   1.00 23.39 ? 538 ASN A CB  1 
ATOM   352  C CG  . ASN A 1 48  ? 5.378   -14.107 4.093   1.00 28.50 ? 538 ASN A CG  1 
ATOM   353  O OD1 . ASN A 1 48  ? 4.228   -13.838 4.442   1.00 34.65 ? 538 ASN A OD1 1 
ATOM   354  N ND2 . ASN A 1 48  ? 5.927   -13.608 2.990   1.00 36.50 ? 538 ASN A ND2 1 
ATOM   355  N N   . PRO A 1 49  ? 6.456   -16.506 8.142   1.00 22.42 ? 539 PRO A N   1 
ATOM   356  C CA  . PRO A 1 49  ? 5.053   -16.558 8.581   1.00 21.26 ? 539 PRO A CA  1 
ATOM   357  C C   . PRO A 1 49  ? 4.590   -15.258 9.244   1.00 23.53 ? 539 PRO A C   1 
ATOM   358  O O   . PRO A 1 49  ? 5.435   -14.474 9.678   1.00 17.47 ? 539 PRO A O   1 
ATOM   359  C CB  . PRO A 1 49  ? 5.047   -17.717 9.592   1.00 21.10 ? 539 PRO A CB  1 
ATOM   360  C CG  . PRO A 1 49  ? 6.300   -18.481 9.331   1.00 24.31 ? 539 PRO A CG  1 
ATOM   361  C CD  . PRO A 1 49  ? 7.290   -17.462 8.886   1.00 20.87 ? 539 PRO A CD  1 
ATOM   362  N N   . PRO A 1 50  ? 3.267   -15.030 9.313   1.00 20.28 ? 540 PRO A N   1 
ATOM   363  C CA  . PRO A 1 50  ? 2.729   -13.774 9.854   1.00 21.26 ? 540 PRO A CA  1 
ATOM   364  C C   . PRO A 1 50  ? 3.022   -13.570 11.337  1.00 19.03 ? 540 PRO A C   1 
ATOM   365  O O   . PRO A 1 50  ? 3.432   -14.502 12.029  1.00 21.60 ? 540 PRO A O   1 
ATOM   366  C CB  . PRO A 1 50  ? 1.215   -13.907 9.627   1.00 24.23 ? 540 PRO A CB  1 
ATOM   367  C CG  . PRO A 1 50  ? 1.050   -15.009 8.639   1.00 28.41 ? 540 PRO A CG  1 
ATOM   368  C CD  . PRO A 1 50  ? 2.197   -15.933 8.858   1.00 22.65 ? 540 PRO A CD  1 
ATOM   369  N N   . ALA A 1 51  ? 2.807   -12.348 11.810  1.00 21.48 ? 541 ALA A N   1 
ATOM   370  C CA  . ALA A 1 51  ? 2.913   -12.041 13.230  1.00 18.28 ? 541 ALA A CA  1 
ATOM   371  C C   . ALA A 1 51  ? 1.939   -12.899 14.028  1.00 23.18 ? 541 ALA A C   1 
ATOM   372  O O   . ALA A 1 51  ? 0.782   -13.062 13.640  1.00 24.43 ? 541 ALA A O   1 
ATOM   373  C CB  . ALA A 1 51  ? 2.649   -10.567 13.477  1.00 16.74 ? 541 ALA A CB  1 
ATOM   374  N N   . GLY A 1 52  ? 2.413   -13.453 15.138  1.00 18.17 ? 542 GLY A N   1 
ATOM   375  C CA  . GLY A 1 52  ? 1.584   -14.303 15.970  1.00 21.15 ? 542 GLY A CA  1 
ATOM   376  C C   . GLY A 1 52  ? 1.892   -15.774 15.774  1.00 26.18 ? 542 GLY A C   1 
ATOM   377  O O   . GLY A 1 52  ? 1.563   -16.603 16.623  1.00 29.25 ? 542 GLY A O   1 
ATOM   378  N N   . THR A 1 53  ? 2.523   -16.101 14.650  1.00 24.83 ? 543 THR A N   1 
ATOM   379  C CA  . THR A 1 53  ? 2.905   -17.479 14.367  1.00 24.42 ? 543 THR A CA  1 
ATOM   380  C C   . THR A 1 53  ? 4.022   -17.931 15.300  1.00 24.05 ? 543 THR A C   1 
ATOM   381  O O   . THR A 1 53  ? 5.025   -17.236 15.465  1.00 19.71 ? 543 THR A O   1 
ATOM   382  C CB  . THR A 1 53  ? 3.367   -17.663 12.906  1.00 23.34 ? 543 THR A CB  1 
ATOM   383  O OG1 . THR A 1 53  ? 2.383   -17.127 12.013  1.00 25.09 ? 543 THR A OG1 1 
ATOM   384  C CG2 . THR A 1 53  ? 3.579   -19.139 12.595  1.00 25.86 ? 543 THR A CG2 1 
ATOM   385  N N   . THR A 1 54  ? 3.838   -19.095 15.912  1.00 23.95 ? 544 THR A N   1 
ATOM   386  C CA  . THR A 1 54  ? 4.859   -19.673 16.775  1.00 25.90 ? 544 THR A CA  1 
ATOM   387  C C   . THR A 1 54  ? 5.843   -20.492 15.944  1.00 28.82 ? 544 THR A C   1 
ATOM   388  O O   . THR A 1 54  ? 5.467   -21.482 15.316  1.00 31.01 ? 544 THR A O   1 
ATOM   389  C CB  . THR A 1 54  ? 4.240   -20.561 17.869  1.00 25.39 ? 544 THR A CB  1 
ATOM   390  O OG1 . THR A 1 54  ? 3.142   -19.873 18.483  1.00 24.33 ? 544 THR A OG1 1 
ATOM   391  C CG2 . THR A 1 54  ? 5.277   -20.907 18.925  1.00 25.71 ? 544 THR A CG2 1 
ATOM   392  N N   . VAL A 1 55  ? 7.101   -20.062 15.933  1.00 25.94 ? 545 VAL A N   1 
ATOM   393  C CA  . VAL A 1 55  ? 8.133   -20.709 15.128  1.00 25.48 ? 545 VAL A CA  1 
ATOM   394  C C   . VAL A 1 55  ? 9.423   -20.881 15.927  1.00 25.18 ? 545 VAL A C   1 
ATOM   395  O O   . VAL A 1 55  ? 9.634   -20.188 16.923  1.00 25.21 ? 545 VAL A O   1 
ATOM   396  C CB  . VAL A 1 55  ? 8.447   -19.898 13.843  1.00 25.62 ? 545 VAL A CB  1 
ATOM   397  C CG1 . VAL A 1 55  ? 7.199   -19.728 12.986  1.00 25.75 ? 545 VAL A CG1 1 
ATOM   398  C CG2 . VAL A 1 55  ? 9.045   -18.545 14.201  1.00 22.44 ? 545 VAL A CG2 1 
ATOM   399  N N   . PRO A 1 56  ? 10.286  -21.819 15.500  1.00 30.09 ? 546 PRO A N   1 
ATOM   400  C CA  . PRO A 1 56  ? 11.625  -21.907 16.092  1.00 25.69 ? 546 PRO A CA  1 
ATOM   401  C C   . PRO A 1 56  ? 12.397  -20.608 15.889  1.00 27.42 ? 546 PRO A C   1 
ATOM   402  O O   . PRO A 1 56  ? 12.323  -20.023 14.807  1.00 27.30 ? 546 PRO A O   1 
ATOM   403  C CB  . PRO A 1 56  ? 12.276  -23.062 15.324  1.00 28.43 ? 546 PRO A CB  1 
ATOM   404  C CG  . PRO A 1 56  ? 11.134  -23.886 14.842  1.00 27.84 ? 546 PRO A CG  1 
ATOM   405  C CD  . PRO A 1 56  ? 10.029  -22.918 14.552  1.00 23.27 ? 546 PRO A CD  1 
ATOM   406  N N   . VAL A 1 57  ? 13.124  -20.163 16.911  1.00 19.51 ? 547 VAL A N   1 
ATOM   407  C CA  . VAL A 1 57  ? 13.856  -18.903 16.830  1.00 24.11 ? 547 VAL A CA  1 
ATOM   408  C C   . VAL A 1 57  ? 14.974  -18.973 15.792  1.00 28.51 ? 547 VAL A C   1 
ATOM   409  O O   . VAL A 1 57  ? 15.478  -17.943 15.341  1.00 27.92 ? 547 VAL A O   1 
ATOM   410  C CB  . VAL A 1 57  ? 14.455  -18.508 18.194  1.00 24.11 ? 547 VAL A CB  1 
ATOM   411  C CG1 . VAL A 1 57  ? 13.348  -18.265 19.210  1.00 24.99 ? 547 VAL A CG1 1 
ATOM   412  C CG2 . VAL A 1 57  ? 15.417  -19.576 18.687  1.00 19.97 ? 547 VAL A CG2 1 
ATOM   413  N N   . ASP A 1 58  ? 15.355  -20.191 15.415  1.00 22.46 ? 548 ASP A N   1 
ATOM   414  C CA  . ASP A 1 58  ? 16.363  -20.392 14.383  1.00 25.84 ? 548 ASP A CA  1 
ATOM   415  C C   . ASP A 1 58  ? 15.723  -20.853 13.077  1.00 29.57 ? 548 ASP A C   1 
ATOM   416  O O   . ASP A 1 58  ? 16.311  -21.621 12.319  1.00 29.31 ? 548 ASP A O   1 
ATOM   417  C CB  . ASP A 1 58  ? 17.416  -21.405 14.842  1.00 26.27 ? 548 ASP A CB  1 
ATOM   418  C CG  . ASP A 1 58  ? 16.872  -22.820 14.933  1.00 30.80 ? 548 ASP A CG  1 
ATOM   419  O OD1 . ASP A 1 58  ? 17.678  -23.768 14.827  1.00 33.71 ? 548 ASP A OD1 1 
ATOM   420  O OD2 . ASP A 1 58  ? 15.646  -22.988 15.108  1.00 25.94 ? 548 ASP A OD2 1 
ATOM   421  N N   . SER A 1 59  ? 14.501  -20.394 12.830  1.00 20.08 ? 549 SER A N   1 
ATOM   422  C CA  . SER A 1 59  ? 13.858  -20.622 11.545  1.00 23.62 ? 549 SER A CA  1 
ATOM   423  C C   . SER A 1 59  ? 13.802  -19.295 10.804  1.00 24.67 ? 549 SER A C   1 
ATOM   424  O O   . SER A 1 59  ? 13.785  -18.231 11.424  1.00 23.52 ? 549 SER A O   1 
ATOM   425  C CB  . SER A 1 59  ? 12.456  -21.211 11.715  1.00 27.38 ? 549 SER A CB  1 
ATOM   426  O OG  . SER A 1 59  ? 11.580  -20.284 12.334  1.00 26.54 ? 549 SER A OG  1 
ATOM   427  N N   . VAL A 1 60  ? 13.788  -19.359 9.480   1.00 27.84 ? 550 VAL A N   1 
ATOM   428  C CA  . VAL A 1 60  ? 13.841  -18.154 8.663   1.00 25.61 ? 550 VAL A CA  1 
ATOM   429  C C   . VAL A 1 60  ? 12.550  -17.348 8.748   1.00 20.19 ? 550 VAL A C   1 
ATOM   430  O O   . VAL A 1 60  ? 11.454  -17.888 8.594   1.00 25.16 ? 550 VAL A O   1 
ATOM   431  C CB  . VAL A 1 60  ? 14.123  -18.493 7.188   1.00 27.87 ? 550 VAL A CB  1 
ATOM   432  C CG1 . VAL A 1 60  ? 14.275  -17.220 6.372   1.00 16.05 ? 550 VAL A CG1 1 
ATOM   433  C CG2 . VAL A 1 60  ? 15.375  -19.352 7.077   1.00 17.56 ? 550 VAL A CG2 1 
ATOM   434  N N   . ILE A 1 61  ? 12.691  -16.054 9.013   1.00 24.62 ? 551 ILE A N   1 
ATOM   435  C CA  . ILE A 1 61  ? 11.565  -15.132 8.950   1.00 22.64 ? 551 ILE A CA  1 
ATOM   436  C C   . ILE A 1 61  ? 11.736  -14.203 7.757   1.00 25.51 ? 551 ILE A C   1 
ATOM   437  O O   . ILE A 1 61  ? 12.713  -13.456 7.681   1.00 20.89 ? 551 ILE A O   1 
ATOM   438  C CB  . ILE A 1 61  ? 11.433  -14.287 10.228  1.00 26.78 ? 551 ILE A CB  1 
ATOM   439  C CG1 . ILE A 1 61  ? 11.202  -15.182 11.447  1.00 21.67 ? 551 ILE A CG1 1 
ATOM   440  C CG2 . ILE A 1 61  ? 10.302  -13.278 10.083  1.00 18.79 ? 551 ILE A CG2 1 
ATOM   441  C CD1 . ILE A 1 61  ? 11.131  -14.414 12.743  1.00 21.98 ? 551 ILE A CD1 1 
ATOM   442  N N   . GLU A 1 62  ? 10.792  -14.252 6.823   1.00 17.65 ? 552 GLU A N   1 
ATOM   443  C CA  . GLU A 1 62  ? 10.856  -13.384 5.658   1.00 19.34 ? 552 GLU A CA  1 
ATOM   444  C C   . GLU A 1 62  ? 10.246  -12.022 5.961   1.00 20.42 ? 552 GLU A C   1 
ATOM   445  O O   . GLU A 1 62  ? 9.111   -11.925 6.427   1.00 16.78 ? 552 GLU A O   1 
ATOM   446  C CB  . GLU A 1 62  ? 10.149  -14.017 4.460   1.00 22.38 ? 552 GLU A CB  1 
ATOM   447  C CG  . GLU A 1 62  ? 10.193  -13.149 3.214   1.00 21.15 ? 552 GLU A CG  1 
ATOM   448  C CD  . GLU A 1 62  ? 9.533   -13.804 2.018   1.00 24.52 ? 552 GLU A CD  1 
ATOM   449  O OE1 . GLU A 1 62  ? 8.288   -13.897 2.004   1.00 29.79 ? 552 GLU A OE1 1 
ATOM   450  O OE2 . GLU A 1 62  ? 10.260  -14.222 1.094   1.00 26.01 ? 552 GLU A OE2 1 
ATOM   451  N N   . LEU A 1 63  ? 11.015  -10.974 5.695   1.00 18.40 ? 553 LEU A N   1 
ATOM   452  C CA  . LEU A 1 63  ? 10.556  -9.609  5.911   1.00 15.83 ? 553 LEU A CA  1 
ATOM   453  C C   . LEU A 1 63  ? 9.998   -9.020  4.622   1.00 17.82 ? 553 LEU A C   1 
ATOM   454  O O   . LEU A 1 63  ? 10.723  -8.853  3.642   1.00 16.72 ? 553 LEU A O   1 
ATOM   455  C CB  . LEU A 1 63  ? 11.696  -8.734  6.440   1.00 17.36 ? 553 LEU A CB  1 
ATOM   456  C CG  . LEU A 1 63  ? 11.967  -8.666  7.947   1.00 21.44 ? 553 LEU A CG  1 
ATOM   457  C CD1 . LEU A 1 63  ? 11.969  -10.038 8.603   1.00 23.14 ? 553 LEU A CD1 1 
ATOM   458  C CD2 . LEU A 1 63  ? 13.289  -7.954  8.192   1.00 16.50 ? 553 LEU A CD2 1 
ATOM   459  N N   . GLN A 1 64  ? 8.706   -8.717  4.624   1.00 17.54 ? 554 GLN A N   1 
ATOM   460  C CA  . GLN A 1 64  ? 8.078   -8.071  3.480   1.00 17.83 ? 554 GLN A CA  1 
ATOM   461  C C   . GLN A 1 64  ? 8.379   -6.578  3.526   1.00 20.09 ? 554 GLN A C   1 
ATOM   462  O O   . GLN A 1 64  ? 7.900   -5.868  4.413   1.00 17.58 ? 554 GLN A O   1 
ATOM   463  C CB  . GLN A 1 64  ? 6.573   -8.333  3.472   1.00 19.91 ? 554 GLN A CB  1 
ATOM   464  C CG  . GLN A 1 64  ? 6.219   -9.813  3.444   1.00 22.12 ? 554 GLN A CG  1 
ATOM   465  C CD  . GLN A 1 64  ? 4.747   -10.071 3.698   1.00 33.18 ? 554 GLN A CD  1 
ATOM   466  O OE1 . GLN A 1 64  ? 4.129   -9.426  4.545   1.00 40.76 ? 554 GLN A OE1 1 
ATOM   467  N NE2 . GLN A 1 64  ? 4.179   -11.023 2.967   1.00 41.32 ? 554 GLN A NE2 1 
ATOM   468  N N   . VAL A 1 65  ? 9.182   -6.107  2.576   1.00 17.20 ? 555 VAL A N   1 
ATOM   469  C CA  . VAL A 1 65  ? 9.723   -4.753  2.635   1.00 15.76 ? 555 VAL A CA  1 
ATOM   470  C C   . VAL A 1 65  ? 9.118   -3.824  1.585   1.00 19.78 ? 555 VAL A C   1 
ATOM   471  O O   . VAL A 1 65  ? 9.155   -4.110  0.389   1.00 14.10 ? 555 VAL A O   1 
ATOM   472  C CB  . VAL A 1 65  ? 11.252  -4.768  2.461   1.00 21.29 ? 555 VAL A CB  1 
ATOM   473  C CG1 . VAL A 1 65  ? 11.834  -3.390  2.738   1.00 16.12 ? 555 VAL A CG1 1 
ATOM   474  C CG2 . VAL A 1 65  ? 11.875  -5.809  3.380   1.00 12.43 ? 555 VAL A CG2 1 
ATOM   475  N N   . SER A 1 66  ? 8.570   -2.704  2.045   1.00 19.09 ? 556 SER A N   1 
ATOM   476  C CA  . SER A 1 66  ? 7.930   -1.734  1.161   1.00 14.31 ? 556 SER A CA  1 
ATOM   477  C C   . SER A 1 66  ? 8.906   -1.092  0.180   1.00 15.31 ? 556 SER A C   1 
ATOM   478  O O   . SER A 1 66  ? 10.003  -0.674  0.559   1.00 14.50 ? 556 SER A O   1 
ATOM   479  C CB  . SER A 1 66  ? 7.246   -0.640  1.985   1.00 16.46 ? 556 SER A CB  1 
ATOM   480  O OG  . SER A 1 66  ? 6.788   0.408   1.149   1.00 17.97 ? 556 SER A OG  1 
ATOM   481  N N   . LYS A 1 67  ? 8.494   -1.013  -1.083  1.00 17.51 ? 557 LYS A N   1 
ATOM   482  C CA  . LYS A 1 67  ? 9.256   -0.302  -2.104  1.00 17.59 ? 557 LYS A CA  1 
ATOM   483  C C   . LYS A 1 67  ? 9.067   1.202   -1.983  1.00 16.95 ? 557 LYS A C   1 
ATOM   484  O O   . LYS A 1 67  ? 9.858   1.982   -2.515  1.00 16.19 ? 557 LYS A O   1 
ATOM   485  C CB  . LYS A 1 67  ? 8.836   -0.747  -3.507  1.00 20.96 ? 557 LYS A CB  1 
ATOM   486  C CG  . LYS A 1 67  ? 9.205   -2.167  -3.867  1.00 22.69 ? 557 LYS A CG  1 
ATOM   487  C CD  . LYS A 1 67  ? 8.820   -2.471  -5.307  1.00 26.81 ? 557 LYS A CD  1 
ATOM   488  C CE  . LYS A 1 67  ? 8.955   -3.950  -5.624  1.00 29.20 ? 557 LYS A CE  1 
ATOM   489  N NZ  . LYS A 1 67  ? 8.236   -4.303  -6.879  1.00 41.49 ? 557 LYS A NZ  1 
ATOM   490  N N   . GLY A 1 68  ? 8.005   1.603   -1.291  1.00 16.49 ? 558 GLY A N   1 
ATOM   491  C CA  . GLY A 1 68  ? 7.628   3.002   -1.221  1.00 16.40 ? 558 GLY A CA  1 
ATOM   492  C C   . GLY A 1 68  ? 7.208   3.500   -2.590  1.00 17.46 ? 558 GLY A C   1 
ATOM   493  O O   . GLY A 1 68  ? 7.373   4.676   -2.911  1.00 19.37 ? 558 GLY A O   1 
ATOM   494  N N   . ASN A 1 69  ? 6.660   2.597   -3.398  1.00 14.73 ? 559 ASN A N   1 
ATOM   495  C CA  . ASN A 1 69  ? 6.309   2.904   -4.781  1.00 19.61 ? 559 ASN A CA  1 
ATOM   496  C C   . ASN A 1 69  ? 4.823   3.165   -4.981  1.00 24.05 ? 559 ASN A C   1 
ATOM   497  O O   . ASN A 1 69  ? 4.353   3.256   -6.114  1.00 25.38 ? 559 ASN A O   1 
ATOM   498  C CB  . ASN A 1 69  ? 6.732   1.763   -5.702  1.00 18.10 ? 559 ASN A CB  1 
ATOM   499  C CG  . ASN A 1 69  ? 5.932   0.500   -5.459  1.00 18.98 ? 559 ASN A CG  1 
ATOM   500  O OD1 . ASN A 1 69  ? 5.641   0.144   -4.316  1.00 17.42 ? 559 ASN A OD1 1 
ATOM   501  N ND2 . ASN A 1 69  ? 5.554   -0.177  -6.536  1.00 28.29 ? 559 ASN A ND2 1 
ATOM   502  N N   . GLN A 1 70  ? 4.076   3.262   -3.887  1.00 19.28 ? 560 GLN A N   1 
ATOM   503  C CA  . GLN A 1 70  ? 2.645   3.507   -3.994  1.00 20.66 ? 560 GLN A CA  1 
ATOM   504  C C   . GLN A 1 70  ? 2.231   4.794   -3.301  1.00 23.62 ? 560 GLN A C   1 
ATOM   505  O O   . GLN A 1 70  ? 2.887   5.252   -2.366  1.00 25.19 ? 560 GLN A O   1 
ATOM   506  C CB  . GLN A 1 70  ? 1.847   2.335   -3.416  1.00 23.80 ? 560 GLN A CB  1 
ATOM   507  C CG  . GLN A 1 70  ? 1.991   1.031   -4.184  1.00 22.64 ? 560 GLN A CG  1 
ATOM   508  C CD  . GLN A 1 70  ? 0.971   -0.008  -3.758  1.00 20.44 ? 560 GLN A CD  1 
ATOM   509  O OE1 . GLN A 1 70  ? 0.500   -0.001  -2.620  1.00 19.68 ? 560 GLN A OE1 1 
ATOM   510  N NE2 . GLN A 1 70  ? 0.622   -0.906  -4.673  1.00 22.40 ? 560 GLN A NE2 1 
ATOM   511  N N   . PHE A 1 71  ? 1.143   5.384   -3.782  1.00 19.96 ? 561 PHE A N   1 
ATOM   512  C CA  . PHE A 1 71  ? 0.511   6.495   -3.091  1.00 20.22 ? 561 PHE A CA  1 
ATOM   513  C C   . PHE A 1 71  ? -0.845  6.035   -2.576  1.00 17.74 ? 561 PHE A C   1 
ATOM   514  O O   . PHE A 1 71  ? -1.402  5.053   -3.066  1.00 17.33 ? 561 PHE A O   1 
ATOM   515  C CB  . PHE A 1 71  ? 0.368   7.716   -4.008  1.00 18.48 ? 561 PHE A CB  1 
ATOM   516  C CG  . PHE A 1 71  ? -0.535  7.494   -5.194  1.00 21.47 ? 561 PHE A CG  1 
ATOM   517  C CD1 . PHE A 1 71  ? -1.881  7.827   -5.129  1.00 21.58 ? 561 PHE A CD1 1 
ATOM   518  C CD2 . PHE A 1 71  ? -0.037  6.972   -6.378  1.00 22.57 ? 561 PHE A CD2 1 
ATOM   519  C CE1 . PHE A 1 71  ? -2.715  7.631   -6.218  1.00 17.30 ? 561 PHE A CE1 1 
ATOM   520  C CE2 . PHE A 1 71  ? -0.866  6.774   -7.471  1.00 22.19 ? 561 PHE A CE2 1 
ATOM   521  C CZ  . PHE A 1 71  ? -2.207  7.106   -7.391  1.00 17.81 ? 561 PHE A CZ  1 
ATOM   522  N N   . VAL A 1 72  ? -1.372  6.731   -1.578  1.00 20.64 ? 562 VAL A N   1 
ATOM   523  C CA  . VAL A 1 72  ? -2.689  6.398   -1.060  1.00 21.80 ? 562 VAL A CA  1 
ATOM   524  C C   . VAL A 1 72  ? -3.762  7.107   -1.878  1.00 17.06 ? 562 VAL A C   1 
ATOM   525  O O   . VAL A 1 72  ? -3.771  8.334   -1.974  1.00 18.58 ? 562 VAL A O   1 
ATOM   526  C CB  . VAL A 1 72  ? -2.828  6.775   0.419   1.00 14.83 ? 562 VAL A CB  1 
ATOM   527  C CG1 . VAL A 1 72  ? -4.253  6.537   0.891   1.00 26.03 ? 562 VAL A CG1 1 
ATOM   528  C CG2 . VAL A 1 72  ? -1.839  5.977   1.256   1.00 24.11 ? 562 VAL A CG2 1 
ATOM   529  N N   . MET A 1 73  ? -4.658  6.322   -2.472  1.00 17.13 ? 563 MET A N   1 
ATOM   530  C CA  . MET A 1 73  ? -5.711  6.853   -3.333  1.00 18.17 ? 563 MET A CA  1 
ATOM   531  C C   . MET A 1 73  ? -6.617  7.830   -2.592  1.00 18.59 ? 563 MET A C   1 
ATOM   532  O O   . MET A 1 73  ? -7.257  7.468   -1.605  1.00 21.10 ? 563 MET A O   1 
ATOM   533  C CB  . MET A 1 73  ? -6.546  5.709   -3.913  1.00 20.14 ? 563 MET A CB  1 
ATOM   534  C CG  . MET A 1 73  ? -7.554  6.143   -4.963  1.00 24.31 ? 563 MET A CG  1 
ATOM   535  S SD  . MET A 1 73  ? -6.767  6.695   -6.489  1.00 21.43 ? 563 MET A SD  1 
ATOM   536  C CE  . MET A 1 73  ? -8.202  6.937   -7.531  1.00 28.10 ? 563 MET A CE  1 
ATOM   537  N N   . PRO A 1 74  ? -6.671  9.081   -3.068  1.00 19.58 ? 564 PRO A N   1 
ATOM   538  C CA  . PRO A 1 74  ? -7.539  10.091  -2.458  1.00 23.51 ? 564 PRO A CA  1 
ATOM   539  C C   . PRO A 1 74  ? -8.992  9.884   -2.858  1.00 25.84 ? 564 PRO A C   1 
ATOM   540  O O   . PRO A 1 74  ? -9.265  9.185   -3.833  1.00 20.93 ? 564 PRO A O   1 
ATOM   541  C CB  . PRO A 1 74  ? -6.999  11.401  -3.029  1.00 22.65 ? 564 PRO A CB  1 
ATOM   542  C CG  . PRO A 1 74  ? -6.491  11.013  -4.377  1.00 20.90 ? 564 PRO A CG  1 
ATOM   543  C CD  . PRO A 1 74  ? -5.919  9.624   -4.212  1.00 21.65 ? 564 PRO A CD  1 
ATOM   544  N N   . ASP A 1 75  ? -9.912  10.480  -2.107  1.00 24.02 ? 565 ASP A N   1 
ATOM   545  C CA  . ASP A 1 75  ? -11.314 10.490  -2.494  1.00 27.78 ? 565 ASP A CA  1 
ATOM   546  C C   . ASP A 1 75  ? -11.566 11.642  -3.462  1.00 24.43 ? 565 ASP A C   1 
ATOM   547  O O   . ASP A 1 75  ? -11.495 12.810  -3.082  1.00 25.30 ? 565 ASP A O   1 
ATOM   548  C CB  . ASP A 1 75  ? -12.220 10.607  -1.268  1.00 32.54 ? 565 ASP A CB  1 
ATOM   549  C CG  . ASP A 1 75  ? -13.673 10.824  -1.640  1.00 35.14 ? 565 ASP A CG  1 
ATOM   550  O OD1 . ASP A 1 75  ? -14.194 11.928  -1.375  1.00 42.01 ? 565 ASP A OD1 1 
ATOM   551  O OD2 . ASP A 1 75  ? -14.290 9.894   -2.203  1.00 29.04 ? 565 ASP A OD2 1 
ATOM   552  N N   . LEU A 1 76  ? -11.856 11.304  -4.715  1.00 22.45 ? 566 LEU A N   1 
ATOM   553  C CA  . LEU A 1 76  ? -11.992 12.307  -5.767  1.00 22.76 ? 566 LEU A CA  1 
ATOM   554  C C   . LEU A 1 76  ? -13.444 12.693  -6.026  1.00 22.89 ? 566 LEU A C   1 
ATOM   555  O O   . LEU A 1 76  ? -13.728 13.433  -6.965  1.00 21.44 ? 566 LEU A O   1 
ATOM   556  C CB  . LEU A 1 76  ? -11.349 11.804  -7.067  1.00 24.25 ? 566 LEU A CB  1 
ATOM   557  C CG  . LEU A 1 76  ? -9.868  11.410  -6.995  1.00 22.67 ? 566 LEU A CG  1 
ATOM   558  C CD1 . LEU A 1 76  ? -9.470  10.550  -8.187  1.00 26.24 ? 566 LEU A CD1 1 
ATOM   559  C CD2 . LEU A 1 76  ? -8.988  12.644  -6.895  1.00 16.91 ? 566 LEU A CD2 1 
ATOM   560  N N   . SER A 1 77  ? -14.351 12.197  -5.187  1.00 21.66 ? 567 SER A N   1 
ATOM   561  C CA  . SER A 1 77  ? -15.783 12.452  -5.340  1.00 23.17 ? 567 SER A CA  1 
ATOM   562  C C   . SER A 1 77  ? -16.100 13.941  -5.438  1.00 21.85 ? 567 SER A C   1 
ATOM   563  O O   . SER A 1 77  ? -15.635 14.742  -4.626  1.00 21.00 ? 567 SER A O   1 
ATOM   564  C CB  . SER A 1 77  ? -16.562 11.838  -4.171  1.00 22.97 ? 567 SER A CB  1 
ATOM   565  O OG  . SER A 1 77  ? -16.625 10.427  -4.282  1.00 31.65 ? 567 SER A OG  1 
ATOM   566  N N   . GLY A 1 78  ? -16.881 14.309  -6.451  1.00 26.24 ? 568 GLY A N   1 
ATOM   567  C CA  . GLY A 1 78  ? -17.327 15.682  -6.609  1.00 18.78 ? 568 GLY A CA  1 
ATOM   568  C C   . GLY A 1 78  ? -16.358 16.587  -7.347  1.00 19.28 ? 568 GLY A C   1 
ATOM   569  O O   . GLY A 1 78  ? -16.683 17.737  -7.644  1.00 20.33 ? 568 GLY A O   1 
ATOM   570  N N   . MET A 1 79  ? -15.166 16.080  -7.645  1.00 22.37 ? 569 MET A N   1 
ATOM   571  C CA  . MET A 1 79  ? -14.173 16.882  -8.356  1.00 22.93 ? 569 MET A CA  1 
ATOM   572  C C   . MET A 1 79  ? -14.401 16.868  -9.862  1.00 23.06 ? 569 MET A C   1 
ATOM   573  O O   . MET A 1 79  ? -14.854 15.870  -10.426 1.00 20.29 ? 569 MET A O   1 
ATOM   574  C CB  . MET A 1 79  ? -12.755 16.387  -8.060  1.00 22.52 ? 569 MET A CB  1 
ATOM   575  C CG  . MET A 1 79  ? -12.363 16.399  -6.594  1.00 24.92 ? 569 MET A CG  1 
ATOM   576  S SD  . MET A 1 79  ? -10.593 16.118  -6.387  1.00 24.30 ? 569 MET A SD  1 
ATOM   577  C CE  . MET A 1 79  ? -9.934  17.684  -6.955  1.00 26.02 ? 569 MET A CE  1 
ATOM   578  N N   . PHE A 1 80  ? -14.091 17.986  -10.509 1.00 21.83 ? 570 PHE A N   1 
ATOM   579  C CA  . PHE A 1 80  ? -13.986 18.015  -11.959 1.00 22.11 ? 570 PHE A CA  1 
ATOM   580  C C   . PHE A 1 80  ? -12.613 17.466  -12.324 1.00 21.33 ? 570 PHE A C   1 
ATOM   581  O O   . PHE A 1 80  ? -11.683 17.541  -11.520 1.00 20.22 ? 570 PHE A O   1 
ATOM   582  C CB  . PHE A 1 80  ? -14.176 19.433  -12.506 1.00 16.72 ? 570 PHE A CB  1 
ATOM   583  C CG  . PHE A 1 80  ? -15.586 19.945  -12.399 1.00 17.82 ? 570 PHE A CG  1 
ATOM   584  C CD1 . PHE A 1 80  ? -16.387 20.042  -13.525 1.00 18.96 ? 570 PHE A CD1 1 
ATOM   585  C CD2 . PHE A 1 80  ? -16.110 20.333  -11.176 1.00 16.65 ? 570 PHE A CD2 1 
ATOM   586  C CE1 . PHE A 1 80  ? -17.685 20.516  -13.434 1.00 27.44 ? 570 PHE A CE1 1 
ATOM   587  C CE2 . PHE A 1 80  ? -17.407 20.808  -11.077 1.00 26.01 ? 570 PHE A CE2 1 
ATOM   588  C CZ  . PHE A 1 80  ? -18.196 20.899  -12.209 1.00 18.19 ? 570 PHE A CZ  1 
ATOM   589  N N   . TRP A 1 81  ? -12.487 16.909  -13.524 1.00 20.12 ? 571 TRP A N   1 
ATOM   590  C CA  . TRP A 1 81  ? -11.235 16.285  -13.943 1.00 17.77 ? 571 TRP A CA  1 
ATOM   591  C C   . TRP A 1 81  ? -10.080 17.280  -13.988 1.00 19.65 ? 571 TRP A C   1 
ATOM   592  O O   . TRP A 1 81  ? -8.931  16.920  -13.731 1.00 19.01 ? 571 TRP A O   1 
ATOM   593  C CB  . TRP A 1 81  ? -11.400 15.619  -15.309 1.00 21.60 ? 571 TRP A CB  1 
ATOM   594  C CG  . TRP A 1 81  ? -10.140 14.989  -15.834 1.00 23.65 ? 571 TRP A CG  1 
ATOM   595  C CD1 . TRP A 1 81  ? -9.559  15.210  -17.050 1.00 24.83 ? 571 TRP A CD1 1 
ATOM   596  C CD2 . TRP A 1 81  ? -9.301  14.041  -15.157 1.00 24.83 ? 571 TRP A CD2 1 
ATOM   597  N NE1 . TRP A 1 81  ? -8.416  14.457  -17.174 1.00 22.90 ? 571 TRP A NE1 1 
ATOM   598  C CE2 . TRP A 1 81  ? -8.235  13.733  -16.026 1.00 21.66 ? 571 TRP A CE2 1 
ATOM   599  C CE3 . TRP A 1 81  ? -9.348  13.423  -13.902 1.00 24.60 ? 571 TRP A CE3 1 
ATOM   600  C CZ2 . TRP A 1 81  ? -7.228  12.832  -15.681 1.00 22.19 ? 571 TRP A CZ2 1 
ATOM   601  C CZ3 . TRP A 1 81  ? -8.344  12.533  -13.561 1.00 22.34 ? 571 TRP A CZ3 1 
ATOM   602  C CH2 . TRP A 1 81  ? -7.301  12.246  -14.448 1.00 21.93 ? 571 TRP A CH2 1 
ATOM   603  N N   . VAL A 1 82  ? -10.396 18.531  -14.303 1.00 20.48 ? 572 VAL A N   1 
ATOM   604  C CA  . VAL A 1 82  ? -9.393  19.587  -14.410 1.00 23.65 ? 572 VAL A CA  1 
ATOM   605  C C   . VAL A 1 82  ? -8.661  19.809  -13.083 1.00 17.51 ? 572 VAL A C   1 
ATOM   606  O O   . VAL A 1 82  ? -7.525  20.282  -13.062 1.00 19.23 ? 572 VAL A O   1 
ATOM   607  C CB  . VAL A 1 82  ? -10.038 20.915  -14.886 1.00 22.88 ? 572 VAL A CB  1 
ATOM   608  C CG1 . VAL A 1 82  ? -11.007 21.452  -13.842 1.00 21.34 ? 572 VAL A CG1 1 
ATOM   609  C CG2 . VAL A 1 82  ? -8.972  21.951  -15.229 1.00 27.61 ? 572 VAL A CG2 1 
ATOM   610  N N   . ASP A 1 83  ? -9.304  19.446  -11.978 1.00 21.80 ? 573 ASP A N   1 
ATOM   611  C CA  . ASP A 1 83  ? -8.705  19.604  -10.657 1.00 22.74 ? 573 ASP A CA  1 
ATOM   612  C C   . ASP A 1 83  ? -8.238  18.270  -10.083 1.00 17.21 ? 573 ASP A C   1 
ATOM   613  O O   . ASP A 1 83  ? -7.260  18.214  -9.336  1.00 19.05 ? 573 ASP A O   1 
ATOM   614  C CB  . ASP A 1 83  ? -9.695  20.267  -9.699  1.00 18.12 ? 573 ASP A CB  1 
ATOM   615  C CG  . ASP A 1 83  ? -10.095 21.658  -10.146 1.00 23.73 ? 573 ASP A CG  1 
ATOM   616  O OD1 . ASP A 1 83  ? -11.310 21.945  -10.180 1.00 24.41 ? 573 ASP A OD1 1 
ATOM   617  O OD2 . ASP A 1 83  ? -9.195  22.467  -10.459 1.00 21.64 ? 573 ASP A OD2 1 
ATOM   618  N N   . ALA A 1 84  ? -8.940  17.197  -10.435 1.00 15.87 ? 574 ALA A N   1 
ATOM   619  C CA  . ALA A 1 84  ? -8.618  15.870  -9.925  1.00 12.94 ? 574 ALA A CA  1 
ATOM   620  C C   . ALA A 1 84  ? -7.305  15.350  -10.502 1.00 19.95 ? 574 ALA A C   1 
ATOM   621  O O   . ALA A 1 84  ? -6.558  14.645  -9.825  1.00 18.40 ? 574 ALA A O   1 
ATOM   622  C CB  . ALA A 1 84  ? -9.749  14.897  -10.231 1.00 17.41 ? 574 ALA A CB  1 
ATOM   623  N N   . GLU A 1 85  ? -7.029  15.701  -11.754 1.00 18.74 ? 575 GLU A N   1 
ATOM   624  C CA  . GLU A 1 85  ? -5.817  15.239  -12.424 1.00 21.23 ? 575 GLU A CA  1 
ATOM   625  C C   . GLU A 1 85  ? -4.536  15.771  -11.764 1.00 19.12 ? 575 GLU A C   1 
ATOM   626  O O   . GLU A 1 85  ? -3.673  14.976  -11.398 1.00 20.52 ? 575 GLU A O   1 
ATOM   627  C CB  . GLU A 1 85  ? -5.851  15.612  -13.913 1.00 20.95 ? 575 GLU A CB  1 
ATOM   628  C CG  . GLU A 1 85  ? -4.725  15.000  -14.735 1.00 22.13 ? 575 GLU A CG  1 
ATOM   629  C CD  . GLU A 1 85  ? -4.893  15.245  -16.224 1.00 28.67 ? 575 GLU A CD  1 
ATOM   630  O OE1 . GLU A 1 85  ? -4.760  14.279  -17.005 1.00 32.77 ? 575 GLU A OE1 1 
ATOM   631  O OE2 . GLU A 1 85  ? -5.153  16.403  -16.613 1.00 27.24 ? 575 GLU A OE2 1 
ATOM   632  N N   . PRO A 1 86  ? -4.406  17.104  -11.590 1.00 23.13 ? 576 PRO A N   1 
ATOM   633  C CA  . PRO A 1 86  ? -3.158  17.560  -10.963 1.00 16.77 ? 576 PRO A CA  1 
ATOM   634  C C   . PRO A 1 86  ? -3.055  17.170  -9.490  1.00 22.10 ? 576 PRO A C   1 
ATOM   635  O O   . PRO A 1 86  ? -1.945  17.062  -8.965  1.00 20.04 ? 576 PRO A O   1 
ATOM   636  C CB  . PRO A 1 86  ? -3.219  19.090  -11.114 1.00 21.33 ? 576 PRO A CB  1 
ATOM   637  C CG  . PRO A 1 86  ? -4.352  19.365  -12.058 1.00 24.56 ? 576 PRO A CG  1 
ATOM   638  C CD  . PRO A 1 86  ? -5.300  18.235  -11.890 1.00 21.44 ? 576 PRO A CD  1 
ATOM   639  N N   . ARG A 1 87  ? -4.193  16.970  -8.832  1.00 21.75 ? 577 ARG A N   1 
ATOM   640  C CA  . ARG A 1 87  ? -4.192  16.510  -7.449  1.00 23.38 ? 577 ARG A CA  1 
ATOM   641  C C   . ARG A 1 87  ? -3.550  15.130  -7.364  1.00 22.18 ? 577 ARG A C   1 
ATOM   642  O O   . ARG A 1 87  ? -2.758  14.855  -6.462  1.00 19.55 ? 577 ARG A O   1 
ATOM   643  C CB  . ARG A 1 87  ? -5.611  16.471  -6.875  1.00 24.67 ? 577 ARG A CB  1 
ATOM   644  C CG  . ARG A 1 87  ? -5.667  15.938  -5.448  1.00 15.84 ? 577 ARG A CG  1 
ATOM   645  C CD  . ARG A 1 87  ? -7.091  15.846  -4.919  1.00 24.32 ? 577 ARG A CD  1 
ATOM   646  N NE  . ARG A 1 87  ? -7.118  15.314  -3.557  1.00 30.81 ? 577 ARG A NE  1 
ATOM   647  C CZ  . ARG A 1 87  ? -8.226  15.076  -2.863  1.00 40.79 ? 577 ARG A CZ  1 
ATOM   648  N NH1 . ARG A 1 87  ? -9.416  15.322  -3.397  1.00 28.02 ? 577 ARG A NH1 1 
ATOM   649  N NH2 . ARG A 1 87  ? -8.146  14.591  -1.631  1.00 33.93 ? 577 ARG A NH2 1 
ATOM   650  N N   . LEU A 1 88  ? -3.897  14.268  -8.316  1.00 19.78 ? 578 LEU A N   1 
ATOM   651  C CA  . LEU A 1 88  ? -3.326  12.928  -8.389  1.00 22.70 ? 578 LEU A CA  1 
ATOM   652  C C   . LEU A 1 88  ? -1.848  12.972  -8.768  1.00 20.93 ? 578 LEU A C   1 
ATOM   653  O O   . LEU A 1 88  ? -1.032  12.256  -8.186  1.00 19.55 ? 578 LEU A O   1 
ATOM   654  C CB  . LEU A 1 88  ? -4.099  12.071  -9.393  1.00 21.75 ? 578 LEU A CB  1 
ATOM   655  C CG  . LEU A 1 88  ? -5.493  11.604  -8.971  1.00 17.14 ? 578 LEU A CG  1 
ATOM   656  C CD1 . LEU A 1 88  ? -6.268  11.072  -10.166 1.00 21.76 ? 578 LEU A CD1 1 
ATOM   657  C CD2 . LEU A 1 88  ? -5.384  10.544  -7.889  1.00 17.89 ? 578 LEU A CD2 1 
ATOM   658  N N   . ARG A 1 89  ? -1.511  13.817  -9.739  1.00 22.00 ? 579 ARG A N   1 
ATOM   659  C CA  . ARG A 1 89  ? -0.128  13.966  -10.186 1.00 24.09 ? 579 ARG A CA  1 
ATOM   660  C C   . ARG A 1 89  ? 0.786   14.405  -9.045  1.00 21.26 ? 579 ARG A C   1 
ATOM   661  O O   . ARG A 1 89  ? 1.942   13.989  -8.968  1.00 25.34 ? 579 ARG A O   1 
ATOM   662  C CB  . ARG A 1 89  ? -0.032  14.977  -11.331 1.00 19.06 ? 579 ARG A CB  1 
ATOM   663  C CG  . ARG A 1 89  ? -0.821  14.619  -12.579 1.00 20.35 ? 579 ARG A CG  1 
ATOM   664  C CD  . ARG A 1 89  ? -0.361  13.307  -13.178 1.00 19.01 ? 579 ARG A CD  1 
ATOM   665  N NE  . ARG A 1 89  ? -1.035  13.015  -14.439 1.00 19.50 ? 579 ARG A NE  1 
ATOM   666  C CZ  . ARG A 1 89  ? -0.986  11.838  -15.055 1.00 25.48 ? 579 ARG A CZ  1 
ATOM   667  N NH1 . ARG A 1 89  ? -0.301  10.835  -14.519 1.00 17.84 ? 579 ARG A NH1 1 
ATOM   668  N NH2 . ARG A 1 89  ? -1.629  11.659  -16.201 1.00 21.06 ? 579 ARG A NH2 1 
ATOM   669  N N   . ALA A 1 90  ? 0.257   15.242  -8.158  1.00 20.16 ? 580 ALA A N   1 
ATOM   670  C CA  . ALA A 1 90  ? 1.024   15.755  -7.028  1.00 24.42 ? 580 ALA A CA  1 
ATOM   671  C C   . ALA A 1 90  ? 1.342   14.654  -6.018  1.00 26.04 ? 580 ALA A C   1 
ATOM   672  O O   . ALA A 1 90  ? 2.216   14.816  -5.165  1.00 24.48 ? 580 ALA A O   1 
ATOM   673  C CB  . ALA A 1 90  ? 0.272   16.892  -6.354  1.00 24.47 ? 580 ALA A CB  1 
ATOM   674  N N   . LEU A 1 91  ? 0.627   13.537  -6.118  1.00 22.01 ? 581 LEU A N   1 
ATOM   675  C CA  . LEU A 1 91  ? 0.865   12.394  -5.246  1.00 20.89 ? 581 LEU A CA  1 
ATOM   676  C C   . LEU A 1 91  ? 1.926   11.467  -5.829  1.00 24.08 ? 581 LEU A C   1 
ATOM   677  O O   . LEU A 1 91  ? 2.334   10.498  -5.190  1.00 23.01 ? 581 LEU A O   1 
ATOM   678  C CB  . LEU A 1 91  ? -0.433  11.619  -5.010  1.00 20.90 ? 581 LEU A CB  1 
ATOM   679  C CG  . LEU A 1 91  ? -1.482  12.303  -4.134  1.00 20.78 ? 581 LEU A CG  1 
ATOM   680  C CD1 . LEU A 1 91  ? -2.715  11.427  -4.001  1.00 14.23 ? 581 LEU A CD1 1 
ATOM   681  C CD2 . LEU A 1 91  ? -0.902  12.632  -2.765  1.00 18.05 ? 581 LEU A CD2 1 
ATOM   682  N N   . GLY A 1 92  ? 2.370   11.770  -7.044  1.00 22.38 ? 582 GLY A N   1 
ATOM   683  C CA  . GLY A 1 92  ? 3.375   10.962  -7.707  1.00 21.55 ? 582 GLY A CA  1 
ATOM   684  C C   . GLY A 1 92  ? 2.770   10.014  -8.723  1.00 24.33 ? 582 GLY A C   1 
ATOM   685  O O   . GLY A 1 92  ? 3.450   9.126   -9.237  1.00 27.43 ? 582 GLY A O   1 
ATOM   686  N N   . TRP A 1 93  ? 1.485   10.198  -9.008  1.00 20.90 ? 583 TRP A N   1 
ATOM   687  C CA  . TRP A 1 93  ? 0.804   9.391   -10.012 1.00 18.72 ? 583 TRP A CA  1 
ATOM   688  C C   . TRP A 1 93  ? 1.296   9.761   -11.405 1.00 22.70 ? 583 TRP A C   1 
ATOM   689  O O   . TRP A 1 93  ? 1.117   10.892  -11.853 1.00 17.90 ? 583 TRP A O   1 
ATOM   690  C CB  . TRP A 1 93  ? -0.714  9.572   -9.918  1.00 19.86 ? 583 TRP A CB  1 
ATOM   691  C CG  . TRP A 1 93  ? -1.487  8.797   -10.949 1.00 20.07 ? 583 TRP A CG  1 
ATOM   692  C CD1 . TRP A 1 93  ? -1.480  7.445   -11.133 1.00 22.29 ? 583 TRP A CD1 1 
ATOM   693  C CD2 . TRP A 1 93  ? -2.392  9.331   -11.927 1.00 23.78 ? 583 TRP A CD2 1 
ATOM   694  N NE1 . TRP A 1 93  ? -2.318  7.104   -12.167 1.00 24.35 ? 583 TRP A NE1 1 
ATOM   695  C CE2 . TRP A 1 93  ? -2.887  8.239   -12.670 1.00 19.88 ? 583 TRP A CE2 1 
ATOM   696  C CE3 . TRP A 1 93  ? -2.823  10.620  -12.246 1.00 20.84 ? 583 TRP A CE3 1 
ATOM   697  C CZ2 . TRP A 1 93  ? -3.800  8.405   -13.713 1.00 19.03 ? 583 TRP A CZ2 1 
ATOM   698  C CZ3 . TRP A 1 93  ? -3.729  10.779  -13.281 1.00 25.95 ? 583 TRP A CZ3 1 
ATOM   699  C CH2 . TRP A 1 93  ? -4.206  9.678   -14.003 1.00 23.60 ? 583 TRP A CH2 1 
ATOM   700  N N   . THR A 1 94  ? 1.930   8.810   -12.079 1.00 23.41 ? 584 THR A N   1 
ATOM   701  C CA  . THR A 1 94  ? 2.424   9.031   -13.432 1.00 29.01 ? 584 THR A CA  1 
ATOM   702  C C   . THR A 1 94  ? 1.613   8.198   -14.406 1.00 24.73 ? 584 THR A C   1 
ATOM   703  O O   . THR A 1 94  ? 1.942   8.098   -15.588 1.00 26.99 ? 584 THR A O   1 
ATOM   704  C CB  . THR A 1 94  ? 3.910   8.664   -13.563 1.00 28.50 ? 584 THR A CB  1 
ATOM   705  O OG1 . THR A 1 94  ? 4.082   7.271   -13.273 1.00 23.42 ? 584 THR A OG1 1 
ATOM   706  C CG2 . THR A 1 94  ? 4.747   9.487   -12.599 1.00 25.43 ? 584 THR A CG2 1 
ATOM   707  N N   . GLY A 1 95  ? 0.545   7.598   -13.894 1.00 24.70 ? 585 GLY A N   1 
ATOM   708  C CA  . GLY A 1 95  ? -0.279  6.703   -14.679 1.00 25.45 ? 585 GLY A CA  1 
ATOM   709  C C   . GLY A 1 95  ? -1.206  7.392   -15.659 1.00 28.50 ? 585 GLY A C   1 
ATOM   710  O O   . GLY A 1 95  ? -0.988  8.540   -16.053 1.00 29.84 ? 585 GLY A O   1 
ATOM   711  N N   . MET A 1 96  ? -2.254  6.672   -16.045 1.00 28.66 ? 586 MET A N   1 
ATOM   712  C CA  . MET A 1 96  ? -3.165  7.093   -17.104 1.00 25.16 ? 586 MET A CA  1 
ATOM   713  C C   . MET A 1 96  ? -4.622  6.965   -16.687 1.00 26.73 ? 586 MET A C   1 
ATOM   714  O O   . MET A 1 96  ? -4.987  6.042   -15.960 1.00 25.85 ? 586 MET A O   1 
ATOM   715  C CB  . MET A 1 96  ? -2.912  6.260   -18.365 1.00 33.68 ? 586 MET A CB  1 
ATOM   716  C CG  . MET A 1 96  ? -2.461  7.040   -19.581 1.00 35.35 ? 586 MET A CG  1 
ATOM   717  S SD  . MET A 1 96  ? -3.817  7.943   -20.358 1.00 57.61 ? 586 MET A SD  1 
ATOM   718  C CE  . MET A 1 96  ? -4.630  6.627   -21.266 1.00 41.53 ? 586 MET A CE  1 
ATOM   719  N N   . LEU A 1 97  ? -5.451  7.892   -17.154 1.00 27.07 ? 587 LEU A N   1 
ATOM   720  C CA  . LEU A 1 97  ? -6.875  7.847   -16.851 1.00 28.78 ? 587 LEU A CA  1 
ATOM   721  C C   . LEU A 1 97  ? -7.637  6.957   -17.823 1.00 27.32 ? 587 LEU A C   1 
ATOM   722  O O   . LEU A 1 97  ? -7.543  7.122   -19.040 1.00 33.93 ? 587 LEU A O   1 
ATOM   723  C CB  . LEU A 1 97  ? -7.480  9.251   -16.871 1.00 34.61 ? 587 LEU A CB  1 
ATOM   724  C CG  . LEU A 1 97  ? -9.010  9.269   -16.806 1.00 24.69 ? 587 LEU A CG  1 
ATOM   725  C CD1 . LEU A 1 97  ? -9.495  8.743   -15.462 1.00 30.32 ? 587 LEU A CD1 1 
ATOM   726  C CD2 . LEU A 1 97  ? -9.574  10.654  -17.083 1.00 28.45 ? 587 LEU A CD2 1 
ATOM   727  N N   . ASP A 1 98  ? -8.392  6.014   -17.272 1.00 30.01 ? 588 ASP A N   1 
ATOM   728  C CA  . ASP A 1 98  ? -9.359  5.260   -18.052 1.00 29.55 ? 588 ASP A CA  1 
ATOM   729  C C   . ASP A 1 98  ? -10.761 5.724   -17.677 1.00 38.27 ? 588 ASP A C   1 
ATOM   730  O O   . ASP A 1 98  ? -11.313 5.303   -16.661 1.00 34.29 ? 588 ASP A O   1 
ATOM   731  C CB  . ASP A 1 98  ? -9.208  3.758   -17.818 1.00 38.18 ? 588 ASP A CB  1 
ATOM   732  C CG  . ASP A 1 98  ? -10.383 2.968   -18.357 1.00 39.96 ? 588 ASP A CG  1 
ATOM   733  O OD1 . ASP A 1 98  ? -11.204 2.496   -17.541 1.00 44.90 ? 588 ASP A OD1 1 
ATOM   734  O OD2 . ASP A 1 98  ? -10.491 2.831   -19.592 1.00 45.37 ? 588 ASP A OD2 1 
ATOM   735  N N   . LYS A 1 99  ? -11.325 6.609   -18.493 1.00 27.67 ? 589 LYS A N   1 
ATOM   736  C CA  . LYS A 1 99  ? -12.644 7.162   -18.215 1.00 29.44 ? 589 LYS A CA  1 
ATOM   737  C C   . LYS A 1 99  ? -13.747 6.206   -18.651 1.00 30.31 ? 589 LYS A C   1 
ATOM   738  O O   . LYS A 1 99  ? -13.840 5.843   -19.824 1.00 38.33 ? 589 LYS A O   1 
ATOM   739  C CB  . LYS A 1 99  ? -12.817 8.514   -18.908 1.00 23.90 ? 589 LYS A CB  1 
ATOM   740  C CG  . LYS A 1 99  ? -14.189 9.131   -18.717 1.00 29.28 ? 589 LYS A CG  1 
ATOM   741  C CD  . LYS A 1 99  ? -14.303 10.462  -19.441 1.00 34.69 ? 589 LYS A CD  1 
ATOM   742  C CE  . LYS A 1 99  ? -15.708 11.032  -19.331 1.00 39.48 ? 589 LYS A CE  1 
ATOM   743  N NZ  . LYS A 1 99  ? -15.861 12.293  -20.109 1.00 54.41 ? 589 LYS A NZ  1 
ATOM   744  N N   . GLY A 1 100 ? -14.576 5.797   -17.698 1.00 30.75 ? 590 GLY A N   1 
ATOM   745  C CA  . GLY A 1 100 ? -15.700 4.926   -17.986 1.00 31.37 ? 590 GLY A CA  1 
ATOM   746  C C   . GLY A 1 100 ? -16.906 5.713   -18.461 1.00 29.40 ? 590 GLY A C   1 
ATOM   747  O O   . GLY A 1 100 ? -16.830 6.930   -18.647 1.00 24.98 ? 590 GLY A O   1 
ATOM   748  N N   . ALA A 1 101 ? -18.023 5.020   -18.657 1.00 30.77 ? 591 ALA A N   1 
ATOM   749  C CA  . ALA A 1 101 ? -19.243 5.660   -19.133 1.00 32.32 ? 591 ALA A CA  1 
ATOM   750  C C   . ALA A 1 101 ? -19.851 6.555   -18.060 1.00 31.65 ? 591 ALA A C   1 
ATOM   751  O O   . ALA A 1 101 ? -19.728 6.278   -16.866 1.00 27.41 ? 591 ALA A O   1 
ATOM   752  C CB  . ALA A 1 101 ? -20.251 4.613   -19.581 1.00 33.79 ? 591 ALA A CB  1 
ATOM   753  N N   . ASP A 1 102 ? -20.503 7.630   -18.495 1.00 28.19 ? 592 ASP A N   1 
ATOM   754  C CA  . ASP A 1 102 ? -21.180 8.537   -17.578 1.00 26.60 ? 592 ASP A CA  1 
ATOM   755  C C   . ASP A 1 102 ? -22.277 7.808   -16.812 1.00 33.47 ? 592 ASP A C   1 
ATOM   756  O O   . ASP A 1 102 ? -22.880 6.864   -17.322 1.00 32.10 ? 592 ASP A O   1 
ATOM   757  C CB  . ASP A 1 102 ? -21.775 9.731   -18.331 1.00 28.74 ? 592 ASP A CB  1 
ATOM   758  C CG  . ASP A 1 102 ? -20.715 10.626  -18.947 1.00 34.38 ? 592 ASP A CG  1 
ATOM   759  O OD1 . ASP A 1 102 ? -21.064 11.435  -19.834 1.00 32.98 ? 592 ASP A OD1 1 
ATOM   760  O OD2 . ASP A 1 102 ? -19.535 10.523  -18.546 1.00 30.80 ? 592 ASP A OD2 1 
ATOM   761  N N   . VAL A 1 103 ? -22.528 8.248   -15.583 1.00 28.33 ? 593 VAL A N   1 
ATOM   762  C CA  . VAL A 1 103 ? -23.580 7.659   -14.766 1.00 24.24 ? 593 VAL A CA  1 
ATOM   763  C C   . VAL A 1 103 ? -24.614 8.709   -14.375 1.00 27.50 ? 593 VAL A C   1 
ATOM   764  O O   . VAL A 1 103 ? -24.310 9.901   -14.314 1.00 30.63 ? 593 VAL A O   1 
ATOM   765  C CB  . VAL A 1 103 ? -23.007 7.000   -13.497 1.00 31.75 ? 593 VAL A CB  1 
ATOM   766  C CG1 . VAL A 1 103 ? -22.018 5.910   -13.872 1.00 29.80 ? 593 VAL A CG1 1 
ATOM   767  C CG2 . VAL A 1 103 ? -22.338 8.039   -12.613 1.00 27.26 ? 593 VAL A CG2 1 
ATOM   768  N N   . ASP A 1 104 ? -25.839 8.262   -14.117 1.00 29.08 ? 594 ASP A N   1 
ATOM   769  C CA  . ASP A 1 104 ? -26.923 9.167   -13.749 1.00 24.97 ? 594 ASP A CA  1 
ATOM   770  C C   . ASP A 1 104 ? -26.909 9.455   -12.250 1.00 35.89 ? 594 ASP A C   1 
ATOM   771  O O   . ASP A 1 104 ? -27.568 8.767   -11.470 1.00 37.15 ? 594 ASP A O   1 
ATOM   772  C CB  . ASP A 1 104 ? -28.274 8.579   -14.158 1.00 32.87 ? 594 ASP A CB  1 
ATOM   773  C CG  . ASP A 1 104 ? -29.399 9.592   -14.075 1.00 45.75 ? 594 ASP A CG  1 
ATOM   774  O OD1 . ASP A 1 104 ? -30.455 9.267   -13.491 1.00 53.09 ? 594 ASP A OD1 1 
ATOM   775  O OD2 . ASP A 1 104 ? -29.230 10.713  -14.599 1.00 45.63 ? 594 ASP A OD2 1 
ATOM   776  N N   . ALA A 1 105 ? -26.157 10.478  -11.856 1.00 29.18 ? 595 ALA A N   1 
ATOM   777  C CA  . ALA A 1 105 ? -26.007 10.817  -10.446 1.00 33.67 ? 595 ALA A CA  1 
ATOM   778  C C   . ALA A 1 105 ? -26.705 12.129  -10.096 1.00 26.76 ? 595 ALA A C   1 
ATOM   779  O O   . ALA A 1 105 ? -26.479 12.693  -9.027  1.00 24.55 ? 595 ALA A O   1 
ATOM   780  C CB  . ALA A 1 105 ? -24.533 10.894  -10.077 1.00 30.96 ? 595 ALA A CB  1 
ATOM   781  N N   . GLY A 1 106 ? -27.553 12.609  -10.999 1.00 30.09 ? 596 GLY A N   1 
ATOM   782  C CA  . GLY A 1 106 ? -28.253 13.863  -10.785 1.00 35.59 ? 596 GLY A CA  1 
ATOM   783  C C   . GLY A 1 106 ? -27.517 15.035  -11.404 1.00 35.75 ? 596 GLY A C   1 
ATOM   784  O O   . GLY A 1 106 ? -26.300 14.988  -11.581 1.00 32.38 ? 596 GLY A O   1 
ATOM   785  N N   . GLY A 1 107 ? -28.260 16.091  -11.723 1.00 36.06 ? 597 GLY A N   1 
ATOM   786  C CA  . GLY A 1 107 ? -27.714 17.246  -12.415 1.00 29.59 ? 597 GLY A CA  1 
ATOM   787  C C   . GLY A 1 107 ? -26.573 17.951  -11.702 1.00 24.60 ? 597 GLY A C   1 
ATOM   788  O O   . GLY A 1 107 ? -25.732 18.580  -12.340 1.00 33.32 ? 597 GLY A O   1 
ATOM   789  N N   . SER A 1 108 ? -26.536 17.843  -10.378 1.00 27.76 ? 598 SER A N   1 
ATOM   790  C CA  . SER A 1 108 ? -25.498 18.506  -9.598  1.00 36.58 ? 598 SER A CA  1 
ATOM   791  C C   . SER A 1 108 ? -24.138 17.824  -9.757  1.00 34.28 ? 598 SER A C   1 
ATOM   792  O O   . SER A 1 108 ? -23.107 18.400  -9.414  1.00 28.72 ? 598 SER A O   1 
ATOM   793  C CB  . SER A 1 108 ? -25.889 18.550  -8.117  1.00 32.84 ? 598 SER A CB  1 
ATOM   794  O OG  . SER A 1 108 ? -26.017 17.245  -7.580  1.00 42.15 ? 598 SER A OG  1 
ATOM   795  N N   . GLN A 1 109 ? -24.138 16.604  -10.284 1.00 32.03 ? 599 GLN A N   1 
ATOM   796  C CA  . GLN A 1 109 ? -22.902 15.840  -10.433 1.00 29.63 ? 599 GLN A CA  1 
ATOM   797  C C   . GLN A 1 109 ? -22.390 15.845  -11.871 1.00 30.09 ? 599 GLN A C   1 
ATOM   798  O O   . GLN A 1 109 ? -21.503 15.065  -12.221 1.00 24.42 ? 599 GLN A O   1 
ATOM   799  C CB  . GLN A 1 109 ? -23.112 14.398  -9.959  1.00 28.50 ? 599 GLN A CB  1 
ATOM   800  C CG  . GLN A 1 109 ? -23.562 14.277  -8.509  1.00 29.14 ? 599 GLN A CG  1 
ATOM   801  C CD  . GLN A 1 109 ? -22.657 15.021  -7.545  1.00 35.67 ? 599 GLN A CD  1 
ATOM   802  O OE1 . GLN A 1 109 ? -21.449 15.124  -7.760  1.00 36.75 ? 599 GLN A OE1 1 
ATOM   803  N NE2 . GLN A 1 109 ? -23.241 15.551  -6.477  1.00 38.37 ? 599 GLN A NE2 1 
ATOM   804  N N   . HIS A 1 110 ? -22.954 16.727  -12.692 1.00 31.07 ? 600 HIS A N   1 
ATOM   805  C CA  . HIS A 1 110 ? -22.572 16.850  -14.099 1.00 30.07 ? 600 HIS A CA  1 
ATOM   806  C C   . HIS A 1 110 ? -21.073 17.120  -14.259 1.00 28.73 ? 600 HIS A C   1 
ATOM   807  O O   . HIS A 1 110 ? -20.548 18.095  -13.720 1.00 27.33 ? 600 HIS A O   1 
ATOM   808  C CB  . HIS A 1 110 ? -23.390 17.962  -14.765 1.00 25.88 ? 600 HIS A CB  1 
ATOM   809  C CG  . HIS A 1 110 ? -23.129 18.115  -16.232 1.00 34.31 ? 600 HIS A CG  1 
ATOM   810  N ND1 . HIS A 1 110 ? -23.194 17.060  -17.114 1.00 34.75 ? 600 HIS A ND1 1 
ATOM   811  C CD2 . HIS A 1 110 ? -22.821 19.207  -16.971 1.00 35.93 ? 600 HIS A CD2 1 
ATOM   812  C CE1 . HIS A 1 110 ? -22.924 17.491  -18.334 1.00 34.18 ? 600 HIS A CE1 1 
ATOM   813  N NE2 . HIS A 1 110 ? -22.694 18.790  -18.275 1.00 35.12 ? 600 HIS A NE2 1 
ATOM   814  N N   . ASN A 1 111 ? -20.401 16.236  -14.996 1.00 27.56 ? 601 ASN A N   1 
ATOM   815  C CA  . ASN A 1 111 ? -18.955 16.299  -15.229 1.00 27.70 ? 601 ASN A CA  1 
ATOM   816  C C   . ASN A 1 111 ? -18.116 16.235  -13.953 1.00 26.90 ? 601 ASN A C   1 
ATOM   817  O O   . ASN A 1 111 ? -16.967 16.680  -13.933 1.00 23.45 ? 601 ASN A O   1 
ATOM   818  C CB  . ASN A 1 111 ? -18.586 17.563  -16.014 1.00 25.23 ? 601 ASN A CB  1 
ATOM   819  C CG  . ASN A 1 111 ? -19.297 17.650  -17.348 1.00 33.12 ? 601 ASN A CG  1 
ATOM   820  O OD1 . ASN A 1 111 ? -19.984 18.630  -17.635 1.00 47.68 ? 601 ASN A OD1 1 
ATOM   821  N ND2 . ASN A 1 111 ? -19.141 16.620  -18.170 1.00 32.90 ? 601 ASN A ND2 1 
ATOM   822  N N   . ARG A 1 112 ? -18.688 15.671  -12.893 1.00 26.45 ? 602 ARG A N   1 
ATOM   823  C CA  . ARG A 1 112 ? -17.966 15.500  -11.639 1.00 25.89 ? 602 ARG A CA  1 
ATOM   824  C C   . ARG A 1 112 ? -17.770 14.019  -11.333 1.00 27.34 ? 602 ARG A C   1 
ATOM   825  O O   . ARG A 1 112 ? -18.624 13.195  -11.660 1.00 20.81 ? 602 ARG A O   1 
ATOM   826  C CB  . ARG A 1 112 ? -18.709 16.186  -10.491 1.00 23.58 ? 602 ARG A CB  1 
ATOM   827  C CG  . ARG A 1 112 ? -18.941 17.672  -10.708 1.00 21.72 ? 602 ARG A CG  1 
ATOM   828  C CD  . ARG A 1 112 ? -19.865 18.259  -9.652  1.00 27.97 ? 602 ARG A CD  1 
ATOM   829  N NE  . ARG A 1 112 ? -19.207 18.414  -8.357  1.00 27.77 ? 602 ARG A NE  1 
ATOM   830  C CZ  . ARG A 1 112 ? -19.832 18.786  -7.245  1.00 28.64 ? 602 ARG A CZ  1 
ATOM   831  N NH1 . ARG A 1 112 ? -21.135 19.038  -7.268  1.00 21.85 ? 602 ARG A NH1 1 
ATOM   832  N NH2 . ARG A 1 112 ? -19.158 18.903  -6.110  1.00 31.70 ? 602 ARG A NH2 1 
ATOM   833  N N   . VAL A 1 113 ? -16.641 13.688  -10.712 1.00 24.16 ? 603 VAL A N   1 
ATOM   834  C CA  . VAL A 1 113 ? -16.336 12.307  -10.351 1.00 25.00 ? 603 VAL A CA  1 
ATOM   835  C C   . VAL A 1 113 ? -17.415 11.721  -9.444  1.00 21.38 ? 603 VAL A C   1 
ATOM   836  O O   . VAL A 1 113 ? -17.762 12.302  -8.417  1.00 21.69 ? 603 VAL A O   1 
ATOM   837  C CB  . VAL A 1 113 ? -14.970 12.196  -9.648  1.00 19.57 ? 603 VAL A CB  1 
ATOM   838  C CG1 . VAL A 1 113 ? -14.714 10.764  -9.196  1.00 24.95 ? 603 VAL A CG1 1 
ATOM   839  C CG2 . VAL A 1 113 ? -13.860 12.677  -10.568 1.00 22.95 ? 603 VAL A CG2 1 
ATOM   840  N N   . VAL A 1 114 ? -17.949 10.571  -9.843  1.00 24.81 ? 604 VAL A N   1 
ATOM   841  C CA  . VAL A 1 114 ? -19.000 9.904   -9.086  1.00 23.71 ? 604 VAL A CA  1 
ATOM   842  C C   . VAL A 1 114 ? -18.506 8.567   -8.548  1.00 26.07 ? 604 VAL A C   1 
ATOM   843  O O   . VAL A 1 114 ? -18.692 8.248   -7.374  1.00 29.51 ? 604 VAL A O   1 
ATOM   844  C CB  . VAL A 1 114 ? -20.255 9.675   -9.949  1.00 26.31 ? 604 VAL A CB  1 
ATOM   845  C CG1 . VAL A 1 114 ? -21.275 8.832   -9.199  1.00 28.27 ? 604 VAL A CG1 1 
ATOM   846  C CG2 . VAL A 1 114 ? -20.855 11.009  -10.377 1.00 24.57 ? 604 VAL A CG2 1 
ATOM   847  N N   . TYR A 1 115 ? -17.874 7.792   -9.420  1.00 22.35 ? 605 TYR A N   1 
ATOM   848  C CA  . TYR A 1 115 ? -17.334 6.490   -9.057  1.00 29.02 ? 605 TYR A CA  1 
ATOM   849  C C   . TYR A 1 115 ? -15.849 6.436   -9.395  1.00 25.24 ? 605 TYR A C   1 
ATOM   850  O O   . TYR A 1 115 ? -15.414 7.020   -10.387 1.00 21.73 ? 605 TYR A O   1 
ATOM   851  C CB  . TYR A 1 115 ? -18.097 5.377   -9.780  1.00 29.76 ? 605 TYR A CB  1 
ATOM   852  C CG  . TYR A 1 115 ? -17.558 3.982   -9.547  1.00 27.84 ? 605 TYR A CG  1 
ATOM   853  C CD1 . TYR A 1 115 ? -17.962 3.233   -8.450  1.00 30.73 ? 605 TYR A CD1 1 
ATOM   854  C CD2 . TYR A 1 115 ? -16.660 3.407   -10.437 1.00 30.47 ? 605 TYR A CD2 1 
ATOM   855  C CE1 . TYR A 1 115 ? -17.478 1.955   -8.237  1.00 34.68 ? 605 TYR A CE1 1 
ATOM   856  C CE2 . TYR A 1 115 ? -16.169 2.131   -10.234 1.00 36.07 ? 605 TYR A CE2 1 
ATOM   857  C CZ  . TYR A 1 115 ? -16.581 1.410   -9.133  1.00 31.59 ? 605 TYR A CZ  1 
ATOM   858  O OH  . TYR A 1 115 ? -16.095 0.139   -8.929  1.00 44.16 ? 605 TYR A OH  1 
ATOM   859  N N   . GLN A 1 116 ? -15.070 5.741   -8.573  1.00 25.49 ? 606 GLN A N   1 
ATOM   860  C CA  . GLN A 1 116 ? -13.635 5.650   -8.813  1.00 25.83 ? 606 GLN A CA  1 
ATOM   861  C C   . GLN A 1 116 ? -13.078 4.258   -8.541  1.00 28.63 ? 606 GLN A C   1 
ATOM   862  O O   . GLN A 1 116 ? -13.592 3.516   -7.703  1.00 26.59 ? 606 GLN A O   1 
ATOM   863  C CB  . GLN A 1 116 ? -12.886 6.682   -7.963  1.00 22.73 ? 606 GLN A CB  1 
ATOM   864  C CG  . GLN A 1 116 ? -12.789 6.343   -6.484  1.00 26.73 ? 606 GLN A CG  1 
ATOM   865  C CD  . GLN A 1 116 ? -12.053 7.408   -5.695  1.00 25.26 ? 606 GLN A CD  1 
ATOM   866  O OE1 . GLN A 1 116 ? -12.499 8.553   -5.612  1.00 21.70 ? 606 GLN A OE1 1 
ATOM   867  N NE2 . GLN A 1 116 ? -10.914 7.038   -5.116  1.00 21.98 ? 606 GLN A NE2 1 
ATOM   868  N N   . ASN A 1 117 ? -12.027 3.909   -9.276  1.00 31.86 ? 607 ASN A N   1 
ATOM   869  C CA  . ASN A 1 117 ? -11.271 2.692   -9.020  1.00 29.44 ? 607 ASN A CA  1 
ATOM   870  C C   . ASN A 1 117 ? -9.786  2.952   -9.237  1.00 31.98 ? 607 ASN A C   1 
ATOM   871  O O   . ASN A 1 117 ? -9.394  3.494   -10.271 1.00 23.94 ? 607 ASN A O   1 
ATOM   872  C CB  . ASN A 1 117 ? -11.749 1.545   -9.910  1.00 30.57 ? 607 ASN A CB  1 
ATOM   873  C CG  . ASN A 1 117 ? -11.105 0.219   -9.542  1.00 37.30 ? 607 ASN A CG  1 
ATOM   874  O OD1 . ASN A 1 117 ? -9.944  -0.035  -9.866  1.00 42.68 ? 607 ASN A OD1 1 
ATOM   875  N ND2 . ASN A 1 117 ? -11.855 -0.630  -8.850  1.00 37.51 ? 607 ASN A ND2 1 
ATOM   876  N N   . PRO A 1 118 ? -8.948  2.569   -8.260  1.00 29.29 ? 608 PRO A N   1 
ATOM   877  C CA  . PRO A 1 118 ? -9.294  1.895   -7.002  1.00 30.15 ? 608 PRO A CA  1 
ATOM   878  C C   . PRO A 1 118 ? -10.018 2.800   -6.002  1.00 33.95 ? 608 PRO A C   1 
ATOM   879  O O   . PRO A 1 118 ? -9.984  4.023   -6.153  1.00 29.81 ? 608 PRO A O   1 
ATOM   880  C CB  . PRO A 1 118 ? -7.928  1.471   -6.452  1.00 26.89 ? 608 PRO A CB  1 
ATOM   881  C CG  . PRO A 1 118 ? -6.980  2.432   -7.041  1.00 36.08 ? 608 PRO A CG  1 
ATOM   882  C CD  . PRO A 1 118 ? -7.494  2.745   -8.406  1.00 31.12 ? 608 PRO A CD  1 
ATOM   883  N N   . PRO A 1 119 ? -10.684 2.201   -5.002  1.00 31.90 ? 609 PRO A N   1 
ATOM   884  C CA  . PRO A 1 119 ? -11.363 2.965   -3.949  1.00 28.55 ? 609 PRO A CA  1 
ATOM   885  C C   . PRO A 1 119 ? -10.398 3.853   -3.172  1.00 28.85 ? 609 PRO A C   1 
ATOM   886  O O   . PRO A 1 119 ? -9.191  3.610   -3.187  1.00 23.04 ? 609 PRO A O   1 
ATOM   887  C CB  . PRO A 1 119 ? -11.945 1.877   -3.043  1.00 33.69 ? 609 PRO A CB  1 
ATOM   888  C CG  . PRO A 1 119 ? -12.087 0.688   -3.922  1.00 38.83 ? 609 PRO A CG  1 
ATOM   889  C CD  . PRO A 1 119 ? -10.932 0.753   -4.873  1.00 31.61 ? 609 PRO A CD  1 
ATOM   890  N N   . ALA A 1 120 ? -10.930 4.872   -2.506  1.00 29.48 ? 610 ALA A N   1 
ATOM   891  C CA  . ALA A 1 120 ? -10.111 5.749   -1.680  1.00 24.63 ? 610 ALA A CA  1 
ATOM   892  C C   . ALA A 1 120 ? -9.484  4.955   -0.538  1.00 24.23 ? 610 ALA A C   1 
ATOM   893  O O   . ALA A 1 120 ? -10.104 4.042   0.007   1.00 25.44 ? 610 ALA A O   1 
ATOM   894  C CB  . ALA A 1 120 ? -10.941 6.903   -1.138  1.00 24.04 ? 610 ALA A CB  1 
ATOM   895  N N   . GLY A 1 121 ? -8.248  5.298   -0.192  1.00 25.27 ? 611 GLY A N   1 
ATOM   896  C CA  . GLY A 1 121 ? -7.546  4.631   0.890   1.00 27.67 ? 611 GLY A CA  1 
ATOM   897  C C   . GLY A 1 121 ? -6.720  3.442   0.439   1.00 26.93 ? 611 GLY A C   1 
ATOM   898  O O   . GLY A 1 121 ? -5.985  2.854   1.232   1.00 32.17 ? 611 GLY A O   1 
ATOM   899  N N   . THR A 1 122 ? -6.839  3.085   -0.835  1.00 24.83 ? 612 THR A N   1 
ATOM   900  C CA  . THR A 1 122 ? -6.099  1.956   -1.388  1.00 27.20 ? 612 THR A CA  1 
ATOM   901  C C   . THR A 1 122 ? -4.717  2.392   -1.873  1.00 25.44 ? 612 THR A C   1 
ATOM   902  O O   . THR A 1 122 ? -4.546  3.509   -2.360  1.00 26.02 ? 612 THR A O   1 
ATOM   903  C CB  . THR A 1 122 ? -6.864  1.297   -2.557  1.00 27.47 ? 612 THR A CB  1 
ATOM   904  O OG1 . THR A 1 122 ? -8.229  1.087   -2.180  1.00 31.92 ? 612 THR A OG1 1 
ATOM   905  C CG2 . THR A 1 122 ? -6.237  -0.038  -2.940  1.00 30.35 ? 612 THR A CG2 1 
ATOM   906  N N   . GLY A 1 123 ? -3.734  1.508   -1.728  1.00 28.62 ? 613 GLY A N   1 
ATOM   907  C CA  . GLY A 1 123 ? -2.400  1.765   -2.239  1.00 22.52 ? 613 GLY A CA  1 
ATOM   908  C C   . GLY A 1 123 ? -2.350  1.571   -3.742  1.00 24.56 ? 613 GLY A C   1 
ATOM   909  O O   . GLY A 1 123 ? -2.720  0.516   -4.255  1.00 22.46 ? 613 GLY A O   1 
ATOM   910  N N   . VAL A 1 124 ? -1.892  2.598   -4.449  1.00 24.86 ? 614 VAL A N   1 
ATOM   911  C CA  . VAL A 1 124 ? -1.845  2.566   -5.903  1.00 21.08 ? 614 VAL A CA  1 
ATOM   912  C C   . VAL A 1 124 ? -0.421  2.750   -6.409  1.00 19.09 ? 614 VAL A C   1 
ATOM   913  O O   . VAL A 1 124 ? 0.253   3.705   -6.022  1.00 20.10 ? 614 VAL A O   1 
ATOM   914  C CB  . VAL A 1 124 ? -2.725  3.671   -6.519  1.00 21.60 ? 614 VAL A CB  1 
ATOM   915  C CG1 . VAL A 1 124 ? -2.949  3.411   -8.006  1.00 24.99 ? 614 VAL A CG1 1 
ATOM   916  C CG2 . VAL A 1 124 ? -4.042  3.780   -5.776  1.00 24.36 ? 614 VAL A CG2 1 
ATOM   917  N N   . ASN A 1 125 ? 0.036   1.843   -7.271  1.00 23.12 ? 615 ASN A N   1 
ATOM   918  C CA  . ASN A 1 125 ? 1.321   2.014   -7.943  1.00 23.69 ? 615 ASN A CA  1 
ATOM   919  C C   . ASN A 1 125 ? 1.350   3.350   -8.688  1.00 26.37 ? 615 ASN A C   1 
ATOM   920  O O   . ASN A 1 125 ? 0.310   3.830   -9.149  1.00 23.16 ? 615 ASN A O   1 
ATOM   921  C CB  . ASN A 1 125 ? 1.597   0.852   -8.904  1.00 27.28 ? 615 ASN A CB  1 
ATOM   922  C CG  . ASN A 1 125 ? 1.768   -0.481  -8.187  1.00 28.24 ? 615 ASN A CG  1 
ATOM   923  O OD1 . ASN A 1 125 ? 2.091   -0.526  -7.001  1.00 30.35 ? 615 ASN A OD1 1 
ATOM   924  N ND2 . ASN A 1 125 ? 1.549   -1.576  -8.911  1.00 37.18 ? 615 ASN A ND2 1 
ATOM   925  N N   A ARG A 1 126 ? 2.526   3.955   -8.800  0.52 25.57 ? 616 ARG A N   1 
ATOM   926  N N   B ARG A 1 126 ? 2.544   3.941   -8.774  0.48 25.56 ? 616 ARG A N   1 
ATOM   927  C CA  A ARG A 1 126 ? 2.636   5.280   -9.409  0.52 26.94 ? 616 ARG A CA  1 
ATOM   928  C CA  B ARG A 1 126 ? 2.746   5.236   -9.428  0.48 26.94 ? 616 ARG A CA  1 
ATOM   929  C C   A ARG A 1 126 ? 2.217   5.287   -10.880 0.52 26.39 ? 616 ARG A C   1 
ATOM   930  C C   B ARG A 1 126 ? 2.154   5.233   -10.831 0.48 26.39 ? 616 ARG A C   1 
ATOM   931  O O   A ARG A 1 126 ? 1.639   6.261   -11.362 0.52 25.91 ? 616 ARG A O   1 
ATOM   932  O O   B ARG A 1 126 ? 1.412   6.136   -11.218 0.48 25.85 ? 616 ARG A O   1 
ATOM   933  C CB  A ARG A 1 126 ? 4.065   5.812   -9.250  0.52 29.13 ? 616 ARG A CB  1 
ATOM   934  C CB  B ARG A 1 126 ? 4.238   5.590   -9.522  0.48 29.01 ? 616 ARG A CB  1 
ATOM   935  C CG  A ARG A 1 126 ? 4.510   5.884   -7.792  0.52 31.49 ? 616 ARG A CG  1 
ATOM   936  C CG  B ARG A 1 126 ? 4.961   5.981   -8.234  0.48 32.47 ? 616 ARG A CG  1 
ATOM   937  C CD  A ARG A 1 126 ? 5.686   6.826   -7.549  0.52 32.98 ? 616 ARG A CD  1 
ATOM   938  C CD  B ARG A 1 126 ? 6.403   6.403   -8.600  0.48 37.16 ? 616 ARG A CD  1 
ATOM   939  N NE  A ARG A 1 126 ? 6.952   6.352   -8.108  0.52 39.78 ? 616 ARG A NE  1 
ATOM   940  N NE  B ARG A 1 126 ? 7.407   6.555   -7.529  0.48 39.79 ? 616 ARG A NE  1 
ATOM   941  C CZ  A ARG A 1 126 ? 8.117   6.435   -7.472  0.52 36.97 ? 616 ARG A CZ  1 
ATOM   942  C CZ  B ARG A 1 126 ? 7.196   6.840   -6.241  0.48 37.60 ? 616 ARG A CZ  1 
ATOM   943  N NH1 A ARG A 1 126 ? 9.227   5.988   -8.042  0.52 30.41 ? 616 ARG A NH1 1 
ATOM   944  N NH1 B ARG A 1 126 ? 5.986   7.075   -5.759  0.48 33.74 ? 616 ARG A NH1 1 
ATOM   945  N NH2 A ARG A 1 126 ? 8.168   6.962   -6.258  0.52 37.96 ? 616 ARG A NH2 1 
ATOM   946  N NH2 B ARG A 1 126 ? 8.235   6.932   -5.420  0.48 37.96 ? 616 ARG A NH2 1 
ATOM   947  N N   . ASP A 1 127 ? 2.494   4.194   -11.584 1.00 22.70 ? 617 ASP A N   1 
ATOM   948  C CA  . ASP A 1 127 ? 2.097   4.076   -12.982 1.00 27.79 ? 617 ASP A CA  1 
ATOM   949  C C   . ASP A 1 127 ? 0.783   3.315   -13.138 1.00 32.06 ? 617 ASP A C   1 
ATOM   950  O O   . ASP A 1 127 ? 0.423   2.887   -14.239 1.00 30.46 ? 617 ASP A O   1 
ATOM   951  C CB  . ASP A 1 127 ? 3.195   3.388   -13.795 1.00 33.60 ? 617 ASP A CB  1 
ATOM   952  C CG  . ASP A 1 127 ? 3.484   1.975   -13.316 1.00 44.44 ? 617 ASP A CG  1 
ATOM   953  O OD1 . ASP A 1 127 ? 4.072   1.197   -14.099 1.00 50.61 ? 617 ASP A OD1 1 
ATOM   954  O OD2 . ASP A 1 127 ? 3.131   1.642   -12.166 1.00 41.12 ? 617 ASP A OD2 1 
ATOM   955  N N   . GLY A 1 128 ? 0.065   3.165   -12.031 1.00 31.49 ? 618 GLY A N   1 
ATOM   956  C CA  . GLY A 1 128 ? -1.197  2.450   -12.028 1.00 26.52 ? 618 GLY A CA  1 
ATOM   957  C C   . GLY A 1 128 ? -2.287  3.170   -12.797 1.00 29.12 ? 618 GLY A C   1 
ATOM   958  O O   . GLY A 1 128 ? -2.271  4.394   -12.923 1.00 22.74 ? 618 GLY A O   1 
ATOM   959  N N   . ILE A 1 129 ? -3.241  2.403   -13.315 1.00 28.98 ? 619 ILE A N   1 
ATOM   960  C CA  . ILE A 1 129 ? -4.370  2.975   -14.039 1.00 29.68 ? 619 ILE A CA  1 
ATOM   961  C C   . ILE A 1 129 ? -5.489  3.352   -13.076 1.00 31.04 ? 619 ILE A C   1 
ATOM   962  O O   . ILE A 1 129 ? -5.850  2.572   -12.194 1.00 29.61 ? 619 ILE A O   1 
ATOM   963  C CB  . ILE A 1 129 ? -4.922  1.998   -15.099 1.00 36.11 ? 619 ILE A CB  1 
ATOM   964  C CG1 . ILE A 1 129 ? -3.809  1.554   -16.050 1.00 40.92 ? 619 ILE A CG1 1 
ATOM   965  C CG2 . ILE A 1 129 ? -6.065  2.636   -15.881 1.00 30.58 ? 619 ILE A CG2 1 
ATOM   966  C CD1 . ILE A 1 129 ? -4.179  0.365   -16.908 1.00 51.23 ? 619 ILE A CD1 1 
ATOM   967  N N   . ILE A 1 130 ? -6.031  4.554   -13.237 1.00 26.16 ? 620 ILE A N   1 
ATOM   968  C CA  . ILE A 1 130 ? -7.162  4.982   -12.425 1.00 30.33 ? 620 ILE A CA  1 
ATOM   969  C C   . ILE A 1 130 ? -8.418  5.081   -13.280 1.00 26.41 ? 620 ILE A C   1 
ATOM   970  O O   . ILE A 1 130 ? -8.431  5.750   -14.315 1.00 31.70 ? 620 ILE A O   1 
ATOM   971  C CB  . ILE A 1 130 ? -6.892  6.332   -11.729 1.00 26.25 ? 620 ILE A CB  1 
ATOM   972  C CG1 . ILE A 1 130 ? -6.066  6.116   -10.461 1.00 29.57 ? 620 ILE A CG1 1 
ATOM   973  C CG2 . ILE A 1 130 ? -8.194  7.021   -11.361 1.00 20.34 ? 620 ILE A CG2 1 
ATOM   974  C CD1 . ILE A 1 130 ? -4.997  7.160   -10.232 1.00 26.04 ? 620 ILE A CD1 1 
ATOM   975  N N   . THR A 1 131 ? -9.470  4.394   -12.846 1.00 31.43 ? 621 THR A N   1 
ATOM   976  C CA  . THR A 1 131 ? -10.744 4.422   -13.550 1.00 32.15 ? 621 THR A CA  1 
ATOM   977  C C   . THR A 1 131 ? -11.708 5.393   -12.880 1.00 32.55 ? 621 THR A C   1 
ATOM   978  O O   . THR A 1 131 ? -12.029 5.252   -11.699 1.00 30.09 ? 621 THR A O   1 
ATOM   979  C CB  . THR A 1 131 ? -11.389 3.027   -13.606 1.00 32.89 ? 621 THR A CB  1 
ATOM   980  O OG1 . THR A 1 131 ? -10.438 2.075   -14.098 1.00 44.46 ? 621 THR A OG1 1 
ATOM   981  C CG2 . THR A 1 131 ? -12.610 3.041   -14.516 1.00 34.94 ? 621 THR A CG2 1 
ATOM   982  N N   . LEU A 1 132 ? -12.160 6.383   -13.639 1.00 23.64 ? 622 LEU A N   1 
ATOM   983  C CA  . LEU A 1 132 ? -13.121 7.353   -13.130 1.00 24.12 ? 622 LEU A CA  1 
ATOM   984  C C   . LEU A 1 132 ? -14.371 7.387   -14.000 1.00 31.01 ? 622 LEU A C   1 
ATOM   985  O O   . LEU A 1 132 ? -14.290 7.283   -15.225 1.00 24.94 ? 622 LEU A O   1 
ATOM   986  C CB  . LEU A 1 132 ? -12.499 8.749   -13.059 1.00 20.97 ? 622 LEU A CB  1 
ATOM   987  C CG  . LEU A 1 132 ? -11.273 8.930   -12.164 1.00 26.47 ? 622 LEU A CG  1 
ATOM   988  C CD1 . LEU A 1 132 ? -10.746 10.352  -12.274 1.00 22.34 ? 622 LEU A CD1 1 
ATOM   989  C CD2 . LEU A 1 132 ? -11.605 8.592   -10.724 1.00 21.31 ? 622 LEU A CD2 1 
ATOM   990  N N   . ARG A 1 133 ? -15.524 7.528   -13.359 1.00 26.35 ? 623 ARG A N   1 
ATOM   991  C CA  . ARG A 1 133 ? -16.776 7.700   -14.080 1.00 25.28 ? 623 ARG A CA  1 
ATOM   992  C C   . ARG A 1 133 ? -17.481 8.958   -13.590 1.00 28.83 ? 623 ARG A C   1 
ATOM   993  O O   . ARG A 1 133 ? -17.758 9.106   -12.399 1.00 21.85 ? 623 ARG A O   1 
ATOM   994  C CB  . ARG A 1 133 ? -17.671 6.472   -13.918 1.00 28.78 ? 623 ARG A CB  1 
ATOM   995  C CG  . ARG A 1 133 ? -17.074 5.211   -14.523 1.00 27.39 ? 623 ARG A CG  1 
ATOM   996  C CD  . ARG A 1 133 ? -17.999 4.018   -14.378 1.00 29.01 ? 623 ARG A CD  1 
ATOM   997  N NE  . ARG A 1 133 ? -19.210 4.170   -15.175 1.00 23.28 ? 623 ARG A NE  1 
ATOM   998  C CZ  . ARG A 1 133 ? -20.156 3.243   -15.275 1.00 29.20 ? 623 ARG A CZ  1 
ATOM   999  N NH1 . ARG A 1 133 ? -20.030 2.091   -14.629 1.00 28.87 ? 623 ARG A NH1 1 
ATOM   1000 N NH2 . ARG A 1 133 ? -21.227 3.466   -16.025 1.00 27.21 ? 623 ARG A NH2 1 
ATOM   1001 N N   . PHE A 1 134 ? -17.755 9.867   -14.520 1.00 21.79 ? 624 PHE A N   1 
ATOM   1002 C CA  . PHE A 1 134 ? -18.321 11.167  -14.190 1.00 24.87 ? 624 PHE A CA  1 
ATOM   1003 C C   . PHE A 1 134 ? -19.837 11.166  -14.344 1.00 25.53 ? 624 PHE A C   1 
ATOM   1004 O O   . PHE A 1 134 ? -20.398 10.330  -15.053 1.00 22.91 ? 624 PHE A O   1 
ATOM   1005 C CB  . PHE A 1 134 ? -17.705 12.256  -15.077 1.00 23.17 ? 624 PHE A CB  1 
ATOM   1006 C CG  . PHE A 1 134 ? -16.213 12.389  -14.933 1.00 23.74 ? 624 PHE A CG  1 
ATOM   1007 C CD1 . PHE A 1 134 ? -15.666 13.393  -14.148 1.00 20.21 ? 624 PHE A CD1 1 
ATOM   1008 C CD2 . PHE A 1 134 ? -15.357 11.516  -15.587 1.00 20.88 ? 624 PHE A CD2 1 
ATOM   1009 C CE1 . PHE A 1 134 ? -14.297 13.521  -14.016 1.00 20.88 ? 624 PHE A CE1 1 
ATOM   1010 C CE2 . PHE A 1 134 ? -13.986 11.638  -15.458 1.00 25.06 ? 624 PHE A CE2 1 
ATOM   1011 C CZ  . PHE A 1 134 ? -13.455 12.641  -14.672 1.00 25.66 ? 624 PHE A CZ  1 
ATOM   1012 N N   . GLY A 1 135 ? -20.499 12.104  -13.677 1.00 23.24 ? 625 GLY A N   1 
ATOM   1013 C CA  . GLY A 1 135 ? -21.936 12.251  -13.814 1.00 23.83 ? 625 GLY A CA  1 
ATOM   1014 C C   . GLY A 1 135 ? -22.299 12.772  -15.191 1.00 25.90 ? 625 GLY A C   1 
ATOM   1015 O O   . GLY A 1 135 ? -21.607 13.627  -15.743 1.00 24.12 ? 625 GLY A O   1 
ATOM   1016 N N   . GLN A 1 136 ? -23.384 12.249  -15.753 1.00 30.22 ? 626 GLN A N   1 
ATOM   1017 C CA  . GLN A 1 136 ? -23.851 12.689  -17.062 1.00 33.28 ? 626 GLN A CA  1 
ATOM   1018 C C   . GLN A 1 136 ? -24.386 14.117  -16.994 1.00 33.16 ? 626 GLN A C   1 
ATOM   1019 O O   . GLN A 1 136 ? -24.736 14.611  -15.919 1.00 33.86 ? 626 GLN A O   1 
ATOM   1020 C CB  . GLN A 1 136 ? -24.932 11.749  -17.596 1.00 35.84 ? 626 GLN A CB  1 
ATOM   1021 C CG  . GLN A 1 136 ? -26.235 11.799  -16.816 1.00 32.75 ? 626 GLN A CG  1 
ATOM   1022 C CD  . GLN A 1 136 ? -27.247 10.783  -17.307 1.00 41.38 ? 626 GLN A CD  1 
ATOM   1023 O OE1 . GLN A 1 136 ? -27.118 9.588   -17.050 1.00 47.48 ? 626 GLN A OE1 1 
ATOM   1024 N NE2 . GLN A 1 136 ? -28.263 11.258  -18.018 1.00 46.76 ? 626 GLN A NE2 1 
ATOM   1025 O OXT . GLN A 1 136 ? -24.477 14.809  -18.008 1.00 32.53 ? 626 GLN A OXT 1 
HETATM 1026 O O   . HOH B 2 .   ? -28.340 12.659  -13.941 1.00 38.13 ? 701 HOH A O   1 
HETATM 1027 O O   . HOH B 2 .   ? 7.308   -22.100 22.715  1.00 29.65 ? 702 HOH A O   1 
HETATM 1028 O O   . HOH B 2 .   ? 4.142   2.600   9.003   1.00 29.48 ? 703 HOH A O   1 
HETATM 1029 O O   . HOH B 2 .   ? 11.609  -3.210  -1.010  1.00 13.15 ? 704 HOH A O   1 
HETATM 1030 O O   . HOH B 2 .   ? -17.475 7.376   -5.446  1.00 30.43 ? 705 HOH A O   1 
HETATM 1031 O O   . HOH B 2 .   ? 2.908   -11.947 5.327   1.00 28.43 ? 706 HOH A O   1 
HETATM 1032 O O   . HOH B 2 .   ? -13.063 14.814  -3.257  1.00 35.39 ? 707 HOH A O   1 
HETATM 1033 O O   . HOH B 2 .   ? -8.462  1.595   -12.553 1.00 30.14 ? 708 HOH A O   1 
HETATM 1034 O O   . HOH B 2 .   ? 1.551   -18.280 21.579  1.00 45.05 ? 709 HOH A O   1 
HETATM 1035 O O   . HOH B 2 .   ? 2.981   7.774   -17.915 1.00 34.61 ? 710 HOH A O   1 
HETATM 1036 O O   . HOH B 2 .   ? -26.778 16.128  -16.418 1.00 34.20 ? 711 HOH A O   1 
HETATM 1037 O O   . HOH B 2 .   ? 1.744   -11.946 2.826   1.00 41.93 ? 712 HOH A O   1 
HETATM 1038 O O   . HOH B 2 .   ? -15.341 8.877   -5.948  1.00 34.39 ? 713 HOH A O   1 
HETATM 1039 O O   . HOH B 2 .   ? -25.203 13.073  -13.004 1.00 28.62 ? 714 HOH A O   1 
HETATM 1040 O O   . HOH B 2 .   ? 14.783  -16.280 12.890  1.00 30.28 ? 715 HOH A O   1 
HETATM 1041 O O   . HOH B 2 .   ? -2.312  16.082  -4.145  1.00 21.60 ? 716 HOH A O   1 
HETATM 1042 O O   . HOH B 2 .   ? 1.893   -13.940 5.727   1.00 34.66 ? 717 HOH A O   1 
HETATM 1043 O O   . HOH B 2 .   ? 17.956  2.460   12.567  1.00 31.90 ? 718 HOH A O   1 
HETATM 1044 O O   . HOH B 2 .   ? -0.769  -2.102  -1.528  1.00 26.71 ? 719 HOH A O   1 
HETATM 1045 O O   . HOH B 2 .   ? 5.525   -9.939  12.047  1.00 21.72 ? 720 HOH A O   1 
HETATM 1046 O O   . HOH B 2 .   ? -17.636 9.138   -17.222 1.00 23.40 ? 721 HOH A O   1 
HETATM 1047 O O   . HOH B 2 .   ? -13.204 20.301  -9.184  1.00 23.73 ? 722 HOH A O   1 
HETATM 1048 O O   . HOH B 2 .   ? 5.055   -1.742  14.698  1.00 16.99 ? 723 HOH A O   1 
HETATM 1049 O O   . HOH B 2 .   ? 3.279   -3.538  15.621  1.00 24.77 ? 724 HOH A O   1 
HETATM 1050 O O   . HOH B 2 .   ? 3.059   12.942  -11.200 1.00 27.88 ? 725 HOH A O   1 
HETATM 1051 O O   . HOH B 2 .   ? 1.444   -14.147 20.179  1.00 40.22 ? 726 HOH A O   1 
HETATM 1052 O O   . HOH B 2 .   ? 6.149   9.541   -9.252  1.00 27.89 ? 727 HOH A O   1 
HETATM 1053 O O   . HOH B 2 .   ? 19.044  -4.634  11.971  1.00 22.16 ? 728 HOH A O   1 
HETATM 1054 O O   . HOH B 2 .   ? 21.924  0.773   12.573  1.00 34.08 ? 729 HOH A O   1 
HETATM 1055 O O   . HOH B 2 .   ? -28.631 16.618  -8.145  1.00 27.85 ? 730 HOH A O   1 
HETATM 1056 O O   . HOH B 2 .   ? 9.878   -19.243 10.444  1.00 21.12 ? 731 HOH A O   1 
HETATM 1057 O O   . HOH B 2 .   ? -0.525  3.816   -16.660 1.00 28.34 ? 732 HOH A O   1 
HETATM 1058 O O   . HOH B 2 .   ? -29.433 7.076   -10.320 1.00 23.64 ? 733 HOH A O   1 
HETATM 1059 O O   . HOH B 2 .   ? -14.653 16.808  -15.466 1.00 21.20 ? 734 HOH A O   1 
HETATM 1060 O O   . HOH B 2 .   ? 1.615   -20.665 15.344  1.00 33.95 ? 735 HOH A O   1 
HETATM 1061 O O   . HOH B 2 .   ? 6.626   -24.005 15.524  1.00 35.43 ? 736 HOH A O   1 
HETATM 1062 O O   . HOH B 2 .   ? -4.539  1.023   -10.285 1.00 38.72 ? 737 HOH A O   1 
HETATM 1063 O O   . HOH B 2 .   ? 16.015  2.816   10.620  1.00 17.51 ? 738 HOH A O   1 
HETATM 1064 O O   . HOH B 2 .   ? 12.538  -7.433  21.310  1.00 24.85 ? 739 HOH A O   1 
HETATM 1065 O O   . HOH B 2 .   ? -23.233 6.647   -20.104 1.00 30.52 ? 740 HOH A O   1 
HETATM 1066 O O   . HOH B 2 .   ? 1.365   -1.685  3.052   1.00 14.34 ? 741 HOH A O   1 
HETATM 1067 O O   . HOH B 2 .   ? -12.878 3.469   0.093   1.00 41.35 ? 742 HOH A O   1 
HETATM 1068 O O   . HOH B 2 .   ? -5.589  20.738  -15.087 1.00 28.33 ? 743 HOH A O   1 
HETATM 1069 O O   . HOH B 2 .   ? -5.359  16.832  -19.412 1.00 31.31 ? 744 HOH A O   1 
HETATM 1070 O O   . HOH B 2 .   ? 14.814  2.393   2.857   1.00 16.41 ? 745 HOH A O   1 
HETATM 1071 O O   . HOH B 2 .   ? -6.315  20.462  -7.818  1.00 31.88 ? 746 HOH A O   1 
HETATM 1072 O O   . HOH B 2 .   ? -23.788 11.293  -20.777 1.00 35.05 ? 747 HOH A O   1 
HETATM 1073 O O   . HOH B 2 .   ? 4.928   7.244   2.267   1.00 28.98 ? 748 HOH A O   1 
HETATM 1074 O O   . HOH B 2 .   ? 1.186   -3.348  6.631   1.00 30.53 ? 749 HOH A O   1 
HETATM 1075 O O   . HOH B 2 .   ? -20.511 8.103   -21.364 1.00 30.91 ? 750 HOH A O   1 
HETATM 1076 O O   . HOH B 2 .   ? -16.243 5.534   -5.919  1.00 32.62 ? 751 HOH A O   1 
HETATM 1077 O O   . HOH B 2 .   ? -22.346 21.026  -10.428 1.00 34.17 ? 752 HOH A O   1 
HETATM 1078 O O   . HOH B 2 .   ? 2.288   10.601  -2.270  1.00 31.28 ? 753 HOH A O   1 
HETATM 1079 O O   . HOH B 2 .   ? 19.895  -6.711  13.654  1.00 22.33 ? 754 HOH A O   1 
HETATM 1080 O O   . HOH B 2 .   ? 4.621   -7.680  11.269  1.00 20.24 ? 755 HOH A O   1 
HETATM 1081 O O   . HOH B 2 .   ? -21.819 20.672  -13.061 1.00 33.62 ? 756 HOH A O   1 
HETATM 1082 O O   . HOH B 2 .   ? 16.782  -20.858 22.005  1.00 32.32 ? 757 HOH A O   1 
HETATM 1083 O O   . HOH B 2 .   ? 18.669  -12.859 3.609   1.00 32.72 ? 758 HOH A O   1 
HETATM 1084 O O   . HOH B 2 .   ? -19.670 13.685  -18.110 1.00 36.08 ? 759 HOH A O   1 
HETATM 1085 O O   . HOH B 2 .   ? 4.009   -6.743  -4.152  1.00 20.05 ? 760 HOH A O   1 
HETATM 1086 O O   . HOH B 2 .   ? -31.215 15.649  -11.383 1.00 30.20 ? 761 HOH A O   1 
HETATM 1087 O O   . HOH B 2 .   ? 0.169   9.119   -0.567  1.00 18.93 ? 762 HOH A O   1 
HETATM 1088 O O   . HOH B 2 .   ? 12.164  -9.358  -3.679  1.00 20.68 ? 763 HOH A O   1 
HETATM 1089 O O   . HOH B 2 .   ? 16.618  -12.601 1.205   1.00 18.04 ? 764 HOH A O   1 
HETATM 1090 O O   . HOH B 2 .   ? -22.764 14.073  -20.395 1.00 33.68 ? 765 HOH A O   1 
HETATM 1091 O O   . HOH B 2 .   ? -4.624  14.770  -1.918  1.00 24.09 ? 766 HOH A O   1 
HETATM 1092 O O   . HOH B 2 .   ? 0.029   -4.249  -1.472  1.00 37.92 ? 767 HOH A O   1 
HETATM 1093 O O   . HOH B 2 .   ? 9.592   6.369   0.596   1.00 16.76 ? 768 HOH A O   1 
HETATM 1094 O O   . HOH B 2 .   ? -1.568  -15.000 14.138  1.00 31.25 ? 769 HOH A O   1 
HETATM 1095 O O   . HOH B 2 .   ? -18.214 10.869  -21.515 1.00 48.75 ? 770 HOH A O   1 
HETATM 1096 O O   . HOH B 2 .   ? 2.800   -11.836 18.376  1.00 30.91 ? 771 HOH A O   1 
HETATM 1097 O O   . HOH B 2 .   ? -0.760  -1.436  -10.994 1.00 27.29 ? 772 HOH A O   1 
HETATM 1098 O O   . HOH B 2 .   ? -22.290 19.566  -4.420  1.00 33.79 ? 773 HOH A O   1 
HETATM 1099 O O   . HOH B 2 .   ? -2.812  -0.693  -13.481 1.00 25.97 ? 774 HOH A O   1 
HETATM 1100 O O   . HOH B 2 .   ? 10.685  5.152   8.080   1.00 40.45 ? 775 HOH A O   1 
HETATM 1101 O O   . HOH B 2 .   ? -13.013 19.093  -15.939 1.00 15.75 ? 776 HOH A O   1 
HETATM 1102 O O   . HOH B 2 .   ? 1.768   -7.162  10.133  1.00 37.95 ? 777 HOH A O   1 
HETATM 1103 O O   . HOH B 2 .   ? -17.360 0.849   -13.496 1.00 28.25 ? 778 HOH A O   1 
HETATM 1104 O O   . HOH B 2 .   ? -13.986 5.474   -3.115  1.00 24.59 ? 779 HOH A O   1 
HETATM 1105 O O   . HOH B 2 .   ? 13.756  -22.190 8.026   1.00 26.88 ? 780 HOH A O   1 
HETATM 1106 O O   . HOH B 2 .   ? -4.175  10.575  -18.361 1.00 30.86 ? 781 HOH A O   1 
HETATM 1107 O O   . HOH B 2 .   ? 5.177   1.762   -9.078  1.00 33.13 ? 782 HOH A O   1 
HETATM 1108 O O   . HOH B 2 .   ? -30.595 9.057   -17.730 1.00 46.88 ? 783 HOH A O   1 
HETATM 1109 O O   . HOH B 2 .   ? 2.438   -10.045 9.519   1.00 8.65  ? 784 HOH A O   1 
HETATM 1110 O O   . HOH B 2 .   ? -17.787 1.801   -17.825 1.00 26.01 ? 785 HOH A O   1 
HETATM 1111 O O   . HOH B 2 .   ? -0.372  -4.109  -4.341  1.00 37.14 ? 786 HOH A O   1 
HETATM 1112 O O   . HOH B 2 .   ? -16.394 14.683  -17.600 1.00 35.19 ? 787 HOH A O   1 
HETATM 1113 O O   . HOH B 2 .   ? -13.946 2.587   -21.158 1.00 48.64 ? 788 HOH A O   1 
HETATM 1114 O O   . HOH B 2 .   ? -2.559  -3.212  -4.499  1.00 44.53 ? 789 HOH A O   1 
HETATM 1115 O O   . HOH B 2 .   ? -3.885  20.223  -6.873  1.00 26.92 ? 790 HOH A O   1 
HETATM 1116 O O   . HOH B 2 .   ? -26.721 18.469  -16.181 1.00 43.16 ? 791 HOH A O   1 
HETATM 1117 O O   . HOH B 2 .   ? 5.295   -24.713 17.668  1.00 38.57 ? 792 HOH A O   1 
HETATM 1118 O O   . HOH B 2 .   ? -13.585 15.412  -18.421 1.00 35.06 ? 793 HOH A O   1 
HETATM 1119 O O   . HOH B 2 .   ? 5.434   -23.069 11.407  1.00 35.44 ? 794 HOH A O   1 
HETATM 1120 O O   . HOH B 2 .   ? -2.676  18.879  -4.194  1.00 38.54 ? 795 HOH A O   1 
HETATM 1121 O O   . HOH B 2 .   ? -12.010 18.431  -18.632 1.00 44.42 ? 796 HOH A O   1 
HETATM 1122 O O   . HOH B 2 .   ? -9.682  18.674  0.504   1.00 42.72 ? 797 HOH A O   1 
HETATM 1123 O O   . HOH B 2 .   ? -24.663 22.947  -10.142 1.00 44.27 ? 798 HOH A O   1 
HETATM 1124 O O   . HOH B 2 .   ? -0.934  -6.267  -0.819  1.00 43.03 ? 799 HOH A O   1 
HETATM 1125 O O   . HOH B 2 .   ? -14.988 4.396   1.853   1.00 43.26 ? 800 HOH A O   1 
# 
